data_3LG8
# 
_entry.id   3LG8 
# 
_audit_conform.dict_name       mmcif_pdbx.dic 
_audit_conform.dict_version    5.380 
_audit_conform.dict_location   http://mmcif.pdb.org/dictionaries/ascii/mmcif_pdbx.dic 
# 
loop_
_database_2.database_id 
_database_2.database_code 
_database_2.pdbx_database_accession 
_database_2.pdbx_DOI 
PDB   3LG8         pdb_00003lg8 10.2210/pdb3lg8/pdb 
RCSB  RCSB057239   ?            ?                   
WWPDB D_1000057239 ?            ?                   
# 
loop_
_pdbx_database_related.db_name 
_pdbx_database_related.db_id 
_pdbx_database_related.details 
_pdbx_database_related.content_type 
PDB 2DM9 . unspecified 
PDB 2DMA . unspecified 
# 
_pdbx_database_status.entry_id                        3LG8 
_pdbx_database_status.status_code                     REL 
_pdbx_database_status.deposit_site                    RCSB 
_pdbx_database_status.process_site                    PDBJ 
_pdbx_database_status.recvd_initial_deposition_date   2010-01-19 
_pdbx_database_status.status_code_sf                  REL 
_pdbx_database_status.status_code_mr                  ? 
_pdbx_database_status.SG_entry                        ? 
_pdbx_database_status.status_code_cs                  ? 
_pdbx_database_status.pdb_format_compatible           Y 
_pdbx_database_status.methods_development_category    ? 
_pdbx_database_status.status_code_nmr_data            ? 
# 
loop_
_audit_author.name 
_audit_author.pdbx_ordinal 
'Balakrishna, A.M.'   1 
'Manimekalai, M.S.S.' 2 
'Hunke, C.'           3 
'Gayen, S.'           4 
'Jeyakanthan, J.'     5 
'Gruber, G.'          6 
# 
loop_
_citation.id 
_citation.title 
_citation.journal_abbrev 
_citation.journal_volume 
_citation.page_first 
_citation.page_last 
_citation.year 
_citation.journal_id_ASTM 
_citation.country 
_citation.journal_id_ISSN 
_citation.journal_id_CSD 
_citation.book_publisher 
_citation.pdbx_database_id_PubMed 
_citation.pdbx_database_id_DOI 
primary 
;Crystal and solution structure of the C-terminal part of the Methanocaldococcus jannaschii A1AO ATP synthase subunit E revealed by X-ray diffraction and small-angle X-ray scattering
;
J.Bioenerg.Biomembr. 42  311 320 2010 ?      US 0145-479X ?    ? 20571891 10.1007/s10863-010-9298-3 
1       'Dimeric core structure of modular stator subunit E of archaeal H+ -ATPase' J.Mol.Biol.          366 933 944 2007 JMOBAK 
UK 0022-2836 0070 ? 17189637 10.1016/j.jmb.2006.11.088 
# 
loop_
_citation_author.citation_id 
_citation_author.name 
_citation_author.ordinal 
_citation_author.identifier_ORCID 
primary 'Balakrishna, A.M.'   1  ? 
primary 'Manimekalai, M.S.S.' 2  ? 
primary 'Hunke, C.'           3  ? 
primary 'Gayen, S.'           4  ? 
primary 'Rossle, M.'          5  ? 
primary 'Jeyakanthan, J.'     6  ? 
primary 'Gruber, G.'          7  ? 
1       'Lokanath, N.K.'      8  ? 
1       'Matsuura, Y.'        9  ? 
1       'Kuroishi, C.'        10 ? 
1       'Takahashi, N.'       11 ? 
1       'Kunishima, N.'       12 ? 
# 
_cell.length_a           73.658 
_cell.length_b           73.658 
_cell.length_c           149.643 
_cell.angle_alpha        90.000 
_cell.angle_beta         90.000 
_cell.angle_gamma        120.000 
_cell.entry_id           3LG8 
_cell.pdbx_unique_axis   ? 
_cell.Z_PDB              24 
_cell.length_a_esd       ? 
_cell.length_b_esd       ? 
_cell.length_c_esd       ? 
_cell.angle_alpha_esd    ? 
_cell.angle_beta_esd     ? 
_cell.angle_gamma_esd    ? 
# 
_symmetry.space_group_name_H-M             'P 61 2 2' 
_symmetry.entry_id                         3LG8 
_symmetry.pdbx_full_space_group_name_H-M   ? 
_symmetry.Int_Tables_number                178 
_symmetry.cell_setting                     ? 
_symmetry.space_group_name_Hall            ? 
# 
_entity.id                         1 
_entity.type                       polymer 
_entity.src_method                 man 
_entity.pdbx_description           'A-type ATP synthase subunit E' 
_entity.formula_weight             11854.684 
_entity.pdbx_number_of_molecules   2 
_entity.pdbx_ec                    ? 
_entity.pdbx_mutation              ? 
_entity.pdbx_fragment              'UNP residues 101-206' 
_entity.details                    ? 
# 
_entity_name_com.entity_id   1 
_entity_name_com.name        'V-type ATP synthase subunit E, V-ATPase subunit E' 
# 
_entity_poly.entity_id                      1 
_entity_poly.type                           'polypeptide(L)' 
_entity_poly.nstd_linkage                   no 
_entity_poly.nstd_monomer                   no 
_entity_poly.pdbx_seq_one_letter_code       
;EQPEYKDKLIKLIKDGAISLGGGELIVRLNKRDMELIDDSTLWNLEKEVENATKKVTVLKKGEPVDIAGGCIIETADGLK
SLDNSLEAIFNRNLNVIRARITEKLF
;
_entity_poly.pdbx_seq_one_letter_code_can   
;EQPEYKDKLIKLIKDGAISLGGGELIVRLNKRDMELIDDSTLWNLEKEVENATKKVTVLKKGEPVDIAGGCIIETADGLK
SLDNSLEAIFNRNLNVIRARITEKLF
;
_entity_poly.pdbx_strand_id                 A,B 
_entity_poly.pdbx_target_identifier         ? 
# 
loop_
_entity_poly_seq.entity_id 
_entity_poly_seq.num 
_entity_poly_seq.mon_id 
_entity_poly_seq.hetero 
1 1   GLU n 
1 2   GLN n 
1 3   PRO n 
1 4   GLU n 
1 5   TYR n 
1 6   LYS n 
1 7   ASP n 
1 8   LYS n 
1 9   LEU n 
1 10  ILE n 
1 11  LYS n 
1 12  LEU n 
1 13  ILE n 
1 14  LYS n 
1 15  ASP n 
1 16  GLY n 
1 17  ALA n 
1 18  ILE n 
1 19  SER n 
1 20  LEU n 
1 21  GLY n 
1 22  GLY n 
1 23  GLY n 
1 24  GLU n 
1 25  LEU n 
1 26  ILE n 
1 27  VAL n 
1 28  ARG n 
1 29  LEU n 
1 30  ASN n 
1 31  LYS n 
1 32  ARG n 
1 33  ASP n 
1 34  MET n 
1 35  GLU n 
1 36  LEU n 
1 37  ILE n 
1 38  ASP n 
1 39  ASP n 
1 40  SER n 
1 41  THR n 
1 42  LEU n 
1 43  TRP n 
1 44  ASN n 
1 45  LEU n 
1 46  GLU n 
1 47  LYS n 
1 48  GLU n 
1 49  VAL n 
1 50  GLU n 
1 51  ASN n 
1 52  ALA n 
1 53  THR n 
1 54  LYS n 
1 55  LYS n 
1 56  VAL n 
1 57  THR n 
1 58  VAL n 
1 59  LEU n 
1 60  LYS n 
1 61  LYS n 
1 62  GLY n 
1 63  GLU n 
1 64  PRO n 
1 65  VAL n 
1 66  ASP n 
1 67  ILE n 
1 68  ALA n 
1 69  GLY n 
1 70  GLY n 
1 71  CYS n 
1 72  ILE n 
1 73  ILE n 
1 74  GLU n 
1 75  THR n 
1 76  ALA n 
1 77  ASP n 
1 78  GLY n 
1 79  LEU n 
1 80  LYS n 
1 81  SER n 
1 82  LEU n 
1 83  ASP n 
1 84  ASN n 
1 85  SER n 
1 86  LEU n 
1 87  GLU n 
1 88  ALA n 
1 89  ILE n 
1 90  PHE n 
1 91  ASN n 
1 92  ARG n 
1 93  ASN n 
1 94  LEU n 
1 95  ASN n 
1 96  VAL n 
1 97  ILE n 
1 98  ARG n 
1 99  ALA n 
1 100 ARG n 
1 101 ILE n 
1 102 THR n 
1 103 GLU n 
1 104 LYS n 
1 105 LEU n 
1 106 PHE n 
# 
_entity_src_gen.entity_id                          1 
_entity_src_gen.pdbx_src_id                        1 
_entity_src_gen.pdbx_alt_source_flag               sample 
_entity_src_gen.pdbx_seq_type                      ? 
_entity_src_gen.pdbx_beg_seq_num                   ? 
_entity_src_gen.pdbx_end_seq_num                   ? 
_entity_src_gen.gene_src_common_name               'Methanococcus jannaschii' 
_entity_src_gen.gene_src_genus                     ? 
_entity_src_gen.pdbx_gene_src_gene                 'atpE, MJ0220' 
_entity_src_gen.gene_src_species                   ? 
_entity_src_gen.gene_src_strain                    'ATCC 43067' 
_entity_src_gen.gene_src_tissue                    ? 
_entity_src_gen.gene_src_tissue_fraction           ? 
_entity_src_gen.gene_src_details                   ? 
_entity_src_gen.pdbx_gene_src_fragment             ? 
_entity_src_gen.pdbx_gene_src_scientific_name      'Methanocaldococcus jannaschii' 
_entity_src_gen.pdbx_gene_src_ncbi_taxonomy_id     2190 
_entity_src_gen.pdbx_gene_src_variant              ? 
_entity_src_gen.pdbx_gene_src_cell_line            ? 
_entity_src_gen.pdbx_gene_src_atcc                 ? 
_entity_src_gen.pdbx_gene_src_organ                ? 
_entity_src_gen.pdbx_gene_src_organelle            ? 
_entity_src_gen.pdbx_gene_src_cell                 ? 
_entity_src_gen.pdbx_gene_src_cellular_location    ? 
_entity_src_gen.host_org_common_name               ? 
_entity_src_gen.pdbx_host_org_scientific_name      'Escherichia coli' 
_entity_src_gen.pdbx_host_org_ncbi_taxonomy_id     562 
_entity_src_gen.host_org_genus                     ? 
_entity_src_gen.pdbx_host_org_gene                 ? 
_entity_src_gen.pdbx_host_org_organ                ? 
_entity_src_gen.host_org_species                   ? 
_entity_src_gen.pdbx_host_org_tissue               ? 
_entity_src_gen.pdbx_host_org_tissue_fraction      ? 
_entity_src_gen.pdbx_host_org_strain               'BL21 DE3' 
_entity_src_gen.pdbx_host_org_variant              ? 
_entity_src_gen.pdbx_host_org_cell_line            ? 
_entity_src_gen.pdbx_host_org_atcc                 ? 
_entity_src_gen.pdbx_host_org_culture_collection   ? 
_entity_src_gen.pdbx_host_org_cell                 ? 
_entity_src_gen.pdbx_host_org_organelle            ? 
_entity_src_gen.pdbx_host_org_cellular_location    ? 
_entity_src_gen.pdbx_host_org_vector_type          plasmid 
_entity_src_gen.pdbx_host_org_vector               ? 
_entity_src_gen.host_org_details                   ? 
_entity_src_gen.expression_system_id               ? 
_entity_src_gen.plasmid_name                       'pET 9d' 
_entity_src_gen.plasmid_details                    ? 
_entity_src_gen.pdbx_description                   ? 
# 
_struct_ref.id                         1 
_struct_ref.db_name                    UNP 
_struct_ref.db_code                    VATE_METJA 
_struct_ref.pdbx_db_accession          Q57673 
_struct_ref.entity_id                  1 
_struct_ref.pdbx_seq_one_letter_code   
;EQPEYKDKLIKLIKDGAISLGGGELIVRLNKRDMELIDDSTLWNLEKEVENATKKVTVLKKGEPVDIAGGCIIETADGLK
SLDNSLEAIFNRNLNVIRARITEKLF
;
_struct_ref.pdbx_align_begin           101 
_struct_ref.pdbx_db_isoform            ? 
# 
loop_
_struct_ref_seq.align_id 
_struct_ref_seq.ref_id 
_struct_ref_seq.pdbx_PDB_id_code 
_struct_ref_seq.pdbx_strand_id 
_struct_ref_seq.seq_align_beg 
_struct_ref_seq.pdbx_seq_align_beg_ins_code 
_struct_ref_seq.seq_align_end 
_struct_ref_seq.pdbx_seq_align_end_ins_code 
_struct_ref_seq.pdbx_db_accession 
_struct_ref_seq.db_align_beg 
_struct_ref_seq.pdbx_db_align_beg_ins_code 
_struct_ref_seq.db_align_end 
_struct_ref_seq.pdbx_db_align_end_ins_code 
_struct_ref_seq.pdbx_auth_seq_align_beg 
_struct_ref_seq.pdbx_auth_seq_align_end 
1 1 3LG8 A 1 ? 106 ? Q57673 101 ? 206 ? 101 206 
2 1 3LG8 B 1 ? 106 ? Q57673 101 ? 206 ? 101 206 
# 
loop_
_chem_comp.id 
_chem_comp.type 
_chem_comp.mon_nstd_flag 
_chem_comp.name 
_chem_comp.pdbx_synonyms 
_chem_comp.formula 
_chem_comp.formula_weight 
ALA 'L-peptide linking' y ALANINE         ? 'C3 H7 N O2'     89.093  
ARG 'L-peptide linking' y ARGININE        ? 'C6 H15 N4 O2 1' 175.209 
ASN 'L-peptide linking' y ASPARAGINE      ? 'C4 H8 N2 O3'    132.118 
ASP 'L-peptide linking' y 'ASPARTIC ACID' ? 'C4 H7 N O4'     133.103 
CYS 'L-peptide linking' y CYSTEINE        ? 'C3 H7 N O2 S'   121.158 
GLN 'L-peptide linking' y GLUTAMINE       ? 'C5 H10 N2 O3'   146.144 
GLU 'L-peptide linking' y 'GLUTAMIC ACID' ? 'C5 H9 N O4'     147.129 
GLY 'peptide linking'   y GLYCINE         ? 'C2 H5 N O2'     75.067  
ILE 'L-peptide linking' y ISOLEUCINE      ? 'C6 H13 N O2'    131.173 
LEU 'L-peptide linking' y LEUCINE         ? 'C6 H13 N O2'    131.173 
LYS 'L-peptide linking' y LYSINE          ? 'C6 H15 N2 O2 1' 147.195 
MET 'L-peptide linking' y METHIONINE      ? 'C5 H11 N O2 S'  149.211 
PHE 'L-peptide linking' y PHENYLALANINE   ? 'C9 H11 N O2'    165.189 
PRO 'L-peptide linking' y PROLINE         ? 'C5 H9 N O2'     115.130 
SER 'L-peptide linking' y SERINE          ? 'C3 H7 N O3'     105.093 
THR 'L-peptide linking' y THREONINE       ? 'C4 H9 N O3'     119.119 
TRP 'L-peptide linking' y TRYPTOPHAN      ? 'C11 H12 N2 O2'  204.225 
TYR 'L-peptide linking' y TYROSINE        ? 'C9 H11 N O3'    181.189 
VAL 'L-peptide linking' y VALINE          ? 'C5 H11 N O2'    117.146 
# 
_exptl.crystals_number   1 
_exptl.entry_id          3LG8 
_exptl.method            'X-RAY DIFFRACTION' 
# 
_exptl_crystal.id                    1 
_exptl_crystal.pdbx_mosaicity        ? 
_exptl_crystal.pdbx_mosaicity_esd    ? 
_exptl_crystal.density_Matthews      2.47 
_exptl_crystal.density_diffrn        ? 
_exptl_crystal.density_meas          ? 
_exptl_crystal.density_meas_temp     ? 
_exptl_crystal.density_percent_sol   50.23 
_exptl_crystal.size_max              ? 
_exptl_crystal.size_mid              ? 
_exptl_crystal.size_min              ? 
_exptl_crystal.size_rad              ? 
_exptl_crystal.description           ? 
_exptl_crystal.F_000                 ? 
_exptl_crystal.preparation           ? 
# 
_exptl_crystal_grow.crystal_id      1 
_exptl_crystal_grow.method          'VAPOR DIFFUSION, HANGING DROP' 
_exptl_crystal_grow.pH              6.5 
_exptl_crystal_grow.temp            291 
_exptl_crystal_grow.pdbx_details    
;0.05M Cesium chloride, 0.1M MES monohydrate buffer (pH 6.5), 30%  v/v Jeffamine M-600, 1mM TCEP, 0.1mM glycine, VAPOR DIFFUSION, HANGING DROP, temperature 291K
;
_exptl_crystal_grow.temp_details    ? 
_exptl_crystal_grow.pdbx_pH_range   ? 
# 
_diffrn.id                     1 
_diffrn.ambient_temp           100 
_diffrn.ambient_temp_details   ? 
_diffrn.crystal_id             1 
# 
_diffrn_detector.diffrn_id              1 
_diffrn_detector.detector               CCD 
_diffrn_detector.type                   'MARMOSAIC 225 mm CCD' 
_diffrn_detector.pdbx_collection_date   2009-02-28 
_diffrn_detector.details                mirrors 
# 
_diffrn_radiation.diffrn_id                        1 
_diffrn_radiation.pdbx_diffrn_protocol             'SINGLE WAVELENGTH' 
_diffrn_radiation.monochromator                    GRAPHITE 
_diffrn_radiation.wavelength_id                    1 
_diffrn_radiation.pdbx_monochromatic_or_laue_m_l   M 
_diffrn_radiation.pdbx_scattering_type             x-ray 
# 
_diffrn_radiation_wavelength.id           1 
_diffrn_radiation_wavelength.wavelength   1.00 
_diffrn_radiation_wavelength.wt           1.0 
# 
_diffrn_source.diffrn_id                   1 
_diffrn_source.source                      SYNCHROTRON 
_diffrn_source.type                        'SPRING-8 BEAMLINE BL12B2' 
_diffrn_source.pdbx_wavelength_list        1.00 
_diffrn_source.pdbx_wavelength             ? 
_diffrn_source.pdbx_synchrotron_site       SPring-8 
_diffrn_source.pdbx_synchrotron_beamline   BL12B2 
# 
_reflns.entry_id                     3LG8 
_reflns.observed_criterion_sigma_F   0 
_reflns.observed_criterion_sigma_I   0 
_reflns.d_resolution_high            4.1 
_reflns.d_resolution_low             30 
_reflns.number_all                   ? 
_reflns.number_obs                   2125 
_reflns.percent_possible_obs         99.3 
_reflns.pdbx_Rmerge_I_obs            0.068 
_reflns.pdbx_Rsym_value              ? 
_reflns.pdbx_netI_over_sigmaI        27.35 
_reflns.B_iso_Wilson_estimate        ? 
_reflns.pdbx_redundancy              10.8 
_reflns.R_free_details               ? 
_reflns.limit_h_max                  ? 
_reflns.limit_h_min                  ? 
_reflns.limit_k_max                  ? 
_reflns.limit_k_min                  ? 
_reflns.limit_l_max                  ? 
_reflns.limit_l_min                  ? 
_reflns.observed_criterion_F_max     ? 
_reflns.observed_criterion_F_min     ? 
_reflns.pdbx_chi_squared             ? 
_reflns.pdbx_scaling_rejects         ? 
_reflns.pdbx_ordinal                 1 
_reflns.pdbx_diffrn_id               1 
# 
_reflns_shell.d_res_high             4.1 
_reflns_shell.d_res_low              4.17 
_reflns_shell.percent_possible_obs   ? 
_reflns_shell.percent_possible_all   100 
_reflns_shell.Rmerge_I_obs           0.076 
_reflns_shell.meanI_over_sigI_obs    26.35 
_reflns_shell.pdbx_Rsym_value        ? 
_reflns_shell.pdbx_redundancy        11.5 
_reflns_shell.number_unique_all      ? 
_reflns_shell.number_measured_all    ? 
_reflns_shell.number_measured_obs    ? 
_reflns_shell.number_unique_obs      ? 
_reflns_shell.pdbx_chi_squared       ? 
_reflns_shell.pdbx_ordinal           1 
_reflns_shell.pdbx_diffrn_id         1 
# 
_refine.entry_id                                 3LG8 
_refine.ls_d_res_high                            4.100 
_refine.ls_d_res_low                             24.270 
_refine.pdbx_ls_sigma_F                          0.00 
_refine.pdbx_data_cutoff_high_absF               ? 
_refine.pdbx_data_cutoff_low_absF                ? 
_refine.ls_percent_reflns_obs                    99.580 
_refine.ls_number_reflns_obs                     2125 
_refine.ls_number_reflns_all                     4717 
_refine.pdbx_ls_cross_valid_method               THROUGHOUT 
_refine.pdbx_R_Free_selection_details            RANDOM 
_refine.details                                  
;1. Only the Back bone atoms for all the residues were assigned since the side chains are not visible in the electron density map. 2. HYDROGENS HAVE BEEN ADDED IN THE RIDING POSITIONS U VALUES: REFINED INDIVIDUALLY
;
_refine.ls_R_factor_all                          ? 
_refine.ls_R_factor_obs                          0.356 
_refine.ls_R_factor_R_work                       0.353 
_refine.ls_wR_factor_R_work                      ? 
_refine.ls_R_factor_R_free                       0.381 
_refine.ls_wR_factor_R_free                      ? 
_refine.ls_percent_reflns_R_free                 9.500 
_refine.ls_number_reflns_R_free                  201 
_refine.ls_R_factor_R_free_error                 ? 
_refine.B_iso_mean                               30.022 
_refine.solvent_model_param_bsol                 ? 
_refine.solvent_model_param_ksol                 ? 
_refine.pdbx_isotropic_thermal_model             overall 
_refine.aniso_B[1][1]                            0.140 
_refine.aniso_B[2][2]                            0.140 
_refine.aniso_B[3][3]                            -0.210 
_refine.aniso_B[1][2]                            0.070 
_refine.aniso_B[1][3]                            0.000 
_refine.aniso_B[2][3]                            0.000 
_refine.correlation_coeff_Fo_to_Fc               0.803 
_refine.correlation_coeff_Fo_to_Fc_free          0.735 
_refine.overall_SU_R_Cruickshank_DPI             ? 
_refine.overall_SU_R_free                        ? 
_refine.pdbx_overall_ESU_R_Free                  1.329 
_refine.overall_SU_ML                            1.483 
_refine.overall_SU_B                             108.693 
_refine.solvent_model_details                    MASK 
_refine.pdbx_solvent_vdw_probe_radii             1.400 
_refine.pdbx_solvent_ion_probe_radii             0.800 
_refine.pdbx_solvent_shrinkage_radii             0.800 
_refine.ls_number_parameters                     ? 
_refine.ls_number_restraints                     ? 
_refine.pdbx_starting_model                      'PDB ENTRY 2DM9' 
_refine.pdbx_method_to_determine_struct          'MOLECULAR REPLACEMENT' 
_refine.pdbx_stereochemistry_target_values       'MAXIMUM LIKELIHOOD' 
_refine.pdbx_stereochem_target_val_spec_case     ? 
_refine.overall_FOM_work_R_set                   ? 
_refine.B_iso_max                                63.60 
_refine.B_iso_min                                14.24 
_refine.occupancy_max                            1.00 
_refine.occupancy_min                            1.00 
_refine.pdbx_ls_sigma_I                          ? 
_refine.ls_redundancy_reflns_obs                 ? 
_refine.ls_R_factor_R_free_error_details         ? 
_refine.pdbx_data_cutoff_high_rms_absF           ? 
_refine.overall_FOM_free_R_set                   ? 
_refine.pdbx_overall_phase_error                 ? 
_refine.pdbx_refine_id                           'X-RAY DIFFRACTION' 
_refine.pdbx_overall_ESU_R                       ? 
_refine.pdbx_diffrn_id                           1 
_refine.pdbx_TLS_residual_ADP_flag               ? 
_refine.pdbx_overall_SU_R_free_Cruickshank_DPI   ? 
_refine.pdbx_overall_SU_R_Blow_DPI               ? 
_refine.pdbx_overall_SU_R_free_Blow_DPI          ? 
# 
_refine_hist.pdbx_refine_id                   'X-RAY DIFFRACTION' 
_refine_hist.cycle_id                         LAST 
_refine_hist.pdbx_number_atoms_protein        1044 
_refine_hist.pdbx_number_atoms_nucleic_acid   0 
_refine_hist.pdbx_number_atoms_ligand         0 
_refine_hist.number_atoms_solvent             0 
_refine_hist.number_atoms_total               1044 
_refine_hist.d_res_high                       4.100 
_refine_hist.d_res_low                        24.270 
# 
loop_
_refine_ls_restr.type 
_refine_ls_restr.number 
_refine_ls_restr.dev_ideal 
_refine_ls_restr.dev_ideal_target 
_refine_ls_restr.weight 
_refine_ls_restr.pdbx_refine_id 
_refine_ls_restr.pdbx_restraint_function 
r_bond_refined_d       1042 0.004 0.020 ? 'X-RAY DIFFRACTION' ? 
r_angle_refined_deg    1446 0.847 1.942 ? 'X-RAY DIFFRACTION' ? 
r_dihedral_angle_1_deg 210  4.918 5.000 ? 'X-RAY DIFFRACTION' ? 
r_chiral_restr         196  0.046 0.200 ? 'X-RAY DIFFRACTION' ? 
r_gen_planes_refined   840  0.002 0.020 ? 'X-RAY DIFFRACTION' ? 
# 
_refine_ls_restr_ncs.pdbx_refine_id      'X-RAY DIFFRACTION' 
_refine_ls_restr_ncs.pdbx_ens_id         1 
_refine_ls_restr_ncs.dom_id              1 
_refine_ls_restr_ncs.pdbx_type           'MEDIUM POSITIONAL' 
_refine_ls_restr_ncs.pdbx_auth_asym_id   A 
_refine_ls_restr_ncs.pdbx_number         472 
_refine_ls_restr_ncs.rms_dev_position    0.330 
_refine_ls_restr_ncs.weight_position     0.500 
_refine_ls_restr_ncs.pdbx_ordinal        1 
_refine_ls_restr_ncs.ncs_model_details   ? 
_refine_ls_restr_ncs.rms_dev_B_iso       ? 
_refine_ls_restr_ncs.weight_B_iso        ? 
_refine_ls_restr_ncs.pdbx_asym_id        ? 
_refine_ls_restr_ncs.pdbx_rms            ? 
_refine_ls_restr_ncs.pdbx_weight         ? 
# 
_refine_ls_shell.d_res_high                       4.103 
_refine_ls_shell.d_res_low                        4.318 
_refine_ls_shell.pdbx_total_number_of_bins_used   10 
_refine_ls_shell.percent_reflns_obs               99.650 
_refine_ls_shell.number_reflns_R_work             260 
_refine_ls_shell.R_factor_all                     ? 
_refine_ls_shell.R_factor_R_work                  0.408 
_refine_ls_shell.R_factor_R_free                  0.451 
_refine_ls_shell.percent_reflns_R_free            ? 
_refine_ls_shell.number_reflns_R_free             25 
_refine_ls_shell.R_factor_R_free_error            ? 
_refine_ls_shell.number_reflns_all                285 
_refine_ls_shell.number_reflns_obs                ? 
_refine_ls_shell.redundancy_reflns_obs            ? 
_refine_ls_shell.pdbx_refine_id                   'X-RAY DIFFRACTION' 
# 
loop_
_struct_ncs_dom.pdbx_ens_id 
_struct_ncs_dom.id 
_struct_ncs_dom.details 
1 1 A 
1 2 B 
# 
loop_
_struct_ncs_dom_lim.pdbx_ens_id 
_struct_ncs_dom_lim.dom_id 
_struct_ncs_dom_lim.pdbx_component_id 
_struct_ncs_dom_lim.beg_label_asym_id 
_struct_ncs_dom_lim.beg_label_comp_id 
_struct_ncs_dom_lim.beg_label_seq_id 
_struct_ncs_dom_lim.beg_label_alt_id 
_struct_ncs_dom_lim.end_label_asym_id 
_struct_ncs_dom_lim.end_label_comp_id 
_struct_ncs_dom_lim.end_label_seq_id 
_struct_ncs_dom_lim.end_label_alt_id 
_struct_ncs_dom_lim.beg_auth_asym_id 
_struct_ncs_dom_lim.beg_auth_comp_id 
_struct_ncs_dom_lim.beg_auth_seq_id 
_struct_ncs_dom_lim.end_auth_asym_id 
_struct_ncs_dom_lim.end_auth_comp_id 
_struct_ncs_dom_lim.end_auth_seq_id 
_struct_ncs_dom_lim.pdbx_refine_code 
_struct_ncs_dom_lim.selection_details 
1 1 1 A TYR 5 . A ARG 100 . A TYR 105 A ARG 200 4 ? 
1 2 1 B TYR 5 . B ARG 100 . B TYR 105 B ARG 200 4 ? 
# 
_struct_ncs_ens.id        1 
_struct_ncs_ens.details   ? 
# 
_struct.entry_id                  3LG8 
_struct.title                     
'Crystal structure of the C-terminal part of subunit E (E101-206) from Methanocaldococcus jannaschii of A1AO ATP synthase' 
_struct.pdbx_model_details        ? 
_struct.pdbx_CASP_flag            ? 
_struct.pdbx_model_type_details   ? 
# 
_struct_keywords.entry_id        3LG8 
_struct_keywords.text            'Archaea, peripheral stalk, Hydrolase, Structural protein, TRANSPORT PROTEIN' 
_struct_keywords.pdbx_keywords   HYDROLASE 
# 
loop_
_struct_asym.id 
_struct_asym.pdbx_blank_PDB_chainid_flag 
_struct_asym.pdbx_modified 
_struct_asym.entity_id 
_struct_asym.details 
A N N 1 ? 
B N N 1 ? 
# 
_struct_biol.id        1 
_struct_biol.details   ? 
# 
loop_
_struct_conf.conf_type_id 
_struct_conf.id 
_struct_conf.pdbx_PDB_helix_id 
_struct_conf.beg_label_comp_id 
_struct_conf.beg_label_asym_id 
_struct_conf.beg_label_seq_id 
_struct_conf.pdbx_beg_PDB_ins_code 
_struct_conf.end_label_comp_id 
_struct_conf.end_label_asym_id 
_struct_conf.end_label_seq_id 
_struct_conf.pdbx_end_PDB_ins_code 
_struct_conf.beg_auth_comp_id 
_struct_conf.beg_auth_asym_id 
_struct_conf.beg_auth_seq_id 
_struct_conf.end_auth_comp_id 
_struct_conf.end_auth_asym_id 
_struct_conf.end_auth_seq_id 
_struct_conf.pdbx_PDB_helix_class 
_struct_conf.details 
_struct_conf.pdbx_PDB_helix_length 
HELX_P HELX_P1  1  ASP A 7  ? GLY A 21  ? ASP A 107 GLY A 121 1 ? 15 
HELX_P HELX_P2  2  LYS A 31 ? LEU A 36  ? LYS A 131 LEU A 136 1 ? 6  
HELX_P HELX_P3  3  GLU A 48 ? THR A 53  ? GLU A 148 THR A 153 1 ? 6  
HELX_P HELX_P4  4  ASN A 84 ? ILE A 89  ? ASN A 184 ILE A 189 1 ? 6  
HELX_P HELX_P5  5  ILE A 89 ? ILE A 101 ? ILE A 189 ILE A 201 1 ? 13 
HELX_P HELX_P6  6  ASP B 7  ? LYS B 14  ? ASP B 107 LYS B 114 1 ? 8  
HELX_P HELX_P7  7  ASN B 30 ? SER B 40  ? ASN B 130 SER B 140 1 ? 11 
HELX_P HELX_P8  8  THR B 41 ? GLU B 46  ? THR B 141 GLU B 146 1 ? 6  
HELX_P HELX_P9  9  LYS B 47 ? ASN B 51  ? LYS B 147 ASN B 151 5 ? 5  
HELX_P HELX_P10 10 ASN B 84 ? ILE B 89  ? ASN B 184 ILE B 189 1 ? 6  
HELX_P HELX_P11 11 ILE B 89 ? ARG B 100 ? ILE B 189 ARG B 200 1 ? 12 
# 
_struct_conf_type.id          HELX_P 
_struct_conf_type.criteria    ? 
_struct_conf_type.reference   ? 
# 
_struct_sheet.id               A 
_struct_sheet.type             ? 
_struct_sheet.number_strands   2 
_struct_sheet.details          ? 
# 
_struct_sheet_order.sheet_id     A 
_struct_sheet_order.range_id_1   1 
_struct_sheet_order.range_id_2   2 
_struct_sheet_order.offset       ? 
_struct_sheet_order.sense        anti-parallel 
# 
loop_
_struct_sheet_range.sheet_id 
_struct_sheet_range.id 
_struct_sheet_range.beg_label_comp_id 
_struct_sheet_range.beg_label_asym_id 
_struct_sheet_range.beg_label_seq_id 
_struct_sheet_range.pdbx_beg_PDB_ins_code 
_struct_sheet_range.end_label_comp_id 
_struct_sheet_range.end_label_asym_id 
_struct_sheet_range.end_label_seq_id 
_struct_sheet_range.pdbx_end_PDB_ins_code 
_struct_sheet_range.beg_auth_comp_id 
_struct_sheet_range.beg_auth_asym_id 
_struct_sheet_range.beg_auth_seq_id 
_struct_sheet_range.end_auth_comp_id 
_struct_sheet_range.end_auth_asym_id 
_struct_sheet_range.end_auth_seq_id 
A 1 CYS B 71 ? ILE B 72 ? CYS B 171 ILE B 172 
A 2 LEU B 79 ? LYS B 80 ? LEU B 179 LYS B 180 
# 
_pdbx_struct_sheet_hbond.sheet_id                A 
_pdbx_struct_sheet_hbond.range_id_1              1 
_pdbx_struct_sheet_hbond.range_id_2              2 
_pdbx_struct_sheet_hbond.range_1_label_atom_id   N 
_pdbx_struct_sheet_hbond.range_1_label_comp_id   CYS 
_pdbx_struct_sheet_hbond.range_1_label_asym_id   B 
_pdbx_struct_sheet_hbond.range_1_label_seq_id    71 
_pdbx_struct_sheet_hbond.range_1_PDB_ins_code    ? 
_pdbx_struct_sheet_hbond.range_1_auth_atom_id    N 
_pdbx_struct_sheet_hbond.range_1_auth_comp_id    CYS 
_pdbx_struct_sheet_hbond.range_1_auth_asym_id    B 
_pdbx_struct_sheet_hbond.range_1_auth_seq_id     171 
_pdbx_struct_sheet_hbond.range_2_label_atom_id   O 
_pdbx_struct_sheet_hbond.range_2_label_comp_id   LYS 
_pdbx_struct_sheet_hbond.range_2_label_asym_id   B 
_pdbx_struct_sheet_hbond.range_2_label_seq_id    80 
_pdbx_struct_sheet_hbond.range_2_PDB_ins_code    ? 
_pdbx_struct_sheet_hbond.range_2_auth_atom_id    O 
_pdbx_struct_sheet_hbond.range_2_auth_comp_id    LYS 
_pdbx_struct_sheet_hbond.range_2_auth_asym_id    B 
_pdbx_struct_sheet_hbond.range_2_auth_seq_id     180 
# 
_atom_sites.entry_id                    3LG8 
_atom_sites.fract_transf_matrix[1][1]   0.00550262 
_atom_sites.fract_transf_matrix[1][2]   0.01399639 
_atom_sites.fract_transf_matrix[1][3]   -0.00442313 
_atom_sites.fract_transf_matrix[2][1]   -0.00000489 
_atom_sites.fract_transf_matrix[2][2]   0.01197751 
_atom_sites.fract_transf_matrix[2][3]   0.01011472 
_atom_sites.fract_transf_matrix[3][1]   0.00610890 
_atom_sites.fract_transf_matrix[3][2]   -0.00174699 
_atom_sites.fract_transf_matrix[3][3]   0.00207169 
_atom_sites.fract_transf_vector[1]      0.438326 
_atom_sites.fract_transf_vector[2]      -0.095021 
_atom_sites.fract_transf_vector[3]      0.032291 
# 
loop_
_atom_type.symbol 
C 
N 
O 
# 
loop_
_atom_site.group_PDB 
_atom_site.id 
_atom_site.type_symbol 
_atom_site.label_atom_id 
_atom_site.label_alt_id 
_atom_site.label_comp_id 
_atom_site.label_asym_id 
_atom_site.label_entity_id 
_atom_site.label_seq_id 
_atom_site.pdbx_PDB_ins_code 
_atom_site.Cartn_x 
_atom_site.Cartn_y 
_atom_site.Cartn_z 
_atom_site.occupancy 
_atom_site.B_iso_or_equiv 
_atom_site.pdbx_formal_charge 
_atom_site.auth_seq_id 
_atom_site.auth_comp_id 
_atom_site.auth_asym_id 
_atom_site.auth_atom_id 
_atom_site.pdbx_PDB_model_num 
ATOM 1    N N  . GLU A 1 1   ? 11.579  -12.959 10.287  1.00 34.32 ? 101 GLU A N  1 
ATOM 2    C CA . GLU A 1 1   ? 10.176  -13.318 9.923   1.00 21.00 ? 101 GLU A CA 1 
ATOM 3    C C  . GLU A 1 1   ? 9.498   -12.238 9.076   1.00 24.92 ? 101 GLU A C  1 
ATOM 4    O O  . GLU A 1 1   ? 9.121   -12.493 7.927   1.00 20.21 ? 101 GLU A O  1 
ATOM 5    C CB . GLU A 1 1   ? 9.347   -13.615 11.179  1.00 23.31 ? 101 GLU A CB 1 
ATOM 6    N N  . GLN A 1 2   ? 9.350   -11.042 9.655   1.00 20.52 ? 102 GLN A N  1 
ATOM 7    C CA . GLN A 1 2   ? 8.692   -9.887  9.016   1.00 23.42 ? 102 GLN A CA 1 
ATOM 8    C C  . GLN A 1 2   ? 7.157   -9.987  8.922   1.00 21.65 ? 102 GLN A C  1 
ATOM 9    O O  . GLN A 1 2   ? 6.481   -8.990  8.642   1.00 25.11 ? 102 GLN A O  1 
ATOM 10   C CB . GLN A 1 2   ? 9.316   -9.569  7.645   1.00 26.43 ? 102 GLN A CB 1 
ATOM 11   N N  . PRO A 1 3   ? 6.607   -11.193 9.164   1.00 20.65 ? 103 PRO A N  1 
ATOM 12   C CA . PRO A 1 3   ? 5.194   -11.570 9.120   1.00 22.78 ? 103 PRO A CA 1 
ATOM 13   C C  . PRO A 1 3   ? 4.520   -11.381 10.477  1.00 21.52 ? 103 PRO A C  1 
ATOM 14   O O  . PRO A 1 3   ? 3.962   -12.328 11.037  1.00 24.76 ? 103 PRO A O  1 
ATOM 15   C CB . PRO A 1 3   ? 5.242   -13.053 8.736   1.00 23.19 ? 103 PRO A CB 1 
ATOM 16   N N  . GLU A 1 4   ? 4.582   -10.153 10.989  1.00 21.03 ? 104 GLU A N  1 
ATOM 17   C CA . GLU A 1 4   ? 3.975   -9.798  12.271  1.00 20.12 ? 104 GLU A CA 1 
ATOM 18   C C  . GLU A 1 4   ? 2.468   -9.601  12.141  1.00 20.28 ? 104 GLU A C  1 
ATOM 19   O O  . GLU A 1 4   ? 1.708   -9.950  13.047  1.00 21.54 ? 104 GLU A O  1 
ATOM 20   C CB . GLU A 1 4   ? 4.620   -8.527  12.829  1.00 20.45 ? 104 GLU A CB 1 
ATOM 21   N N  . TYR A 1 5   ? 2.050   -9.035  11.011  1.00 27.12 ? 105 TYR A N  1 
ATOM 22   C CA . TYR A 1 5   ? 0.636   -8.828  10.709  1.00 26.27 ? 105 TYR A CA 1 
ATOM 23   C C  . TYR A 1 5   ? 0.075   -9.960  9.834   1.00 23.35 ? 105 TYR A C  1 
ATOM 24   O O  . TYR A 1 5   ? -0.976  -9.819  9.202   1.00 22.54 ? 105 TYR A O  1 
ATOM 25   C CB . TYR A 1 5   ? 0.422   -7.459  10.053  1.00 27.14 ? 105 TYR A CB 1 
ATOM 26   N N  . LYS A 1 6   ? 0.794   -11.083 9.812   1.00 27.84 ? 106 LYS A N  1 
ATOM 27   C CA . LYS A 1 6   ? 0.296   -12.326 9.228   1.00 29.12 ? 106 LYS A CA 1 
ATOM 28   C C  . LYS A 1 6   ? -0.692  -12.995 10.188  1.00 31.94 ? 106 LYS A C  1 
ATOM 29   O O  . LYS A 1 6   ? -1.362  -13.967 9.834   1.00 28.45 ? 106 LYS A O  1 
ATOM 30   C CB . LYS A 1 6   ? 1.458   -13.268 8.907   1.00 30.57 ? 106 LYS A CB 1 
ATOM 31   N N  . ASP A 1 7   ? -0.753  -12.467 11.409  1.00 30.41 ? 107 ASP A N  1 
ATOM 32   C CA . ASP A 1 7   ? -1.764  -12.836 12.392  1.00 31.47 ? 107 ASP A CA 1 
ATOM 33   C C  . ASP A 1 7   ? -2.888  -11.797 12.402  1.00 38.25 ? 107 ASP A C  1 
ATOM 34   O O  . ASP A 1 7   ? -3.967  -12.041 12.952  1.00 36.12 ? 107 ASP A O  1 
ATOM 35   C CB . ASP A 1 7   ? -1.140  -12.956 13.783  1.00 33.52 ? 107 ASP A CB 1 
ATOM 36   N N  . LYS A 1 8   ? -2.622  -10.640 11.797  1.00 35.94 ? 108 LYS A N  1 
ATOM 37   C CA . LYS A 1 8   ? -3.641  -9.613  11.594  1.00 33.82 ? 108 LYS A CA 1 
ATOM 38   C C  . LYS A 1 8   ? -4.586  -10.044 10.484  1.00 32.98 ? 108 LYS A C  1 
ATOM 39   O O  . LYS A 1 8   ? -5.768  -9.710  10.509  1.00 31.54 ? 108 LYS A O  1 
ATOM 40   C CB . LYS A 1 8   ? -3.010  -8.260  11.259  1.00 33.37 ? 108 LYS A CB 1 
ATOM 41   N N  . LEU A 1 9   ? -4.051  -10.786 9.515   1.00 32.89 ? 109 LEU A N  1 
ATOM 42   C CA . LEU A 1 9   ? -4.850  -11.373 8.444   1.00 31.54 ? 109 LEU A CA 1 
ATOM 43   C C  . LEU A 1 9   ? -5.908  -12.302 9.026   1.00 28.92 ? 109 LEU A C  1 
ATOM 44   O O  . LEU A 1 9   ? -7.060  -12.279 8.598   1.00 27.54 ? 109 LEU A O  1 
ATOM 45   C CB . LEU A 1 9   ? -3.964  -12.133 7.457   1.00 29.37 ? 109 LEU A CB 1 
ATOM 46   N N  . ILE A 1 10  ? -5.509  -13.104 10.011  1.00 29.28 ? 110 ILE A N  1 
ATOM 47   C CA . ILE A 1 10  ? -6.437  -13.961 10.743  1.00 29.92 ? 110 ILE A CA 1 
ATOM 48   C C  . ILE A 1 10  ? -7.340  -13.130 11.648  1.00 31.47 ? 110 ILE A C  1 
ATOM 49   O O  . ILE A 1 10  ? -8.483  -13.505 11.892  1.00 36.73 ? 110 ILE A O  1 
ATOM 50   C CB . ILE A 1 10  ? -5.705  -15.023 11.584  1.00 30.84 ? 110 ILE A CB 1 
ATOM 51   N N  . LYS A 1 11  ? -6.831  -11.999 12.132  1.00 39.17 ? 111 LYS A N  1 
ATOM 52   C CA . LYS A 1 11  ? -7.633  -11.073 12.931  1.00 38.45 ? 111 LYS A CA 1 
ATOM 53   C C  . LYS A 1 11  ? -8.590  -10.268 12.053  1.00 35.45 ? 111 LYS A C  1 
ATOM 54   O O  . LYS A 1 11  ? -9.490  -9.588  12.557  1.00 38.26 ? 111 LYS A O  1 
ATOM 55   C CB . LYS A 1 11  ? -6.732  -10.133 13.729  1.00 39.25 ? 111 LYS A CB 1 
ATOM 56   N N  . LEU A 1 12  ? -8.381  -10.354 10.741  1.00 31.45 ? 112 LEU A N  1 
ATOM 57   C CA . LEU A 1 12  ? -9.236  -9.697  9.758   1.00 32.42 ? 112 LEU A CA 1 
ATOM 58   C C  . LEU A 1 12  ? -10.317 -10.642 9.248   1.00 31.45 ? 112 LEU A C  1 
ATOM 59   O O  . LEU A 1 12  ? -11.451 -10.224 9.028   1.00 29.93 ? 112 LEU A O  1 
ATOM 60   C CB . LEU A 1 12  ? -8.407  -9.166  8.586   1.00 30.85 ? 112 LEU A CB 1 
ATOM 61   N N  . ILE A 1 13  ? -9.961  -11.909 9.053   1.00 30.26 ? 113 ILE A N  1 
ATOM 62   C CA . ILE A 1 13  ? -10.924 -12.921 8.631   1.00 31.34 ? 113 ILE A CA 1 
ATOM 63   C C  . ILE A 1 13  ? -11.929 -13.196 9.742   1.00 30.94 ? 113 ILE A C  1 
ATOM 64   O O  . ILE A 1 13  ? -13.093 -13.477 9.472   1.00 32.85 ? 113 ILE A O  1 
ATOM 65   C CB . ILE A 1 13  ? -10.239 -14.234 8.213   1.00 31.54 ? 113 ILE A CB 1 
ATOM 66   N N  . LYS A 1 14  ? -11.476 -13.100 10.990  1.00 33.54 ? 114 LYS A N  1 
ATOM 67   C CA . LYS A 1 14  ? -12.348 -13.267 12.152  1.00 32.94 ? 114 LYS A CA 1 
ATOM 68   C C  . LYS A 1 14  ? -13.238 -12.047 12.353  1.00 30.99 ? 114 LYS A C  1 
ATOM 69   O O  . LYS A 1 14  ? -14.329 -12.146 12.919  1.00 30.84 ? 114 LYS A O  1 
ATOM 70   C CB . LYS A 1 14  ? -11.523 -13.519 13.414  1.00 31.65 ? 114 LYS A CB 1 
ATOM 71   N N  . ASP A 1 15  ? -12.753 -10.898 11.896  1.00 31.63 ? 115 ASP A N  1 
ATOM 72   C CA . ASP A 1 15  ? -13.524 -9.660  11.922  1.00 30.12 ? 115 ASP A CA 1 
ATOM 73   C C  . ASP A 1 15  ? -14.649 -9.699  10.886  1.00 29.54 ? 115 ASP A C  1 
ATOM 74   O O  . ASP A 1 15  ? -15.743 -9.184  11.121  1.00 29.95 ? 115 ASP A O  1 
ATOM 75   C CB . ASP A 1 15  ? -12.608 -8.458  11.672  1.00 28.88 ? 115 ASP A CB 1 
ATOM 76   N N  . GLY A 1 16  ? -14.362 -10.316 9.742   1.00 29.84 ? 116 GLY A N  1 
ATOM 77   C CA . GLY A 1 16  ? -15.343 -10.494 8.681   1.00 28.31 ? 116 GLY A CA 1 
ATOM 78   C C  . GLY A 1 16  ? -16.400 -11.513 9.050   1.00 27.94 ? 116 GLY A C  1 
ATOM 79   O O  . GLY A 1 16  ? -17.510 -11.469 8.530   1.00 26.84 ? 116 GLY A O  1 
ATOM 80   N N  . ALA A 1 17  ? -16.055 -12.424 9.959   1.00 23.72 ? 117 ALA A N  1 
ATOM 81   C CA . ALA A 1 17  ? -16.966 -13.475 10.407  1.00 24.55 ? 117 ALA A CA 1 
ATOM 82   C C  . ALA A 1 17  ? -18.269 -12.904 10.949  1.00 24.65 ? 117 ALA A C  1 
ATOM 83   O O  . ALA A 1 17  ? -19.314 -13.021 10.311  1.00 25.92 ? 117 ALA A O  1 
ATOM 84   C CB . ALA A 1 17  ? -16.293 -14.356 11.450  1.00 23.82 ? 117 ALA A CB 1 
ATOM 85   N N  . ILE A 1 18  ? -18.190 -12.274 12.119  1.00 21.84 ? 118 ILE A N  1 
ATOM 86   C CA . ILE A 1 18  ? -19.353 -11.668 12.764  1.00 23.53 ? 118 ILE A CA 1 
ATOM 87   C C  . ILE A 1 18  ? -20.009 -10.607 11.885  1.00 20.00 ? 118 ILE A C  1 
ATOM 88   O O  . ILE A 1 18  ? -21.226 -10.429 11.917  1.00 22.42 ? 118 ILE A O  1 
ATOM 89   C CB . ILE A 1 18  ? -18.978 -11.037 14.116  1.00 21.54 ? 118 ILE A CB 1 
ATOM 90   N N  . SER A 1 19  ? -19.184 -9.915  11.099  1.00 29.52 ? 119 SER A N  1 
ATOM 91   C CA . SER A 1 19  ? -19.643 -8.871  10.184  1.00 28.95 ? 119 SER A CA 1 
ATOM 92   C C  . SER A 1 19  ? -20.301 -9.457  8.939   1.00 29.94 ? 119 SER A C  1 
ATOM 93   O O  . SER A 1 19  ? -20.893 -8.728  8.139   1.00 30.54 ? 119 SER A O  1 
ATOM 94   C CB . SER A 1 19  ? -18.481 -7.959  9.786   1.00 28.20 ? 119 SER A CB 1 
ATOM 95   N N  . LEU A 1 20  ? -20.182 -10.770 8.772   1.00 34.92 ? 120 LEU A N  1 
ATOM 96   C CA . LEU A 1 20  ? -20.893 -11.472 7.716   1.00 37.31 ? 120 LEU A CA 1 
ATOM 97   C C  . LEU A 1 20  ? -22.066 -12.241 8.304   1.00 39.01 ? 120 LEU A C  1 
ATOM 98   O O  . LEU A 1 20  ? -23.158 -12.259 7.731   1.00 39.66 ? 120 LEU A O  1 
ATOM 99   C CB . LEU A 1 20  ? -19.961 -12.428 6.973   1.00 20.00 ? 120 LEU A CB 1 
ATOM 100  N N  . GLY A 1 21  ? -21.836 -12.857 9.464   1.00 39.36 ? 121 GLY A N  1 
ATOM 101  C CA . GLY A 1 21  ? -22.789 -13.797 10.045  1.00 40.01 ? 121 GLY A CA 1 
ATOM 102  C C  . GLY A 1 21  ? -22.838 -15.041 9.178   1.00 40.84 ? 121 GLY A C  1 
ATOM 103  O O  . GLY A 1 21  ? -23.913 -15.571 8.881   1.00 40.38 ? 121 GLY A O  1 
ATOM 104  N N  . GLY A 1 22  ? -21.657 -15.498 8.770   1.00 42.07 ? 122 GLY A N  1 
ATOM 105  C CA . GLY A 1 22  ? -21.538 -16.570 7.795   1.00 42.09 ? 122 GLY A CA 1 
ATOM 106  C C  . GLY A 1 22  ? -21.419 -17.955 8.395   1.00 42.13 ? 122 GLY A C  1 
ATOM 107  O O  . GLY A 1 22  ? -20.687 -18.166 9.367   1.00 42.21 ? 122 GLY A O  1 
ATOM 108  N N  . GLY A 1 23  ? -22.158 -18.894 7.808   1.00 40.47 ? 123 GLY A N  1 
ATOM 109  C CA . GLY A 1 23  ? -22.015 -20.306 8.121   1.00 38.67 ? 123 GLY A CA 1 
ATOM 110  C C  . GLY A 1 23  ? -20.824 -20.835 7.353   1.00 37.88 ? 123 GLY A C  1 
ATOM 111  O O  . GLY A 1 23  ? -19.751 -21.038 7.917   1.00 36.58 ? 123 GLY A O  1 
ATOM 112  N N  . GLU A 1 24  ? -21.019 -21.033 6.053   1.00 37.84 ? 124 GLU A N  1 
ATOM 113  C CA . GLU A 1 24  ? -19.947 -21.474 5.170   1.00 38.26 ? 124 GLU A CA 1 
ATOM 114  C C  . GLU A 1 24  ? -19.615 -20.406 4.129   1.00 38.55 ? 124 GLU A C  1 
ATOM 115  O O  . GLU A 1 24  ? -20.267 -20.303 3.086   1.00 39.33 ? 124 GLU A O  1 
ATOM 116  C CB . GLU A 1 24  ? -20.307 -22.800 4.493   1.00 20.00 ? 124 GLU A CB 1 
ATOM 117  N N  . LEU A 1 25  ? -18.599 -19.607 4.436   1.00 39.14 ? 125 LEU A N  1 
ATOM 118  C CA . LEU A 1 25  ? -18.101 -18.594 3.518   1.00 39.13 ? 125 LEU A CA 1 
ATOM 119  C C  . LEU A 1 25  ? -16.714 -18.990 3.006   1.00 38.99 ? 125 LEU A C  1 
ATOM 120  O O  . LEU A 1 25  ? -15.721 -18.906 3.740   1.00 39.22 ? 125 LEU A O  1 
ATOM 121  C CB . LEU A 1 25  ? -18.071 -17.224 4.201   1.00 20.00 ? 125 LEU A CB 1 
ATOM 122  N N  . ILE A 1 26  ? -16.661 -19.435 1.750   1.00 38.04 ? 126 ILE A N  1 
ATOM 123  C CA . ILE A 1 26  ? -15.409 -19.842 1.107   1.00 37.76 ? 126 ILE A CA 1 
ATOM 124  C C  . ILE A 1 26  ? -14.484 -18.641 0.885   1.00 36.81 ? 126 ILE A C  1 
ATOM 125  O O  . ILE A 1 26  ? -14.534 -17.990 -0.164  1.00 35.39 ? 126 ILE A O  1 
ATOM 126  C CB . ILE A 1 26  ? -15.665 -20.570 -0.232  1.00 20.00 ? 126 ILE A CB 1 
ATOM 127  N N  . VAL A 1 27  ? -13.645 -18.367 1.885   1.00 37.30 ? 127 VAL A N  1 
ATOM 128  C CA . VAL A 1 27  ? -12.790 -17.176 1.912   1.00 38.52 ? 127 VAL A CA 1 
ATOM 129  C C  . VAL A 1 27  ? -11.707 -17.171 0.828   1.00 39.58 ? 127 VAL A C  1 
ATOM 130  O O  . VAL A 1 27  ? -10.742 -17.936 0.895   1.00 36.86 ? 127 VAL A O  1 
ATOM 131  C CB . VAL A 1 27  ? -12.143 -16.986 3.301   1.00 20.00 ? 127 VAL A CB 1 
ATOM 132  N N  . ARG A 1 28  ? -11.886 -16.309 -0.171  1.00 41.26 ? 128 ARG A N  1 
ATOM 133  C CA . ARG A 1 28  ? -10.908 -16.138 -1.239  1.00 41.94 ? 128 ARG A CA 1 
ATOM 134  C C  . ARG A 1 28  ? -9.789  -15.230 -0.747  1.00 42.97 ? 128 ARG A C  1 
ATOM 135  O O  . ARG A 1 28  ? -9.966  -14.015 -0.640  1.00 43.17 ? 128 ARG A O  1 
ATOM 136  C CB . ARG A 1 28  ? -11.571 -15.560 -2.491  1.00 20.00 ? 128 ARG A CB 1 
ATOM 137  N N  . LEU A 1 29  ? -8.639  -15.833 -0.450  1.00 44.75 ? 129 LEU A N  1 
ATOM 138  C CA . LEU A 1 29  ? -7.526  -15.153 0.224   1.00 46.17 ? 129 LEU A CA 1 
ATOM 139  C C  . LEU A 1 29  ? -6.639  -14.302 -0.692  1.00 46.66 ? 129 LEU A C  1 
ATOM 140  O O  . LEU A 1 29  ? -6.766  -14.345 -1.918  1.00 47.59 ? 129 LEU A O  1 
ATOM 141  C CB . LEU A 1 29  ? -6.669  -16.167 0.990   1.00 20.00 ? 129 LEU A CB 1 
ATOM 142  N N  . ASN A 1 30  ? -5.737  -13.540 -0.073  1.00 46.04 ? 130 ASN A N  1 
ATOM 143  C CA . ASN A 1 30  ? -4.862  -12.599 -0.772  1.00 45.76 ? 130 ASN A CA 1 
ATOM 144  C C  . ASN A 1 30  ? -3.734  -13.276 -1.549  1.00 45.95 ? 130 ASN A C  1 
ATOM 145  O O  . ASN A 1 30  ? -2.569  -13.234 -1.140  1.00 44.58 ? 130 ASN A O  1 
ATOM 146  C CB . ASN A 1 30  ? -4.290  -11.574 0.211   1.00 20.00 ? 130 ASN A CB 1 
ATOM 147  N N  . LYS A 1 31  ? -4.097  -13.890 -2.677  1.00 21.25 ? 131 LYS A N  1 
ATOM 148  C CA . LYS A 1 31  ? -3.160  -14.593 -3.564  1.00 25.29 ? 131 LYS A CA 1 
ATOM 149  C C  . LYS A 1 31  ? -2.531  -15.828 -2.913  1.00 22.57 ? 131 LYS A C  1 
ATOM 150  O O  . LYS A 1 31  ? -2.786  -16.128 -1.745  1.00 21.33 ? 131 LYS A O  1 
ATOM 151  C CB . LYS A 1 31  ? -2.080  -13.643 -4.109  1.00 24.20 ? 131 LYS A CB 1 
ATOM 152  N N  . ARG A 1 32  ? -1.713  -16.538 -3.688  1.00 20.10 ? 132 ARG A N  1 
ATOM 153  C CA . ARG A 1 32  ? -1.049  -17.758 -3.231  1.00 23.82 ? 132 ARG A CA 1 
ATOM 154  C C  . ARG A 1 32  ? -0.212  -17.523 -1.978  1.00 27.84 ? 132 ARG A C  1 
ATOM 155  O O  . ARG A 1 32  ? -0.261  -18.317 -1.034  1.00 28.08 ? 132 ARG A O  1 
ATOM 156  C CB . ARG A 1 32  ? -0.183  -18.349 -4.347  1.00 21.44 ? 132 ARG A CB 1 
ATOM 157  N N  . ASP A 1 33  ? 0.538   -16.421 -1.971  1.00 27.24 ? 133 ASP A N  1 
ATOM 158  C CA . ASP A 1 33  ? 1.386   -16.050 -0.840  1.00 29.88 ? 133 ASP A CA 1 
ATOM 159  C C  . ASP A 1 33  ? 0.579   -15.959 0.450   1.00 21.01 ? 133 ASP A C  1 
ATOM 160  O O  . ASP A 1 33  ? 1.139   -15.804 1.534   1.00 24.11 ? 133 ASP A O  1 
ATOM 161  C CB . ASP A 1 33  ? 2.108   -14.730 -1.115  1.00 22.00 ? 133 ASP A CB 1 
ATOM 162  N N  . MET A 1 34  ? -0.741  -16.053 0.314   1.00 27.06 ? 134 MET A N  1 
ATOM 163  C CA . MET A 1 34  ? -1.639  -16.152 1.454   1.00 23.15 ? 134 MET A CA 1 
ATOM 164  C C  . MET A 1 34  ? -2.425  -17.459 1.405   1.00 31.05 ? 134 MET A C  1 
ATOM 165  O O  . MET A 1 34  ? -2.788  -18.010 2.449   1.00 33.03 ? 134 MET A O  1 
ATOM 166  C CB . MET A 1 34  ? -2.593  -14.958 1.495   1.00 30.17 ? 134 MET A CB 1 
ATOM 167  N N  . GLU A 1 35  ? -2.674  -17.949 0.189   1.00 32.10 ? 135 GLU A N  1 
ATOM 168  C CA . GLU A 1 35  ? -3.444  -19.183 -0.032  1.00 30.93 ? 135 GLU A CA 1 
ATOM 169  C C  . GLU A 1 35  ? -2.717  -20.442 0.450   1.00 29.41 ? 135 GLU A C  1 
ATOM 170  O O  . GLU A 1 35  ? -3.354  -21.463 0.735   1.00 28.11 ? 135 GLU A O  1 
ATOM 171  C CB . GLU A 1 35  ? -3.830  -19.329 -1.507  1.00 31.56 ? 135 GLU A CB 1 
ATOM 172  N N  . LEU A 1 36  ? -1.388  -20.364 0.524   1.00 25.26 ? 136 LEU A N  1 
ATOM 173  C CA . LEU A 1 36  ? -0.573  -21.419 1.118   1.00 27.39 ? 136 LEU A CA 1 
ATOM 174  C C  . LEU A 1 36  ? -0.286  -21.093 2.578   1.00 29.84 ? 136 LEU A C  1 
ATOM 175  O O  . LEU A 1 36  ? 0.002   -21.987 3.374   1.00 30.16 ? 136 LEU A O  1 
ATOM 176  C CB . LEU A 1 36  ? 0.739   -21.579 0.351   1.00 28.31 ? 136 LEU A CB 1 
ATOM 177  N N  . ILE A 1 37  ? -0.391  -19.809 2.920   1.00 21.37 ? 137 ILE A N  1 
ATOM 178  C CA . ILE A 1 37  ? -0.006  -19.304 4.237   1.00 29.72 ? 137 ILE A CA 1 
ATOM 179  C C  . ILE A 1 37  ? -1.133  -19.313 5.265   1.00 32.17 ? 137 ILE A C  1 
ATOM 180  O O  . ILE A 1 37  ? -1.003  -19.934 6.321   1.00 33.62 ? 137 ILE A O  1 
ATOM 181  C CB . ILE A 1 37  ? 0.574   -17.878 4.143   1.00 30.63 ? 137 ILE A CB 1 
ATOM 182  N N  . ASP A 1 38  ? -2.225  -18.617 4.962   1.00 31.22 ? 138 ASP A N  1 
ATOM 183  C CA . ASP A 1 38  ? -3.355  -18.499 5.882   1.00 36.63 ? 138 ASP A CA 1 
ATOM 184  C C  . ASP A 1 38  ? -4.124  -19.812 6.029   1.00 33.71 ? 138 ASP A C  1 
ATOM 185  O O  . ASP A 1 38  ? -4.741  -20.070 7.069   1.00 31.48 ? 138 ASP A O  1 
ATOM 186  C CB . ASP A 1 38  ? -4.295  -17.385 5.427   1.00 35.33 ? 138 ASP A CB 1 
ATOM 187  N N  . ASP A 1 39  ? -4.078  -20.631 4.979   1.00 34.91 ? 139 ASP A N  1 
ATOM 188  C CA . ASP A 1 39  ? -4.704  -21.956 4.972   1.00 33.84 ? 139 ASP A CA 1 
ATOM 189  C C  . ASP A 1 39  ? -3.690  -23.076 5.253   1.00 31.13 ? 139 ASP A C  1 
ATOM 190  O O  . ASP A 1 39  ? -3.760  -24.158 4.656   1.00 29.05 ? 139 ASP A O  1 
ATOM 191  C CB . ASP A 1 39  ? -5.424  -22.203 3.640   1.00 32.46 ? 139 ASP A CB 1 
ATOM 192  N N  . SER A 1 40  ? -2.744  -22.799 6.153   1.00 47.61 ? 140 SER A N  1 
ATOM 193  C CA . SER A 1 40  ? -1.822  -23.809 6.676   1.00 46.09 ? 140 SER A CA 1 
ATOM 194  C C  . SER A 1 40  ? -2.354  -24.331 8.011   1.00 45.57 ? 140 SER A C  1 
ATOM 195  O O  . SER A 1 40  ? -2.266  -25.528 8.302   1.00 45.93 ? 140 SER A O  1 
ATOM 196  C CB . SER A 1 40  ? -0.415  -23.231 6.839   1.00 20.00 ? 140 SER A CB 1 
ATOM 197  N N  . THR A 1 41  ? -2.901  -23.419 8.814   1.00 40.93 ? 141 THR A N  1 
ATOM 198  C CA . THR A 1 41  ? -3.648  -23.770 10.018  1.00 39.34 ? 141 THR A CA 1 
ATOM 199  C C  . THR A 1 41  ? -5.141  -23.639 9.720   1.00 35.12 ? 141 THR A C  1 
ATOM 200  O O  . THR A 1 41  ? -5.716  -22.550 9.828   1.00 37.08 ? 141 THR A O  1 
ATOM 201  C CB . THR A 1 41  ? -3.262  -22.873 11.210  1.00 38.56 ? 141 THR A CB 1 
ATOM 202  N N  . LEU A 1 42  ? -5.751  -24.762 9.343   1.00 36.60 ? 142 LEU A N  1 
ATOM 203  C CA . LEU A 1 42  ? -7.113  -24.788 8.804   1.00 38.82 ? 142 LEU A CA 1 
ATOM 204  C C  . LEU A 1 42  ? -8.210  -24.907 9.865   1.00 36.94 ? 142 LEU A C  1 
ATOM 205  O O  . LEU A 1 42  ? -9.159  -24.118 9.873   1.00 38.65 ? 142 LEU A O  1 
ATOM 206  C CB . LEU A 1 42  ? -7.249  -25.903 7.764   1.00 40.53 ? 142 LEU A CB 1 
ATOM 207  N N  . TRP A 1 43  ? -8.084  -25.901 10.746  1.00 35.81 ? 143 TRP A N  1 
ATOM 208  C CA . TRP A 1 43  ? -9.043  -26.098 11.839  1.00 31.75 ? 143 TRP A CA 1 
ATOM 209  C C  . TRP A 1 43  ? -8.842  -25.064 12.956  1.00 31.74 ? 143 TRP A C  1 
ATOM 210  O O  . TRP A 1 43  ? -9.649  -24.975 13.887  1.00 32.61 ? 143 TRP A O  1 
ATOM 211  C CB . TRP A 1 43  ? -8.960  -27.526 12.390  1.00 33.62 ? 143 TRP A CB 1 
ATOM 212  N N  . ASN A 1 44  ? -7.757  -24.296 12.852  1.00 37.69 ? 144 ASN A N  1 
ATOM 213  C CA . ASN A 1 44  ? -7.507  -23.154 13.728  1.00 39.28 ? 144 ASN A CA 1 
ATOM 214  C C  . ASN A 1 44  ? -8.168  -21.882 13.194  1.00 40.19 ? 144 ASN A C  1 
ATOM 215  O O  . ASN A 1 44  ? -8.466  -20.967 13.962  1.00 39.38 ? 144 ASN A O  1 
ATOM 216  C CB . ASN A 1 44  ? -6.004  -22.937 13.910  1.00 42.37 ? 144 ASN A CB 1 
ATOM 217  N N  . LEU A 1 45  ? -8.389  -21.834 11.881  1.00 28.21 ? 145 LEU A N  1 
ATOM 218  C CA . LEU A 1 45  ? -9.124  -20.741 11.244  1.00 29.63 ? 145 LEU A CA 1 
ATOM 219  C C  . LEU A 1 45  ? -10.619 -20.851 11.517  1.00 30.71 ? 145 LEU A C  1 
ATOM 220  O O  . LEU A 1 45  ? -11.275 -19.851 11.801  1.00 32.91 ? 145 LEU A O  1 
ATOM 221  C CB . LEU A 1 45  ? -8.882  -20.731 9.735   1.00 27.45 ? 145 LEU A CB 1 
ATOM 222  N N  . GLU A 1 46  ? -11.138 -22.075 11.439  1.00 31.37 ? 146 GLU A N  1 
ATOM 223  C CA . GLU A 1 46  ? -12.570 -22.355 11.602  1.00 36.36 ? 146 GLU A CA 1 
ATOM 224  C C  . GLU A 1 46  ? -13.015 -22.511 13.067  1.00 38.21 ? 146 GLU A C  1 
ATOM 225  O O  . GLU A 1 46  ? -14.041 -23.144 13.352  1.00 39.84 ? 146 GLU A O  1 
ATOM 226  C CB . GLU A 1 46  ? -12.951 -23.603 10.792  1.00 35.48 ? 146 GLU A CB 1 
ATOM 227  N N  . LYS A 1 47  ? -12.253 -21.917 13.984  1.00 31.56 ? 147 LYS A N  1 
ATOM 228  C CA . LYS A 1 47  ? -12.501 -22.046 15.423  1.00 37.82 ? 147 LYS A CA 1 
ATOM 229  C C  . LYS A 1 47  ? -13.685 -21.199 15.909  1.00 40.15 ? 147 LYS A C  1 
ATOM 230  O O  . LYS A 1 47  ? -14.768 -21.731 16.178  1.00 33.36 ? 147 LYS A O  1 
ATOM 231  C CB . LYS A 1 47  ? -11.231 -21.712 16.219  1.00 39.61 ? 147 LYS A CB 1 
ATOM 232  N N  . GLU A 1 48  ? -13.470 -19.886 16.013  1.00 39.27 ? 148 GLU A N  1 
ATOM 233  C CA . GLU A 1 48  ? -14.497 -18.951 16.481  1.00 35.59 ? 148 GLU A CA 1 
ATOM 234  C C  . GLU A 1 48  ? -15.629 -18.746 15.466  1.00 38.46 ? 148 GLU A C  1 
ATOM 235  O O  . GLU A 1 48  ? -16.624 -18.080 15.765  1.00 31.78 ? 148 GLU A O  1 
ATOM 236  C CB . GLU A 1 48  ? -13.862 -17.604 16.847  1.00 38.91 ? 148 GLU A CB 1 
ATOM 237  N N  . VAL A 1 49  ? -15.465 -19.325 14.275  1.00 39.23 ? 149 VAL A N  1 
ATOM 238  C CA . VAL A 1 49  ? -16.441 -19.213 13.189  1.00 37.47 ? 149 VAL A CA 1 
ATOM 239  C C  . VAL A 1 49  ? -17.759 -19.904 13.538  1.00 39.21 ? 149 VAL A C  1 
ATOM 240  O O  . VAL A 1 49  ? -18.822 -19.280 13.505  1.00 28.36 ? 149 VAL A O  1 
ATOM 241  C CB . VAL A 1 49  ? -15.885 -19.784 11.864  1.00 38.24 ? 149 VAL A CB 1 
ATOM 242  N N  . GLU A 1 50  ? -17.683 -21.188 13.883  1.00 29.72 ? 150 GLU A N  1 
ATOM 243  C CA . GLU A 1 50  ? -18.865 -21.954 14.286  1.00 36.87 ? 150 GLU A CA 1 
ATOM 244  C C  . GLU A 1 50  ? -19.341 -21.562 15.686  1.00 37.99 ? 150 GLU A C  1 
ATOM 245  O O  . GLU A 1 50  ? -20.415 -21.988 16.125  1.00 35.48 ? 150 GLU A O  1 
ATOM 246  C CB . GLU A 1 50  ? -18.580 -23.459 14.221  1.00 31.93 ? 150 GLU A CB 1 
ATOM 247  N N  . ASN A 1 51  ? -18.538 -20.749 16.371  1.00 36.39 ? 151 ASN A N  1 
ATOM 248  C CA . ASN A 1 51  ? -18.824 -20.324 17.740  1.00 35.38 ? 151 ASN A CA 1 
ATOM 249  C C  . ASN A 1 51  ? -19.944 -19.278 17.827  1.00 32.93 ? 151 ASN A C  1 
ATOM 250  O O  . ASN A 1 51  ? -21.096 -19.622 18.120  1.00 31.83 ? 151 ASN A O  1 
ATOM 251  C CB . ASN A 1 51  ? -17.543 -19.829 18.429  1.00 37.92 ? 151 ASN A CB 1 
ATOM 252  N N  . ALA A 1 52  ? -19.606 -18.014 17.565  1.00 33.87 ? 152 ALA A N  1 
ATOM 253  C CA . ALA A 1 52  ? -20.566 -16.910 17.647  1.00 32.37 ? 152 ALA A CA 1 
ATOM 254  C C  . ALA A 1 52  ? -21.649 -16.996 16.567  1.00 33.21 ? 152 ALA A C  1 
ATOM 255  O O  . ALA A 1 52  ? -22.807 -16.637 16.809  1.00 35.61 ? 152 ALA A O  1 
ATOM 256  C CB . ALA A 1 52  ? -19.843 -15.567 17.584  1.00 36.26 ? 152 ALA A CB 1 
ATOM 257  N N  . THR A 1 53  ? -21.270 -17.486 15.387  1.00 32.37 ? 153 THR A N  1 
ATOM 258  C CA . THR A 1 53  ? -22.195 -17.614 14.261  1.00 31.92 ? 153 THR A CA 1 
ATOM 259  C C  . THR A 1 53  ? -23.089 -18.854 14.390  1.00 33.62 ? 153 THR A C  1 
ATOM 260  O O  . THR A 1 53  ? -23.985 -18.898 15.244  1.00 31.41 ? 153 THR A O  1 
ATOM 261  C CB . THR A 1 53  ? -21.448 -17.617 12.900  1.00 36.46 ? 153 THR A CB 1 
ATOM 262  N N  . LYS A 1 54  ? -22.835 -19.848 13.539  1.00 38.42 ? 154 LYS A N  1 
ATOM 263  C CA . LYS A 1 54  ? -23.636 -21.071 13.480  1.00 33.44 ? 154 LYS A CA 1 
ATOM 264  C C  . LYS A 1 54  ? -22.809 -22.248 12.962  1.00 34.18 ? 154 LYS A C  1 
ATOM 265  O O  . LYS A 1 54  ? -22.833 -23.334 13.545  1.00 39.36 ? 154 LYS A O  1 
ATOM 266  C CB . LYS A 1 54  ? -24.875 -20.861 12.598  1.00 32.28 ? 154 LYS A CB 1 
ATOM 267  N N  . LYS A 1 55  ? -22.079 -22.019 11.872  1.00 32.92 ? 155 LYS A N  1 
ATOM 268  C CA . LYS A 1 55  ? -21.277 -23.060 11.224  1.00 33.34 ? 155 LYS A CA 1 
ATOM 269  C C  . LYS A 1 55  ? -19.856 -22.582 10.897  1.00 35.89 ? 155 LYS A C  1 
ATOM 270  O O  . LYS A 1 55  ? -19.568 -21.382 10.936  1.00 36.54 ? 155 LYS A O  1 
ATOM 271  C CB . LYS A 1 55  ? -21.985 -23.571 9.964   1.00 36.67 ? 155 LYS A CB 1 
ATOM 272  N N  . VAL A 1 56  ? -18.978 -23.531 10.577  1.00 37.18 ? 156 VAL A N  1 
ATOM 273  C CA . VAL A 1 56  ? -17.556 -23.253 10.368  1.00 38.64 ? 156 VAL A CA 1 
ATOM 274  C C  . VAL A 1 56  ? -17.216 -22.819 8.940   1.00 40.22 ? 156 VAL A C  1 
ATOM 275  O O  . VAL A 1 56  ? -17.826 -23.290 7.975   1.00 40.03 ? 156 VAL A O  1 
ATOM 276  C CB . VAL A 1 56  ? -16.692 -24.473 10.739  1.00 20.00 ? 156 VAL A CB 1 
ATOM 277  N N  . THR A 1 57  ? -16.228 -21.932 8.824   1.00 43.04 ? 157 THR A N  1 
ATOM 278  C CA . THR A 1 57  ? -15.812 -21.358 7.540   1.00 44.52 ? 157 THR A CA 1 
ATOM 279  C C  . THR A 1 57  ? -14.565 -22.029 6.966   1.00 45.41 ? 157 THR A C  1 
ATOM 280  O O  . THR A 1 57  ? -13.551 -22.172 7.655   1.00 45.26 ? 157 THR A O  1 
ATOM 281  C CB . THR A 1 57  ? -15.544 -19.843 7.664   1.00 20.00 ? 157 THR A CB 1 
ATOM 282  N N  . VAL A 1 58  ? -14.648 -22.425 5.697   1.00 46.68 ? 158 VAL A N  1 
ATOM 283  C CA . VAL A 1 58  ? -13.540 -23.087 5.006   1.00 49.18 ? 158 VAL A CA 1 
ATOM 284  C C  . VAL A 1 58  ? -13.117 -22.323 3.751   1.00 51.78 ? 158 VAL A C  1 
ATOM 285  O O  . VAL A 1 58  ? -13.910 -22.156 2.820   1.00 51.88 ? 158 VAL A O  1 
ATOM 286  C CB . VAL A 1 58  ? -13.894 -24.541 4.620   1.00 20.00 ? 158 VAL A CB 1 
ATOM 287  N N  . LEU A 1 59  ? -11.865 -21.867 3.741   1.00 54.58 ? 159 LEU A N  1 
ATOM 288  C CA . LEU A 1 59  ? -11.306 -21.118 2.615   1.00 56.60 ? 159 LEU A CA 1 
ATOM 289  C C  . LEU A 1 59  ? -11.114 -22.006 1.390   1.00 57.83 ? 159 LEU A C  1 
ATOM 290  O O  . LEU A 1 59  ? -10.856 -23.206 1.519   1.00 58.07 ? 159 LEU A O  1 
ATOM 291  C CB . LEU A 1 59  ? -9.977  -20.474 3.008   1.00 20.00 ? 159 LEU A CB 1 
ATOM 292  N N  . LYS A 1 60  ? -11.238 -21.409 0.207   1.00 58.76 ? 160 LYS A N  1 
ATOM 293  C CA . LYS A 1 60  ? -11.155 -22.155 -1.047  1.00 58.73 ? 160 LYS A CA 1 
ATOM 294  C C  . LYS A 1 60  ? -10.258 -21.477 -2.087  1.00 58.36 ? 160 LYS A C  1 
ATOM 295  O O  . LYS A 1 60  ? -9.034  -21.477 -1.942  1.00 57.70 ? 160 LYS A O  1 
ATOM 296  C CB . LYS A 1 60  ? -12.557 -22.414 -1.611  1.00 20.00 ? 160 LYS A CB 1 
ATOM 297  N N  . LYS A 1 61  ? -10.875 -20.900 -3.120  1.00 58.09 ? 161 LYS A N  1 
ATOM 298  C CA . LYS A 1 61  ? -10.159 -20.325 -4.266  1.00 57.45 ? 161 LYS A CA 1 
ATOM 299  C C  . LYS A 1 61  ? -9.092  -19.307 -3.867  1.00 56.75 ? 161 LYS A C  1 
ATOM 300  O O  . LYS A 1 61  ? -9.238  -18.597 -2.868  1.00 56.48 ? 161 LYS A O  1 
ATOM 301  C CB . LYS A 1 61  ? -11.145 -19.698 -5.256  1.00 20.00 ? 161 LYS A CB 1 
ATOM 302  N N  . GLY A 1 62  ? -8.023  -19.251 -4.658  1.00 55.42 ? 162 GLY A N  1 
ATOM 303  C CA . GLY A 1 62  ? -6.896  -18.366 -4.386  1.00 53.86 ? 162 GLY A CA 1 
ATOM 304  C C  . GLY A 1 62  ? -6.706  -17.316 -5.459  1.00 52.34 ? 162 GLY A C  1 
ATOM 305  O O  . GLY A 1 62  ? -5.711  -17.335 -6.183  1.00 51.99 ? 162 GLY A O  1 
ATOM 306  N N  . GLU A 1 63  ? -7.669  -16.403 -5.556  1.00 50.56 ? 163 GLU A N  1 
ATOM 307  C CA . GLU A 1 63  ? -7.608  -15.294 -6.506  1.00 48.63 ? 163 GLU A CA 1 
ATOM 308  C C  . GLU A 1 63  ? -6.725  -14.170 -5.969  1.00 48.05 ? 163 GLU A C  1 
ATOM 309  O O  . GLU A 1 63  ? -6.907  -13.725 -4.834  1.00 50.36 ? 163 GLU A O  1 
ATOM 310  C CB . GLU A 1 63  ? -9.014  -14.762 -6.810  1.00 20.00 ? 163 GLU A CB 1 
ATOM 311  N N  . PRO A 1 64  ? -5.761  -13.716 -6.790  1.00 46.69 ? 164 PRO A N  1 
ATOM 312  C CA . PRO A 1 64  ? -4.775  -12.664 -6.534  1.00 44.72 ? 164 PRO A CA 1 
ATOM 313  C C  . PRO A 1 64  ? -5.447  -11.348 -6.169  1.00 43.89 ? 164 PRO A C  1 
ATOM 314  O O  . PRO A 1 64  ? -6.359  -10.904 -6.868  1.00 44.03 ? 164 PRO A O  1 
ATOM 315  C CB . PRO A 1 64  ? -4.041  -12.542 -7.872  1.00 20.00 ? 164 PRO A CB 1 
ATOM 316  N N  . VAL A 1 65  ? -4.993  -10.736 -5.080  1.00 40.47 ? 165 VAL A N  1 
ATOM 317  C CA . VAL A 1 65  ? -5.668  -9.575  -4.523  1.00 38.95 ? 165 VAL A CA 1 
ATOM 318  C C  . VAL A 1 65  ? -4.693  -8.471  -4.136  1.00 37.78 ? 165 VAL A C  1 
ATOM 319  O O  . VAL A 1 65  ? -4.005  -7.915  -4.994  1.00 37.15 ? 165 VAL A O  1 
ATOM 320  C CB . VAL A 1 65  ? -6.524  -9.969  -3.300  1.00 20.00 ? 165 VAL A CB 1 
ATOM 321  N N  . ASP A 1 66  ? -4.656  -8.157  -2.843  1.00 36.50 ? 166 ASP A N  1 
ATOM 322  C CA . ASP A 1 66  ? -3.801  -7.106  -2.305  1.00 33.92 ? 166 ASP A CA 1 
ATOM 323  C C  . ASP A 1 66  ? -3.078  -7.597  -1.052  1.00 32.99 ? 166 ASP A C  1 
ATOM 324  O O  . ASP A 1 66  ? -1.968  -8.125  -1.146  1.00 34.13 ? 166 ASP A O  1 
ATOM 325  C CB . ASP A 1 66  ? -4.621  -5.842  -2.012  1.00 20.00 ? 166 ASP A CB 1 
ATOM 326  N N  . ILE A 1 67  ? -3.710  -7.439  0.110   1.00 31.30 ? 167 ILE A N  1 
ATOM 327  C CA . ILE A 1 67  ? -3.114  -7.865  1.375   1.00 28.98 ? 167 ILE A CA 1 
ATOM 328  C C  . ILE A 1 67  ? -4.084  -8.634  2.272   1.00 28.85 ? 167 ILE A C  1 
ATOM 329  O O  . ILE A 1 67  ? -3.689  -9.600  2.931   1.00 27.91 ? 167 ILE A O  1 
ATOM 330  C CB . ILE A 1 67  ? -2.524  -6.676  2.161   1.00 20.00 ? 167 ILE A CB 1 
ATOM 331  N N  . ALA A 1 68  ? -5.345  -8.211  2.292   1.00 27.00 ? 168 ALA A N  1 
ATOM 332  C CA . ALA A 1 68  ? -6.360  -8.868  3.114   1.00 27.02 ? 168 ALA A CA 1 
ATOM 333  C C  . ALA A 1 68  ? -7.370  -9.639  2.271   1.00 27.44 ? 168 ALA A C  1 
ATOM 334  O O  . ALA A 1 68  ? -7.776  -9.185  1.202   1.00 28.43 ? 168 ALA A O  1 
ATOM 335  C CB . ALA A 1 68  ? -7.058  -7.857  4.003   1.00 20.00 ? 168 ALA A CB 1 
ATOM 336  N N  . GLY A 1 69  ? -7.772  -10.806 2.769   1.00 27.79 ? 169 GLY A N  1 
ATOM 337  C CA . GLY A 1 69  ? -8.656  -11.706 2.038   1.00 26.11 ? 169 GLY A CA 1 
ATOM 338  C C  . GLY A 1 69  ? -10.130 -11.389 2.183   1.00 26.54 ? 169 GLY A C  1 
ATOM 339  O O  . GLY A 1 69  ? -10.654 -11.340 3.296   1.00 26.24 ? 169 GLY A O  1 
ATOM 340  N N  . GLY A 1 70  ? -10.795 -11.182 1.047   1.00 26.47 ? 170 GLY A N  1 
ATOM 341  C CA . GLY A 1 70  ? -12.238 -10.945 1.002   1.00 26.76 ? 170 GLY A CA 1 
ATOM 342  C C  . GLY A 1 70  ? -13.027 -12.239 1.098   1.00 24.64 ? 170 GLY A C  1 
ATOM 343  O O  . GLY A 1 70  ? -12.925 -13.102 0.223   1.00 25.03 ? 170 GLY A O  1 
ATOM 344  N N  . CYS A 1 71  ? -13.819 -12.362 2.162   1.00 20.99 ? 171 CYS A N  1 
ATOM 345  C CA . CYS A 1 71  ? -14.566 -13.583 2.455   1.00 17.06 ? 171 CYS A CA 1 
ATOM 346  C C  . CYS A 1 71  ? -15.972 -13.570 1.855   1.00 17.59 ? 171 CYS A C  1 
ATOM 347  O O  . CYS A 1 71  ? -16.923 -13.112 2.490   1.00 17.21 ? 171 CYS A O  1 
ATOM 348  C CB . CYS A 1 71  ? -14.634 -13.803 3.968   1.00 20.00 ? 171 CYS A CB 1 
ATOM 349  N N  . ILE A 1 72  ? -16.091 -14.080 0.631   1.00 19.19 ? 172 ILE A N  1 
ATOM 350  C CA . ILE A 1 72  ? -17.372 -14.127 -0.080  1.00 21.51 ? 172 ILE A CA 1 
ATOM 351  C C  . ILE A 1 72  ? -18.026 -15.507 0.017   1.00 23.93 ? 172 ILE A C  1 
ATOM 352  O O  . ILE A 1 72  ? -17.358 -16.528 -0.154  1.00 23.92 ? 172 ILE A O  1 
ATOM 353  C CB . ILE A 1 72  ? -17.207 -13.746 -1.565  1.00 20.00 ? 172 ILE A CB 1 
ATOM 354  N N  . ILE A 1 73  ? -19.334 -15.524 0.279   1.00 25.45 ? 173 ILE A N  1 
ATOM 355  C CA . ILE A 1 73  ? -20.082 -16.766 0.519   1.00 28.28 ? 173 ILE A CA 1 
ATOM 356  C C  . ILE A 1 73  ? -20.275 -17.609 -0.743  1.00 29.05 ? 173 ILE A C  1 
ATOM 357  O O  . ILE A 1 73  ? -20.354 -17.073 -1.853  1.00 28.50 ? 173 ILE A O  1 
ATOM 358  C CB . ILE A 1 73  ? -21.456 -16.486 1.169   1.00 20.00 ? 173 ILE A CB 1 
ATOM 359  N N  . GLU A 1 74  ? -20.338 -18.928 -0.557  1.00 29.62 ? 174 GLU A N  1 
ATOM 360  C CA . GLU A 1 74  ? -20.551 -19.877 -1.651  1.00 29.96 ? 174 GLU A CA 1 
ATOM 361  C C  . GLU A 1 74  ? -21.960 -19.720 -2.208  1.00 30.83 ? 174 GLU A C  1 
ATOM 362  O O  . GLU A 1 74  ? -22.142 -19.571 -3.418  1.00 30.74 ? 174 GLU A O  1 
ATOM 363  C CB . GLU A 1 74  ? -20.311 -21.314 -1.181  1.00 20.00 ? 174 GLU A CB 1 
ATOM 364  N N  . THR A 1 75  ? -22.950 -19.767 -1.318  1.00 32.93 ? 175 THR A N  1 
ATOM 365  C CA . THR A 1 75  ? -24.290 -19.301 -1.636  1.00 33.78 ? 175 THR A CA 1 
ATOM 366  C C  . THR A 1 75  ? -24.212 -17.789 -1.488  1.00 34.73 ? 175 THR A C  1 
ATOM 367  O O  . THR A 1 75  ? -24.330 -17.256 -0.382  1.00 35.26 ? 175 THR A O  1 
ATOM 368  C CB . THR A 1 75  ? -25.346 -19.876 -0.678  1.00 20.00 ? 175 THR A CB 1 
ATOM 369  N N  . ALA A 1 76  ? -23.986 -17.115 -2.613  1.00 33.44 ? 176 ALA A N  1 
ATOM 370  C CA . ALA A 1 76  ? -23.613 -15.697 -2.639  1.00 30.74 ? 176 ALA A CA 1 
ATOM 371  C C  . ALA A 1 76  ? -24.739 -14.737 -2.247  1.00 29.88 ? 176 ALA A C  1 
ATOM 372  O O  . ALA A 1 76  ? -25.022 -13.772 -2.958  1.00 28.68 ? 176 ALA A O  1 
ATOM 373  C CB . ALA A 1 76  ? -23.029 -15.325 -4.011  1.00 20.00 ? 176 ALA A CB 1 
ATOM 374  N N  . ASP A 1 77  ? -25.365 -15.005 -1.104  1.00 30.52 ? 177 ASP A N  1 
ATOM 375  C CA . ASP A 1 77  ? -26.379 -14.119 -0.552  1.00 30.38 ? 177 ASP A CA 1 
ATOM 376  C C  . ASP A 1 77  ? -25.740 -12.820 -0.071  1.00 28.14 ? 177 ASP A C  1 
ATOM 377  O O  . ASP A 1 77  ? -26.413 -11.795 0.025   1.00 26.68 ? 177 ASP A O  1 
ATOM 378  C CB . ASP A 1 77  ? -27.125 -14.802 0.594   1.00 20.00 ? 177 ASP A CB 1 
ATOM 379  N N  . GLY A 1 78  ? -24.442 -12.876 0.223   1.00 26.64 ? 178 GLY A N  1 
ATOM 380  C CA . GLY A 1 78  ? -23.671 -11.711 0.657   1.00 26.79 ? 178 GLY A CA 1 
ATOM 381  C C  . GLY A 1 78  ? -22.218 -11.801 0.238   1.00 25.43 ? 178 GLY A C  1 
ATOM 382  O O  . GLY A 1 78  ? -21.726 -12.883 -0.087  1.00 25.31 ? 178 GLY A O  1 
ATOM 383  N N  . LEU A 1 79  ? -21.532 -10.660 0.241   1.00 24.22 ? 179 LEU A N  1 
ATOM 384  C CA . LEU A 1 79  ? -20.118 -10.602 -0.133  1.00 21.45 ? 179 LEU A CA 1 
ATOM 385  C C  . LEU A 1 79  ? -19.380 -9.469  0.582   1.00 22.34 ? 179 LEU A C  1 
ATOM 386  O O  . LEU A 1 79  ? -19.408 -8.315  0.144   1.00 23.85 ? 179 LEU A O  1 
ATOM 387  C CB . LEU A 1 79  ? -19.959 -10.484 -1.654  1.00 20.00 ? 179 LEU A CB 1 
ATOM 388  N N  . LYS A 1 80  ? -18.728 -9.811  1.690   1.00 22.58 ? 180 LYS A N  1 
ATOM 389  C CA . LYS A 1 80  ? -17.936 -8.858  2.462   1.00 21.65 ? 180 LYS A CA 1 
ATOM 390  C C  . LYS A 1 80  ? -16.562 -8.660  1.830   1.00 20.11 ? 180 LYS A C  1 
ATOM 391  O O  . LYS A 1 80  ? -15.797 -9.613  1.680   1.00 20.68 ? 180 LYS A O  1 
ATOM 392  C CB . LYS A 1 80  ? -17.800 -9.324  3.914   1.00 20.00 ? 180 LYS A CB 1 
ATOM 393  N N  . SER A 1 81  ? -16.253 -7.424  1.457   1.00 19.78 ? 181 SER A N  1 
ATOM 394  C CA . SER A 1 81  ? -15.003 -7.127  0.765   1.00 19.98 ? 181 SER A CA 1 
ATOM 395  C C  . SER A 1 81  ? -13.930 -6.584  1.708   1.00 19.83 ? 181 SER A C  1 
ATOM 396  O O  . SER A 1 81  ? -13.444 -5.464  1.540   1.00 21.45 ? 181 SER A O  1 
ATOM 397  C CB . SER A 1 81  ? -15.246 -6.161  -0.400  1.00 20.00 ? 181 SER A CB 1 
ATOM 398  N N  . LEU A 1 82  ? -13.559 -7.389  2.700   1.00 18.88 ? 182 LEU A N  1 
ATOM 399  C CA . LEU A 1 82  ? -12.503 -7.011  3.630   1.00 18.14 ? 182 LEU A CA 1 
ATOM 400  C C  . LEU A 1 82  ? -11.125 -7.225  2.997   1.00 19.19 ? 182 LEU A C  1 
ATOM 401  O O  . LEU A 1 82  ? -10.385 -8.133  3.377   1.00 19.90 ? 182 LEU A O  1 
ATOM 402  C CB . LEU A 1 82  ? -12.640 -7.778  4.947   1.00 20.00 ? 182 LEU A CB 1 
ATOM 403  N N  . ASP A 1 83  ? -10.806 -6.393  2.010   1.00 19.13 ? 183 ASP A N  1 
ATOM 404  C CA . ASP A 1 83  ? -9.481  -6.374  1.403   1.00 18.65 ? 183 ASP A CA 1 
ATOM 405  C C  . ASP A 1 83  ? -8.654  -5.283  2.070   1.00 19.44 ? 183 ASP A C  1 
ATOM 406  O O  . ASP A 1 83  ? -9.174  -4.517  2.879   1.00 17.59 ? 183 ASP A O  1 
ATOM 407  C CB . ASP A 1 83  ? -9.577  -6.120  -0.101  1.00 20.00 ? 183 ASP A CB 1 
ATOM 408  N N  . ASN A 1 84  ? -7.368  -5.220  1.747   1.00 20.49 ? 184 ASN A N  1 
ATOM 409  C CA . ASN A 1 84  ? -6.522  -4.147  2.257   1.00 21.57 ? 184 ASN A CA 1 
ATOM 410  C C  . ASN A 1 84  ? -6.830  -2.829  1.557   1.00 21.52 ? 184 ASN A C  1 
ATOM 411  O O  . ASN A 1 84  ? -6.827  -1.772  2.189   1.00 19.75 ? 184 ASN A O  1 
ATOM 412  C CB . ASN A 1 84  ? -5.044  -4.498  2.105   1.00 20.00 ? 184 ASN A CB 1 
ATOM 413  N N  . SER A 1 85  ? -7.105  -2.913  0.253   1.00 21.18 ? 185 SER A N  1 
ATOM 414  C CA . SER A 1 85  ? -7.434  -1.753  -0.575  1.00 20.83 ? 185 SER A CA 1 
ATOM 415  C C  . SER A 1 85  ? -8.841  -1.228  -0.291  1.00 20.98 ? 185 SER A C  1 
ATOM 416  O O  . SER A 1 85  ? -9.143  -0.067  -0.561  1.00 19.01 ? 185 SER A O  1 
ATOM 417  C CB . SER A 1 85  ? -7.286  -2.104  -2.057  1.00 20.00 ? 185 SER A CB 1 
ATOM 418  N N  . LEU A 1 86  ? -9.693  -2.095  0.249   1.00 20.67 ? 186 LEU A N  1 
ATOM 419  C CA . LEU A 1 86  ? -11.040 -1.713  0.673   1.00 19.57 ? 186 LEU A CA 1 
ATOM 420  C C  . LEU A 1 86  ? -11.073 -1.404  2.173   1.00 19.36 ? 186 LEU A C  1 
ATOM 421  O O  . LEU A 1 86  ? -12.142 -1.374  2.794   1.00 19.50 ? 186 LEU A O  1 
ATOM 422  C CB . LEU A 1 86  ? -12.042 -2.818  0.329   1.00 20.00 ? 186 LEU A CB 1 
ATOM 423  N N  . GLU A 1 87  ? -9.884  -1.188  2.738   1.00 17.65 ? 187 GLU A N  1 
ATOM 424  C CA . GLU A 1 87  ? -9.716  -0.803  4.137   1.00 16.82 ? 187 GLU A CA 1 
ATOM 425  C C  . GLU A 1 87  ? -8.769  0.387   4.230   1.00 16.10 ? 187 GLU A C  1 
ATOM 426  O O  . GLU A 1 87  ? -8.810  1.143   5.198   1.00 14.24 ? 187 GLU A O  1 
ATOM 427  C CB . GLU A 1 87  ? -9.170  -1.970  4.963   1.00 20.00 ? 187 GLU A CB 1 
ATOM 428  N N  . ALA A 1 88  ? -7.921  0.536   3.212   1.00 15.53 ? 188 ALA A N  1 
ATOM 429  C CA . ALA A 1 88  ? -6.946  1.629   3.134   1.00 16.45 ? 188 ALA A CA 1 
ATOM 430  C C  . ALA A 1 88  ? -7.341  2.691   2.108   1.00 18.41 ? 188 ALA A C  1 
ATOM 431  O O  . ALA A 1 88  ? -6.839  3.815   2.150   1.00 18.88 ? 188 ALA A O  1 
ATOM 432  C CB . ALA A 1 88  ? -5.552  1.086   2.832   1.00 20.00 ? 188 ALA A CB 1 
ATOM 433  N N  . ILE A 1 89  ? -8.219  2.324   1.177   1.00 19.43 ? 189 ILE A N  1 
ATOM 434  C CA . ILE A 1 89  ? -8.830  3.288   0.265   1.00 16.60 ? 189 ILE A CA 1 
ATOM 435  C C  . ILE A 1 89  ? -10.239 3.606   0.755   1.00 16.25 ? 189 ILE A C  1 
ATOM 436  O O  . ILE A 1 89  ? -10.917 4.489   0.223   1.00 14.55 ? 189 ILE A O  1 
ATOM 437  C CB . ILE A 1 89  ? -8.874  2.775   -1.189  1.00 20.00 ? 189 ILE A CB 1 
ATOM 438  N N  . PHE A 1 90  ? -10.662 2.871   1.779   1.00 17.63 ? 190 PHE A N  1 
ATOM 439  C CA . PHE A 1 90  ? -11.939 3.111   2.430   1.00 19.58 ? 190 PHE A CA 1 
ATOM 440  C C  . PHE A 1 90  ? -11.753 3.889   3.726   1.00 20.00 ? 190 PHE A C  1 
ATOM 441  O O  . PHE A 1 90  ? -12.675 4.572   4.176   1.00 19.13 ? 190 PHE A O  1 
ATOM 442  C CB . PHE A 1 90  ? -12.658 1.793   2.711   1.00 20.00 ? 190 PHE A CB 1 
ATOM 443  N N  . ASN A 1 91  ? -10.565 3.785   4.323   1.00 20.25 ? 191 ASN A N  1 
ATOM 444  C CA . ASN A 1 91  ? -10.245 4.535   5.542   1.00 20.23 ? 191 ASN A CA 1 
ATOM 445  C C  . ASN A 1 91  ? -10.048 6.023   5.268   1.00 20.13 ? 191 ASN A C  1 
ATOM 446  O O  . ASN A 1 91  ? -10.265 6.855   6.156   1.00 21.61 ? 191 ASN A O  1 
ATOM 447  C CB . ASN A 1 91  ? -9.011  3.959   6.237   1.00 20.00 ? 191 ASN A CB 1 
ATOM 448  N N  . ARG A 1 92  ? -9.630  6.344   4.043   1.00 20.96 ? 192 ARG A N  1 
ATOM 449  C CA . ARG A 1 92  ? -9.512  7.728   3.581   1.00 18.64 ? 192 ARG A CA 1 
ATOM 450  C C  . ARG A 1 92  ? -10.898 8.301   3.309   1.00 18.74 ? 192 ARG A C  1 
ATOM 451  O O  . ARG A 1 92  ? -11.213 9.409   3.744   1.00 19.65 ? 192 ARG A O  1 
ATOM 452  C CB . ARG A 1 92  ? -8.641  7.814   2.324   1.00 20.00 ? 192 ARG A CB 1 
ATOM 453  N N  . ASN A 1 93  ? -11.721 7.525   2.602   1.00 18.71 ? 193 ASN A N  1 
ATOM 454  C CA . ASN A 1 93  ? -13.118 7.879   2.343   1.00 16.74 ? 193 ASN A CA 1 
ATOM 455  C C  . ASN A 1 93  ? -13.887 8.180   3.629   1.00 16.05 ? 193 ASN A C  1 
ATOM 456  O O  . ASN A 1 93  ? -14.882 8.904   3.611   1.00 14.41 ? 193 ASN A O  1 
ATOM 457  C CB . ASN A 1 93  ? -13.819 6.770   1.551   1.00 20.00 ? 193 ASN A CB 1 
ATOM 458  N N  . LEU A 1 94  ? -13.416 7.621   4.738   1.00 17.01 ? 194 LEU A N  1 
ATOM 459  C CA . LEU A 1 94  ? -13.964 7.927   6.045   1.00 18.19 ? 194 LEU A CA 1 
ATOM 460  C C  . LEU A 1 94  ? -13.509 9.313   6.491   1.00 17.65 ? 194 LEU A C  1 
ATOM 461  O O  . LEU A 1 94  ? -14.316 10.114  6.961   1.00 16.25 ? 194 LEU A O  1 
ATOM 462  C CB . LEU A 1 94  ? -13.538 6.871   7.067   1.00 20.00 ? 194 LEU A CB 1 
ATOM 463  N N  . ASN A 1 95  ? -12.219 9.591   6.319   1.00 18.69 ? 195 ASN A N  1 
ATOM 464  C CA . ASN A 1 95  ? -11.627 10.846  6.773   1.00 18.81 ? 195 ASN A CA 1 
ATOM 465  C C  . ASN A 1 95  ? -11.997 12.043  5.905   1.00 19.78 ? 195 ASN A C  1 
ATOM 466  O O  . ASN A 1 95  ? -12.230 13.135  6.423   1.00 15.81 ? 195 ASN A O  1 
ATOM 467  C CB . ASN A 1 95  ? -10.108 10.717  6.871   1.00 20.00 ? 195 ASN A CB 1 
ATOM 468  N N  . VAL A 1 96  ? -12.050 11.831  4.591   1.00 23.13 ? 196 VAL A N  1 
ATOM 469  C CA . VAL A 1 96  ? -12.366 12.898  3.634   1.00 26.03 ? 196 VAL A CA 1 
ATOM 470  C C  . VAL A 1 96  ? -13.789 13.411  3.813   1.00 27.98 ? 196 VAL A C  1 
ATOM 471  O O  . VAL A 1 96  ? -14.071 14.583  3.555   1.00 29.94 ? 196 VAL A O  1 
ATOM 472  C CB . VAL A 1 96  ? -12.182 12.438  2.174   1.00 20.00 ? 196 VAL A CB 1 
ATOM 473  N N  . ILE A 1 97  ? -14.675 12.520  4.250   1.00 29.32 ? 197 ILE A N  1 
ATOM 474  C CA . ILE A 1 97  ? -16.053 12.873  4.550   1.00 31.37 ? 197 ILE A CA 1 
ATOM 475  C C  . ILE A 1 97  ? -16.138 13.509  5.929   1.00 31.26 ? 197 ILE A C  1 
ATOM 476  O O  . ILE A 1 97  ? -16.957 14.400  6.157   1.00 31.73 ? 197 ILE A O  1 
ATOM 477  C CB . ILE A 1 97  ? -16.971 11.644  4.502   1.00 20.00 ? 197 ILE A CB 1 
ATOM 478  N N  . ARG A 1 98  ? -15.281 13.045  6.839   1.00 31.78 ? 198 ARG A N  1 
ATOM 479  C CA . ARG A 1 98  ? -15.230 13.567  8.204   1.00 29.24 ? 198 ARG A CA 1 
ATOM 480  C C  . ARG A 1 98  ? -14.568 14.945  8.273   1.00 28.19 ? 198 ARG A C  1 
ATOM 481  O O  . ARG A 1 98  ? -14.836 15.717  9.194   1.00 28.89 ? 198 ARG A O  1 
ATOM 482  C CB . ARG A 1 98  ? -14.522 12.582  9.135   1.00 20.00 ? 198 ARG A CB 1 
ATOM 483  N N  . ALA A 1 99  ? -13.705 15.243  7.304   1.00 27.47 ? 199 ALA A N  1 
ATOM 484  C CA . ALA A 1 99  ? -13.157 16.588  7.149   1.00 27.43 ? 199 ALA A CA 1 
ATOM 485  C C  . ALA A 1 99  ? -14.212 17.489  6.514   1.00 26.98 ? 199 ALA A C  1 
ATOM 486  O O  . ALA A 1 99  ? -14.249 18.696  6.762   1.00 27.49 ? 199 ALA A O  1 
ATOM 487  C CB . ALA A 1 99  ? -11.899 16.556  6.306   1.00 20.00 ? 199 ALA A CB 1 
ATOM 488  N N  . ARG A 1 100 ? -15.068 16.880  5.695   1.00 27.12 ? 200 ARG A N  1 
ATOM 489  C CA . ARG A 1 100 ? -16.211 17.558  5.095   1.00 29.39 ? 200 ARG A CA 1 
ATOM 490  C C  . ARG A 1 100 ? -17.313 17.741  6.126   1.00 30.87 ? 200 ARG A C  1 
ATOM 491  O O  . ARG A 1 100 ? -18.198 18.573  5.955   1.00 31.70 ? 200 ARG A O  1 
ATOM 492  C CB . ARG A 1 100 ? -16.740 16.764  3.901   1.00 20.00 ? 200 ARG A CB 1 
ATOM 493  N N  . ILE A 1 101 ? -17.250 16.951  7.192   1.00 32.67 ? 201 ILE A N  1 
ATOM 494  C CA . ILE A 1 101 ? -18.170 17.076  8.317   1.00 34.27 ? 201 ILE A CA 1 
ATOM 495  C C  . ILE A 1 101 ? -17.563 17.930  9.435   1.00 35.25 ? 201 ILE A C  1 
ATOM 496  O O  . ILE A 1 101 ? -17.836 17.719  10.622  1.00 36.21 ? 201 ILE A O  1 
ATOM 497  C CB . ILE A 1 101 ? -18.586 15.693  8.865   1.00 20.00 ? 201 ILE A CB 1 
ATOM 498  N N  . THR A 1 102 ? -16.729 18.891  9.044   1.00 36.92 ? 202 THR A N  1 
ATOM 499  C CA . THR A 1 102 ? -16.191 19.879  9.971   1.00 39.54 ? 202 THR A CA 1 
ATOM 500  C C  . THR A 1 102 ? -16.797 21.251  9.676   1.00 41.21 ? 202 THR A C  1 
ATOM 501  O O  . THR A 1 102 ? -16.345 22.271  10.202  1.00 39.95 ? 202 THR A O  1 
ATOM 502  C CB . THR A 1 102 ? -14.656 19.955  9.885   1.00 20.00 ? 202 THR A CB 1 
ATOM 503  N N  . GLU A 1 103 ? -17.826 21.258  8.830   1.00 44.05 ? 203 GLU A N  1 
ATOM 504  C CA . GLU A 1 103 ? -18.509 22.482  8.420   1.00 46.93 ? 203 GLU A CA 1 
ATOM 505  C C  . GLU A 1 103 ? -19.922 22.225  7.897   1.00 49.02 ? 203 GLU A C  1 
ATOM 506  O O  . GLU A 1 103 ? -20.797 23.082  8.033   1.00 50.24 ? 203 GLU A O  1 
ATOM 507  C CB . GLU A 1 103 ? -17.692 23.215  7.352   1.00 20.00 ? 203 GLU A CB 1 
ATOM 508  N N  . LYS A 1 104 ? -20.133 21.047  7.308   1.00 51.81 ? 204 LYS A N  1 
ATOM 509  C CA . LYS A 1 104 ? -21.381 20.705  6.611   1.00 54.87 ? 204 LYS A CA 1 
ATOM 510  C C  . LYS A 1 104 ? -22.638 20.931  7.445   1.00 56.50 ? 204 LYS A C  1 
ATOM 511  O O  . LYS A 1 104 ? -22.645 20.669  8.652   1.00 57.50 ? 204 LYS A O  1 
ATOM 512  C CB . LYS A 1 104 ? -21.349 19.259  6.109   1.00 20.00 ? 204 LYS A CB 1 
ATOM 513  N N  . LEU A 1 105 ? -23.686 21.415  6.774   1.00 56.83 ? 205 LEU A N  1 
ATOM 514  C CA . LEU A 1 105 ? -25.002 21.715  7.371   1.00 57.69 ? 205 LEU A CA 1 
ATOM 515  C C  . LEU A 1 105 ? -24.952 22.689  8.561   1.00 58.45 ? 205 LEU A C  1 
ATOM 516  O O  . LEU A 1 105 ? -25.554 22.439  9.612   1.00 59.35 ? 205 LEU A O  1 
ATOM 517  C CB . LEU A 1 105 ? -25.755 20.422  7.731   1.00 20.00 ? 205 LEU A CB 1 
ATOM 518  N N  . PHE A 1 106 ? -24.240 23.800  8.380   1.00 59.52 ? 206 PHE A N  1 
ATOM 519  C CA . PHE A 1 106 ? -24.112 24.824  9.418   1.00 60.66 ? 206 PHE A CA 1 
ATOM 520  C C  . PHE A 1 106 ? -25.125 25.948  9.221   1.00 62.67 ? 206 PHE A C  1 
ATOM 521  O O  . PHE A 1 106 ? -26.296 25.688  8.895   1.00 63.60 ? 206 PHE A O  1 
ATOM 522  C CB . PHE A 1 106 ? -22.688 25.391  9.447   1.00 20.00 ? 206 PHE A CB 1 
ATOM 523  N N  . GLU B 1 1   ? 29.281  -2.078  0.663   1.00 21.31 ? 101 GLU B N  1 
ATOM 524  C CA . GLU B 1 1   ? 29.116  -0.646  1.057   1.00 23.53 ? 101 GLU B CA 1 
ATOM 525  C C  . GLU B 1 1   ? 27.867  0.003   0.449   1.00 22.05 ? 101 GLU B C  1 
ATOM 526  O O  . GLU B 1 1   ? 27.185  0.784   1.120   1.00 24.38 ? 101 GLU B O  1 
ATOM 527  C CB . GLU B 1 1   ? 30.363  0.168   0.692   1.00 21.82 ? 101 GLU B CB 1 
ATOM 528  N N  . GLN B 1 2   ? 27.582  -0.317  -0.817  1.00 25.35 ? 102 GLN B N  1 
ATOM 529  C CA . GLN B 1 2   ? 26.429  0.232   -1.549  1.00 25.92 ? 102 GLN B CA 1 
ATOM 530  C C  . GLN B 1 2   ? 26.376  1.763   -1.523  1.00 24.47 ? 102 GLN B C  1 
ATOM 531  O O  . GLN B 1 2   ? 25.296  2.354   -1.586  1.00 22.38 ? 102 GLN B O  1 
ATOM 532  C CB . GLN B 1 2   ? 25.115  -0.368  -1.031  1.00 26.26 ? 102 GLN B CB 1 
ATOM 533  N N  . PRO B 1 3   ? 27.551  2.407   -1.431  1.00 23.94 ? 103 PRO B N  1 
ATOM 534  C CA . PRO B 1 3   ? 27.724  3.853   -1.341  1.00 21.21 ? 103 PRO B CA 1 
ATOM 535  C C  . PRO B 1 3   ? 27.352  4.549   -2.642  1.00 26.71 ? 103 PRO B C  1 
ATOM 536  O O  . PRO B 1 3   ? 26.869  5.681   -2.618  1.00 22.29 ? 103 PRO B O  1 
ATOM 537  C CB . PRO B 1 3   ? 29.219  4.005   -1.064  1.00 20.83 ? 103 PRO B CB 1 
ATOM 538  N N  . GLU B 1 4   ? 27.584  3.874   -3.766  1.00 24.60 ? 104 GLU B N  1 
ATOM 539  C CA . GLU B 1 4   ? 27.194  4.388   -5.073  1.00 21.38 ? 104 GLU B CA 1 
ATOM 540  C C  . GLU B 1 4   ? 25.675  4.419   -5.172  1.00 23.65 ? 104 GLU B C  1 
ATOM 541  O O  . GLU B 1 4   ? 25.098  5.403   -5.634  1.00 22.28 ? 104 GLU B O  1 
ATOM 542  C CB . GLU B 1 4   ? 27.785  3.531   -6.191  1.00 27.31 ? 104 GLU B CB 1 
ATOM 543  N N  . TYR B 1 5   ? 25.039  3.342   -4.713  1.00 28.94 ? 105 TYR B N  1 
ATOM 544  C CA . TYR B 1 5   ? 23.579  3.250   -4.663  1.00 22.37 ? 105 TYR B CA 1 
ATOM 545  C C  . TYR B 1 5   ? 22.985  4.136   -3.561  1.00 29.35 ? 105 TYR B C  1 
ATOM 546  O O  . TYR B 1 5   ? 21.765  4.304   -3.477  1.00 22.37 ? 105 TYR B O  1 
ATOM 547  C CB . TYR B 1 5   ? 23.137  1.793   -4.485  1.00 21.82 ? 105 TYR B CB 1 
ATOM 548  N N  . LYS B 1 6   ? 23.856  4.696   -2.722  1.00 23.19 ? 106 LYS B N  1 
ATOM 549  C CA . LYS B 1 6   ? 23.454  5.683   -1.727  1.00 21.24 ? 106 LYS B CA 1 
ATOM 550  C C  . LYS B 1 6   ? 23.370  7.072   -2.360  1.00 26.59 ? 106 LYS B C  1 
ATOM 551  O O  . LYS B 1 6   ? 22.890  8.024   -1.739  1.00 22.31 ? 106 LYS B O  1 
ATOM 552  C CB . LYS B 1 6   ? 24.424  5.684   -0.545  1.00 25.29 ? 106 LYS B CB 1 
ATOM 553  N N  . ASP B 1 7   ? 23.850  7.174   -3.597  1.00 27.43 ? 107 ASP B N  1 
ATOM 554  C CA . ASP B 1 7   ? 23.702  8.383   -4.402  1.00 21.31 ? 107 ASP B CA 1 
ATOM 555  C C  . ASP B 1 7   ? 22.649  8.177   -5.496  1.00 29.25 ? 107 ASP B C  1 
ATOM 556  O O  . ASP B 1 7   ? 22.370  9.083   -6.288  1.00 28.37 ? 107 ASP B O  1 
ATOM 557  C CB . ASP B 1 7   ? 25.045  8.792   -5.011  1.00 24.78 ? 107 ASP B CB 1 
ATOM 558  N N  . LYS B 1 8   ? 22.072  6.976   -5.534  1.00 28.27 ? 108 LYS B N  1 
ATOM 559  C CA . LYS B 1 8   ? 20.942  6.683   -6.408  1.00 27.98 ? 108 LYS B CA 1 
ATOM 560  C C  . LYS B 1 8   ? 19.677  7.328   -5.849  1.00 26.58 ? 108 LYS B C  1 
ATOM 561  O O  . LYS B 1 8   ? 18.794  7.729   -6.607  1.00 25.42 ? 108 LYS B O  1 
ATOM 562  C CB . LYS B 1 8   ? 20.745  5.173   -6.568  1.00 29.26 ? 108 LYS B CB 1 
ATOM 563  N N  . LEU B 1 9   ? 19.608  7.428   -4.520  1.00 23.36 ? 109 LEU B N  1 
ATOM 564  C CA . LEU B 1 9   ? 18.500  8.095   -3.832  1.00 21.61 ? 109 LEU B CA 1 
ATOM 565  C C  . LEU B 1 9   ? 18.357  9.535   -4.312  1.00 29.90 ? 109 LEU B C  1 
ATOM 566  O O  . LEU B 1 9   ? 17.243  10.029  -4.496  1.00 24.61 ? 109 LEU B O  1 
ATOM 567  C CB . LEU B 1 9   ? 18.700  8.061   -2.314  1.00 24.72 ? 109 LEU B CB 1 
ATOM 568  N N  . ILE B 1 10  ? 19.494  10.194  -4.520  1.00 22.34 ? 110 ILE B N  1 
ATOM 569  C CA . ILE B 1 10  ? 19.517  11.532  -5.092  1.00 23.48 ? 110 ILE B CA 1 
ATOM 570  C C  . ILE B 1 10  ? 19.090  11.479  -6.551  1.00 21.85 ? 110 ILE B C  1 
ATOM 571  O O  . ILE B 1 10  ? 18.295  12.304  -6.991  1.00 27.25 ? 110 ILE B O  1 
ATOM 572  C CB . ILE B 1 10  ? 20.909  12.178  -4.986  1.00 22.26 ? 110 ILE B CB 1 
ATOM 573  N N  . LYS B 1 11  ? 19.600  10.494  -7.289  1.00 22.81 ? 111 LYS B N  1 
ATOM 574  C CA . LYS B 1 11  ? 19.248  10.319  -8.699  1.00 29.42 ? 111 LYS B CA 1 
ATOM 575  C C  . LYS B 1 11  ? 17.765  10.005  -8.884  1.00 25.15 ? 111 LYS B C  1 
ATOM 576  O O  . LYS B 1 11  ? 17.213  10.188  -9.971  1.00 22.29 ? 111 LYS B O  1 
ATOM 577  C CB . LYS B 1 11  ? 20.095  9.218   -9.331  1.00 22.27 ? 111 LYS B CB 1 
ATOM 578  N N  . LEU B 1 12  ? 17.135  9.524   -7.817  1.00 24.37 ? 112 LEU B N  1 
ATOM 579  C CA . LEU B 1 12  ? 15.698  9.294   -7.795  1.00 21.45 ? 112 LEU B CA 1 
ATOM 580  C C  . LEU B 1 12  ? 14.954  10.539  -7.314  1.00 23.47 ? 112 LEU B C  1 
ATOM 581  O O  . LEU B 1 12  ? 13.767  10.703  -7.601  1.00 22.71 ? 112 LEU B O  1 
ATOM 582  C CB . LEU B 1 12  ? 15.359  8.103   -6.900  1.00 29.21 ? 112 LEU B CB 1 
ATOM 583  N N  . ILE B 1 13  ? 15.657  11.406  -6.585  1.00 21.27 ? 113 ILE B N  1 
ATOM 584  C CA . ILE B 1 13  ? 15.074  12.642  -6.062  1.00 23.94 ? 113 ILE B CA 1 
ATOM 585  C C  . ILE B 1 13  ? 15.131  13.775  -7.081  1.00 21.43 ? 113 ILE B C  1 
ATOM 586  O O  . ILE B 1 13  ? 14.188  14.554  -7.195  1.00 21.27 ? 113 ILE B O  1 
ATOM 587  C CB . ILE B 1 13  ? 15.766  13.090  -4.762  1.00 22.71 ? 113 ILE B CB 1 
ATOM 588  N N  . LYS B 1 14  ? 16.236  13.854  -7.819  1.00 29.36 ? 114 LYS B N  1 
ATOM 589  C CA . LYS B 1 14  ? 16.437  14.888  -8.835  1.00 23.49 ? 114 LYS B CA 1 
ATOM 590  C C  . LYS B 1 14  ? 15.466  14.737  -9.996  1.00 24.46 ? 114 LYS B C  1 
ATOM 591  O O  . LYS B 1 14  ? 15.114  15.721  -10.647 1.00 28.63 ? 114 LYS B O  1 
ATOM 592  C CB . LYS B 1 14  ? 17.874  14.870  -9.358  1.00 27.71 ? 114 LYS B CB 1 
ATOM 593  N N  . ASP B 1 15  ? 15.047  13.502  -10.257 1.00 23.91 ? 115 ASP B N  1 
ATOM 594  C CA . ASP B 1 15  ? 14.026  13.224  -11.264 1.00 26.82 ? 115 ASP B CA 1 
ATOM 595  C C  . ASP B 1 15  ? 12.623  13.422  -10.691 1.00 21.07 ? 115 ASP B C  1 
ATOM 596  O O  . ASP B 1 15  ? 11.658  13.584  -11.439 1.00 24.36 ? 115 ASP B O  1 
ATOM 597  C CB . ASP B 1 15  ? 14.179  11.803  -11.813 1.00 25.42 ? 115 ASP B CB 1 
ATOM 598  N N  . GLY B 1 16  ? 12.529  13.409  -9.361  1.00 23.25 ? 116 GLY B N  1 
ATOM 599  C CA . GLY B 1 16  ? 11.265  13.586  -8.652  1.00 29.61 ? 116 GLY B CA 1 
ATOM 600  C C  . GLY B 1 16  ? 10.732  14.996  -8.790  1.00 23.93 ? 116 GLY B C  1 
ATOM 601  O O  . GLY B 1 16  ? 9.633   15.205  -9.303  1.00 22.85 ? 116 GLY B O  1 
ATOM 602  N N  . ALA B 1 17  ? 11.523  15.966  -8.343  1.00 21.42 ? 117 ALA B N  1 
ATOM 603  C CA . ALA B 1 17  ? 11.168  17.378  -8.467  1.00 22.84 ? 117 ALA B CA 1 
ATOM 604  C C  . ALA B 1 17  ? 11.219  17.846  -9.918  1.00 23.51 ? 117 ALA B C  1 
ATOM 605  O O  . ALA B 1 17  ? 10.927  19.005  -10.215 1.00 22.62 ? 117 ALA B O  1 
ATOM 606  C CB . ALA B 1 17  ? 12.077  18.224  -7.604  1.00 25.94 ? 117 ALA B CB 1 
ATOM 607  N N  . ILE B 1 18  ? 11.597  16.936  -10.810 1.00 29.84 ? 118 ILE B N  1 
ATOM 608  C CA . ILE B 1 18  ? 11.570  17.183  -12.247 1.00 23.72 ? 118 ILE B CA 1 
ATOM 609  C C  . ILE B 1 18  ? 10.242  16.727  -12.859 1.00 22.91 ? 118 ILE B C  1 
ATOM 610  O O  . ILE B 1 18  ? 9.616   17.460  -13.635 1.00 21.82 ? 118 ILE B O  1 
ATOM 611  C CB . ILE B 1 18  ? 12.741  16.478  -12.965 1.00 28.63 ? 118 ILE B CB 1 
ATOM 612  N N  . SER B 1 19  ? 9.816   15.516  -12.496 1.00 22.36 ? 119 SER B N  1 
ATOM 613  C CA . SER B 1 19  ? 8.553   14.950  -12.975 1.00 24.26 ? 119 SER B CA 1 
ATOM 614  C C  . SER B 1 19  ? 7.359   15.438  -12.149 1.00 22.02 ? 119 SER B C  1 
ATOM 615  O O  . SER B 1 19  ? 6.238   14.943  -12.303 1.00 21.34 ? 119 SER B O  1 
ATOM 616  C CB . SER B 1 19  ? 8.617   13.419  -12.980 1.00 29.34 ? 119 SER B CB 1 
ATOM 617  N N  . LEU B 1 20  ? 7.616   16.408  -11.275 1.00 34.92 ? 120 LEU B N  1 
ATOM 618  C CA . LEU B 1 20  ? 6.568   17.089  -10.529 1.00 37.31 ? 120 LEU B CA 1 
ATOM 619  C C  . LEU B 1 20  ? 6.533   18.575  -10.895 1.00 39.01 ? 120 LEU B C  1 
ATOM 620  O O  . LEU B 1 20  ? 5.459   19.156  -11.066 1.00 39.66 ? 120 LEU B O  1 
ATOM 621  C CB . LEU B 1 20  ? 6.782   16.911  -9.025  1.00 20.00 ? 120 LEU B CB 1 
ATOM 622  N N  . GLY B 1 21  ? 7.716   19.173  -11.030 1.00 39.36 ? 121 GLY B N  1 
ATOM 623  C CA . GLY B 1 21  ? 7.847   20.606  -11.294 1.00 40.01 ? 121 GLY B CA 1 
ATOM 624  C C  . GLY B 1 21  ? 7.576   21.433  -10.050 1.00 40.84 ? 121 GLY B C  1 
ATOM 625  O O  . GLY B 1 21  ? 7.048   22.545  -10.131 1.00 40.38 ? 121 GLY B O  1 
ATOM 626  N N  . GLY B 1 22  ? 7.943   20.885  -8.896  1.00 42.07 ? 122 GLY B N  1 
ATOM 627  C CA . GLY B 1 22  ? 7.673   21.523  -7.618  1.00 42.09 ? 122 GLY B CA 1 
ATOM 628  C C  . GLY B 1 22  ? 8.780   22.455  -7.181  1.00 42.13 ? 122 GLY B C  1 
ATOM 629  O O  . GLY B 1 22  ? 9.918   22.354  -7.645  1.00 42.21 ? 122 GLY B O  1 
ATOM 630  N N  . GLY B 1 23  ? 8.428   23.376  -6.291  1.00 40.47 ? 123 GLY B N  1 
ATOM 631  C CA . GLY B 1 23  ? 9.393   24.259  -5.659  1.00 38.67 ? 123 GLY B CA 1 
ATOM 632  C C  . GLY B 1 23  ? 9.721   23.714  -4.289  1.00 37.88 ? 123 GLY B C  1 
ATOM 633  O O  . GLY B 1 23  ? 10.727  23.032  -4.109  1.00 36.58 ? 123 GLY B O  1 
ATOM 634  N N  . GLU B 1 24  ? 8.849   24.005  -3.329  1.00 37.84 ? 124 GLU B N  1 
ATOM 635  C CA . GLU B 1 24  ? 8.997   23.509  -1.967  1.00 38.26 ? 124 GLU B CA 1 
ATOM 636  C C  . GLU B 1 24  ? 8.240   22.191  -1.764  1.00 38.55 ? 124 GLU B C  1 
ATOM 637  O O  . GLU B 1 24  ? 7.085   22.184  -1.320  1.00 39.33 ? 124 GLU B O  1 
ATOM 638  C CB . GLU B 1 24  ? 8.536   24.566  -0.959  1.00 20.00 ? 124 GLU B CB 1 
ATOM 639  N N  . LEU B 1 25  ? 8.897   21.083  -2.101  1.00 39.14 ? 125 LEU B N  1 
ATOM 640  C CA . LEU B 1 25  ? 8.331   19.748  -1.907  1.00 39.13 ? 125 LEU B CA 1 
ATOM 641  C C  . LEU B 1 25  ? 9.046   19.006  -0.779  1.00 38.99 ? 125 LEU B C  1 
ATOM 642  O O  . LEU B 1 25  ? 10.195  18.571  -0.928  1.00 39.22 ? 125 LEU B O  1 
ATOM 643  C CB . LEU B 1 25  ? 8.380   18.940  -3.207  1.00 20.00 ? 125 LEU B CB 1 
ATOM 644  N N  . ILE B 1 26  ? 8.349   18.873  0.347   1.00 38.04 ? 126 ILE B N  1 
ATOM 645  C CA . ILE B 1 26  ? 8.891   18.240  1.549   1.00 37.76 ? 126 ILE B CA 1 
ATOM 646  C C  . ILE B 1 26  ? 9.106   16.739  1.362   1.00 36.81 ? 126 ILE B C  1 
ATOM 647  O O  . ILE B 1 26  ? 8.151   15.955  1.381   1.00 35.39 ? 126 ILE B O  1 
ATOM 648  C CB . ILE B 1 26  ? 7.982   18.484  2.774   1.00 20.00 ? 126 ILE B CB 1 
ATOM 649  N N  . VAL B 1 27  ? 10.367  16.351  1.185   1.00 37.30 ? 127 VAL B N  1 
ATOM 650  C CA . VAL B 1 27  ? 10.724  14.954  0.952   1.00 38.52 ? 127 VAL B CA 1 
ATOM 651  C C  . VAL B 1 27  ? 10.630  14.108  2.225   1.00 39.58 ? 127 VAL B C  1 
ATOM 652  O O  . VAL B 1 27  ? 11.326  14.370  3.211   1.00 36.86 ? 127 VAL B O  1 
ATOM 653  C CB . VAL B 1 27  ? 12.133  14.829  0.337   1.00 20.00 ? 127 VAL B CB 1 
ATOM 654  N N  . ARG B 1 28  ? 9.748   13.110  2.194   1.00 41.26 ? 128 ARG B N  1 
ATOM 655  C CA . ARG B 1 28  ? 9.615   12.137  3.275   1.00 41.94 ? 128 ARG B CA 1 
ATOM 656  C C  . ARG B 1 28  ? 10.291  10.833  2.865   1.00 42.97 ? 128 ARG B C  1 
ATOM 657  O O  . ARG B 1 28  ? 9.688   9.990   2.199   1.00 43.17 ? 128 ARG B O  1 
ATOM 658  C CB . ARG B 1 28  ? 8.144   11.901  3.618   1.00 20.00 ? 128 ARG B CB 1 
ATOM 659  N N  . LEU B 1 29  ? 11.550  10.684  3.279   1.00 44.75 ? 129 LEU B N  1 
ATOM 660  C CA . LEU B 1 29  ? 12.440  9.629   2.777   1.00 46.17 ? 129 LEU B CA 1 
ATOM 661  C C  . LEU B 1 29  ? 12.171  8.234   3.350   1.00 46.66 ? 129 LEU B C  1 
ATOM 662  O O  . LEU B 1 29  ? 11.416  8.078   4.318   1.00 47.59 ? 129 LEU B O  1 
ATOM 663  C CB . LEU B 1 29  ? 13.910  10.019  2.988   1.00 20.00 ? 129 LEU B CB 1 
ATOM 664  N N  . ASN B 1 30  ? 12.805  7.237   2.736   1.00 46.04 ? 130 ASN B N  1 
ATOM 665  C CA . ASN B 1 30  ? 12.614  5.826   3.076   1.00 45.76 ? 130 ASN B CA 1 
ATOM 666  C C  . ASN B 1 30  ? 13.125  5.458   4.466   1.00 45.95 ? 130 ASN B C  1 
ATOM 667  O O  . ASN B 1 30  ? 14.328  5.255   4.667   1.00 44.58 ? 130 ASN B O  1 
ATOM 668  C CB . ASN B 1 30  ? 13.268  4.934   2.019   1.00 20.00 ? 130 ASN B CB 1 
ATOM 669  N N  . LYS B 1 31  ? 12.192  5.364   5.413   1.00 21.78 ? 131 LYS B N  1 
ATOM 670  C CA . LYS B 1 31  ? 12.505  5.109   6.820   1.00 22.21 ? 131 LYS B CA 1 
ATOM 671  C C  . LYS B 1 31  ? 13.469  6.162   7.388   1.00 23.35 ? 131 LYS B C  1 
ATOM 672  O O  . LYS B 1 31  ? 13.472  7.315   6.943   1.00 25.03 ? 131 LYS B O  1 
ATOM 673  C CB . LYS B 1 31  ? 13.030  3.678   7.015   1.00 21.94 ? 131 LYS B CB 1 
ATOM 674  N N  . ARG B 1 32  ? 14.267  5.767   8.375   1.00 23.32 ? 132 ARG B N  1 
ATOM 675  C CA . ARG B 1 32  ? 15.278  6.643   8.957   1.00 22.84 ? 132 ARG B CA 1 
ATOM 676  C C  . ARG B 1 32  ? 16.611  6.459   8.245   1.00 29.28 ? 132 ARG B C  1 
ATOM 677  O O  . ARG B 1 32  ? 17.405  7.393   8.156   1.00 23.29 ? 132 ARG B O  1 
ATOM 678  C CB . ARG B 1 32  ? 15.437  6.356   10.451  1.00 26.15 ? 132 ARG B CB 1 
ATOM 679  N N  . ASP B 1 33  ? 16.838  5.248   7.738   1.00 25.46 ? 133 ASP B N  1 
ATOM 680  C CA . ASP B 1 33  ? 18.102  4.880   7.106   1.00 22.72 ? 133 ASP B CA 1 
ATOM 681  C C  . ASP B 1 33  ? 18.432  5.760   5.904   1.00 28.84 ? 133 ASP B C  1 
ATOM 682  O O  . ASP B 1 33  ? 19.579  6.184   5.737   1.00 25.12 ? 133 ASP B O  1 
ATOM 683  C CB . ASP B 1 33  ? 18.092  3.404   6.698   1.00 21.92 ? 133 ASP B CB 1 
ATOM 684  N N  . MET B 1 34  ? 17.426  6.039   5.079   1.00 24.64 ? 134 MET B N  1 
ATOM 685  C CA . MET B 1 34  ? 17.620  6.869   3.892   1.00 22.16 ? 134 MET B CA 1 
ATOM 686  C C  . MET B 1 34  ? 17.612  8.370   4.219   1.00 27.48 ? 134 MET B C  1 
ATOM 687  O O  . MET B 1 34  ? 18.410  9.133   3.663   1.00 21.27 ? 134 MET B O  1 
ATOM 688  C CB . MET B 1 34  ? 16.578  6.534   2.821   1.00 25.28 ? 134 MET B CB 1 
ATOM 689  N N  . GLU B 1 35  ? 16.718  8.779   5.123   1.00 23.38 ? 135 GLU B N  1 
ATOM 690  C CA . GLU B 1 35  ? 16.596  10.181  5.551   1.00 25.49 ? 135 GLU B CA 1 
ATOM 691  C C  . GLU B 1 35  ? 17.872  10.707  6.210   1.00 28.49 ? 135 GLU B C  1 
ATOM 692  O O  . GLU B 1 35  ? 18.296  11.829  5.930   1.00 26.28 ? 135 GLU B O  1 
ATOM 693  C CB . GLU B 1 35  ? 15.397  10.361  6.489   1.00 27.17 ? 135 GLU B CB 1 
ATOM 694  N N  . LEU B 1 36  ? 18.475  9.892   7.078   1.00 29.73 ? 136 LEU B N  1 
ATOM 695  C CA . LEU B 1 36  ? 19.754  10.217  7.712   1.00 27.62 ? 136 LEU B CA 1 
ATOM 696  C C  . LEU B 1 36  ? 20.869  10.330  6.669   1.00 21.70 ? 136 LEU B C  1 
ATOM 697  O O  . LEU B 1 36  ? 21.634  11.301  6.664   1.00 29.08 ? 136 LEU B O  1 
ATOM 698  C CB . LEU B 1 36  ? 20.118  9.172   8.772   1.00 22.89 ? 136 LEU B CB 1 
ATOM 699  N N  . ILE B 1 37  ? 20.939  9.340   5.784   1.00 28.56 ? 137 ILE B N  1 
ATOM 700  C CA . ILE B 1 37  ? 21.920  9.324   4.706   1.00 22.35 ? 137 ILE B CA 1 
ATOM 701  C C  . ILE B 1 37  ? 21.778  10.543  3.794   1.00 28.92 ? 137 ILE B C  1 
ATOM 702  O O  . ILE B 1 37  ? 22.723  11.319  3.629   1.00 21.47 ? 137 ILE B O  1 
ATOM 703  C CB . ILE B 1 37  ? 21.801  8.036   3.864   1.00 25.31 ? 137 ILE B CB 1 
ATOM 704  N N  . ASP B 1 38  ? 20.583  10.715  3.235   1.00 24.29 ? 138 ASP B N  1 
ATOM 705  C CA . ASP B 1 38  ? 20.332  11.724  2.206   1.00 28.55 ? 138 ASP B CA 1 
ATOM 706  C C  . ASP B 1 38  ? 20.292  13.171  2.715   1.00 28.09 ? 138 ASP B C  1 
ATOM 707  O O  . ASP B 1 38  ? 20.760  14.083  2.023   1.00 21.00 ? 138 ASP B O  1 
ATOM 708  C CB . ASP B 1 38  ? 19.046  11.397  1.436   1.00 26.87 ? 138 ASP B CB 1 
ATOM 709  N N  . ASP B 1 39  ? 19.739  13.380  3.911   1.00 22.83 ? 139 ASP B N  1 
ATOM 710  C CA . ASP B 1 39  ? 19.590  14.733  4.467   1.00 20.54 ? 139 ASP B CA 1 
ATOM 711  C C  . ASP B 1 39  ? 20.917  15.358  4.905   1.00 27.02 ? 139 ASP B C  1 
ATOM 712  O O  . ASP B 1 39  ? 20.976  16.559  5.190   1.00 29.10 ? 139 ASP B O  1 
ATOM 713  C CB . ASP B 1 39  ? 18.585  14.745  5.624   1.00 28.37 ? 139 ASP B CB 1 
ATOM 714  N N  . SER B 1 40  ? 21.972  14.542  4.946   1.00 47.61 ? 140 SER B N  1 
ATOM 715  C CA . SER B 1 40  ? 23.312  14.974  5.355   1.00 46.09 ? 140 SER B CA 1 
ATOM 716  C C  . SER B 1 40  ? 23.790  16.247  4.632   1.00 45.57 ? 140 SER B C  1 
ATOM 717  O O  . SER B 1 40  ? 23.966  17.295  5.263   1.00 45.93 ? 140 SER B O  1 
ATOM 718  C CB . SER B 1 40  ? 24.314  13.828  5.172   1.00 20.00 ? 140 SER B CB 1 
ATOM 719  N N  . THR B 1 41  ? 23.994  16.148  3.318   1.00 28.21 ? 141 THR B N  1 
ATOM 720  C CA . THR B 1 41  ? 24.345  17.306  2.498   1.00 29.83 ? 141 THR B CA 1 
ATOM 721  C C  . THR B 1 41  ? 23.076  17.852  1.860   1.00 25.27 ? 141 THR B C  1 
ATOM 722  O O  . THR B 1 41  ? 22.735  17.514  0.723   1.00 29.29 ? 141 THR B O  1 
ATOM 723  C CB . THR B 1 41  ? 25.384  16.953  1.416   1.00 27.21 ? 141 THR B CB 1 
ATOM 724  N N  . LEU B 1 42  ? 22.378  18.693  2.617   1.00 23.36 ? 142 LEU B N  1 
ATOM 725  C CA . LEU B 1 42  ? 21.059  19.199  2.232   1.00 22.27 ? 142 LEU B CA 1 
ATOM 726  C C  . LEU B 1 42  ? 21.108  20.284  1.154   1.00 30.31 ? 142 LEU B C  1 
ATOM 727  O O  . LEU B 1 42  ? 20.328  20.250  0.197   1.00 29.48 ? 142 LEU B O  1 
ATOM 728  C CB . LEU B 1 42  ? 20.307  19.708  3.466   1.00 21.40 ? 142 LEU B CB 1 
ATOM 729  N N  . TRP B 1 43  ? 22.017  21.245  1.324   1.00 28.27 ? 143 TRP B N  1 
ATOM 730  C CA . TRP B 1 43  ? 22.184  22.349  0.379   1.00 31.94 ? 143 TRP B CA 1 
ATOM 731  C C  . TRP B 1 43  ? 22.815  21.885  -0.934  1.00 33.61 ? 143 TRP B C  1 
ATOM 732  O O  . TRP B 1 43  ? 22.625  22.517  -1.975  1.00 38.46 ? 143 TRP B O  1 
ATOM 733  C CB . TRP B 1 43  ? 23.005  23.482  1.001   1.00 32.58 ? 143 TRP B CB 1 
ATOM 734  N N  . ASN B 1 44  ? 23.565  20.785  -0.876  1.00 39.83 ? 144 ASN B N  1 
ATOM 735  C CA . ASN B 1 44  ? 24.057  20.117  -2.078  1.00 36.24 ? 144 ASN B CA 1 
ATOM 736  C C  . ASN B 1 44  ? 22.909  19.424  -2.816  1.00 38.01 ? 144 ASN B C  1 
ATOM 737  O O  . ASN B 1 44  ? 22.927  19.305  -4.045  1.00 29.30 ? 144 ASN B O  1 
ATOM 738  C CB . ASN B 1 44  ? 25.152  19.110  -1.723  1.00 35.82 ? 144 ASN B CB 1 
ATOM 739  N N  . LEU B 1 45  ? 21.910  18.987  -2.045  1.00 28.76 ? 145 LEU B N  1 
ATOM 740  C CA . LEU B 1 45  ? 20.726  18.308  -2.569  1.00 30.27 ? 145 LEU B CA 1 
ATOM 741  C C  . LEU B 1 45  ? 19.683  19.285  -3.103  1.00 27.53 ? 145 LEU B C  1 
ATOM 742  O O  . LEU B 1 45  ? 19.085  19.045  -4.152  1.00 26.27 ? 145 LEU B O  1 
ATOM 743  C CB . LEU B 1 45  ? 20.099  17.418  -1.493  1.00 31.06 ? 145 LEU B CB 1 
ATOM 744  N N  . GLU B 1 46  ? 19.472  20.383  -2.380  1.00 29.49 ? 146 GLU B N  1 
ATOM 745  C CA . GLU B 1 46  ? 18.471  21.389  -2.752  1.00 27.89 ? 146 GLU B CA 1 
ATOM 746  C C  . GLU B 1 46  ? 18.993  22.448  -3.740  1.00 22.92 ? 146 GLU B C  1 
ATOM 747  O O  . GLU B 1 46  ? 18.287  23.410  -4.060  1.00 21.63 ? 146 GLU B O  1 
ATOM 748  C CB . GLU B 1 46  ? 17.899  22.057  -1.495  1.00 26.46 ? 146 GLU B CB 1 
ATOM 749  N N  . LYS B 1 47  ? 20.221  22.261  -4.223  1.00 24.14 ? 147 LYS B N  1 
ATOM 750  C CA . LYS B 1 47  ? 20.855  23.216  -5.134  1.00 28.21 ? 147 LYS B CA 1 
ATOM 751  C C  . LYS B 1 47  ? 20.211  23.207  -6.520  1.00 20.65 ? 147 LYS B C  1 
ATOM 752  O O  . LYS B 1 47  ? 19.800  24.253  -7.026  1.00 21.72 ? 147 LYS B O  1 
ATOM 753  C CB . LYS B 1 47  ? 22.358  22.941  -5.243  1.00 29.43 ? 147 LYS B CB 1 
ATOM 754  N N  . GLU B 1 48  ? 20.120  22.021  -7.121  1.00 27.99 ? 148 GLU B N  1 
ATOM 755  C CA . GLU B 1 48  ? 19.539  21.859  -8.453  1.00 29.85 ? 148 GLU B CA 1 
ATOM 756  C C  . GLU B 1 48  ? 18.018  22.029  -8.435  1.00 30.58 ? 148 GLU B C  1 
ATOM 757  O O  . GLU B 1 48  ? 17.377  22.082  -9.488  1.00 31.53 ? 148 GLU B O  1 
ATOM 758  C CB . GLU B 1 48  ? 19.924  20.497  -9.038  1.00 28.92 ? 148 GLU B CB 1 
ATOM 759  N N  . VAL B 1 49  ? 17.457  22.115  -7.230  1.00 37.51 ? 149 VAL B N  1 
ATOM 760  C CA . VAL B 1 49  ? 16.021  22.290  -7.035  1.00 35.63 ? 149 VAL B CA 1 
ATOM 761  C C  . VAL B 1 49  ? 15.563  23.707  -7.391  1.00 22.62 ? 149 VAL B C  1 
ATOM 762  O O  . VAL B 1 49  ? 14.551  23.888  -8.071  1.00 24.32 ? 149 VAL B O  1 
ATOM 763  C CB . VAL B 1 49  ? 15.606  21.948  -5.591  1.00 20.91 ? 149 VAL B CB 1 
ATOM 764  N N  . GLU B 1 50  ? 16.320  24.705  -6.942  1.00 25.10 ? 150 GLU B N  1 
ATOM 765  C CA . GLU B 1 50  ? 16.028  26.103  -7.259  1.00 24.92 ? 150 GLU B CA 1 
ATOM 766  C C  . GLU B 1 50  ? 16.626  26.522  -8.608  1.00 29.61 ? 150 GLU B C  1 
ATOM 767  O O  . GLU B 1 50  ? 16.907  27.704  -8.833  1.00 28.82 ? 150 GLU B O  1 
ATOM 768  C CB . GLU B 1 50  ? 16.530  27.023  -6.140  1.00 26.36 ? 150 GLU B CB 1 
ATOM 769  N N  . ASN B 1 51  ? 16.810  25.549  -9.500  1.00 22.63 ? 151 ASN B N  1 
ATOM 770  C CA . ASN B 1 51  ? 17.397  25.793  -10.819 1.00 25.94 ? 151 ASN B CA 1 
ATOM 771  C C  . ASN B 1 51  ? 16.356  25.766  -11.944 1.00 25.52 ? 151 ASN B C  1 
ATOM 772  O O  . ASN B 1 51  ? 15.729  26.789  -12.236 1.00 22.82 ? 151 ASN B O  1 
ATOM 773  C CB . ASN B 1 51  ? 18.545  24.811  -11.095 1.00 23.71 ? 151 ASN B CB 1 
ATOM 774  N N  . ALA B 1 52  ? 16.174  24.598  -12.563 1.00 21.24 ? 152 ALA B N  1 
ATOM 775  C CA . ALA B 1 52  ? 15.198  24.429  -13.638 1.00 20.94 ? 152 ALA B CA 1 
ATOM 776  C C  . ALA B 1 52  ? 13.762  24.608  -13.133 1.00 28.53 ? 152 ALA B C  1 
ATOM 777  O O  . ALA B 1 52  ? 12.894  25.085  -13.871 1.00 29.82 ? 152 ALA B O  1 
ATOM 778  C CB . ALA B 1 52  ? 15.373  23.072  -14.301 1.00 26.55 ? 152 ALA B CB 1 
ATOM 779  N N  . THR B 1 53  ? 13.528  24.231  -11.875 1.00 30.91 ? 153 THR B N  1 
ATOM 780  C CA . THR B 1 53  ? 12.225  24.399  -11.227 1.00 31.93 ? 153 THR B CA 1 
ATOM 781  C C  . THR B 1 53  ? 12.059  25.801  -10.624 1.00 35.23 ? 153 THR B C  1 
ATOM 782  O O  . THR B 1 53  ? 12.959  26.643  -10.726 1.00 32.54 ? 153 THR B O  1 
ATOM 783  C CB . THR B 1 53  ? 11.984  23.324  -10.142 1.00 33.85 ? 153 THR B CB 1 
ATOM 784  N N  . LYS B 1 54  ? 10.903  26.040  -10.002 1.00 34.75 ? 154 LYS B N  1 
ATOM 785  C CA . LYS B 1 54  ? 10.555  27.353  -9.453  1.00 36.82 ? 154 LYS B CA 1 
ATOM 786  C C  . LYS B 1 54  ? 11.334  27.698  -8.184  1.00 32.46 ? 154 LYS B C  1 
ATOM 787  O O  . LYS B 1 54  ? 11.891  28.794  -8.080  1.00 33.27 ? 154 LYS B O  1 
ATOM 788  C CB . LYS B 1 54  ? 9.047   27.450  -9.196  1.00 31.91 ? 154 LYS B CB 1 
ATOM 789  N N  . LYS B 1 55  ? 11.368  26.766  -7.228  1.00 38.18 ? 155 LYS B N  1 
ATOM 790  C CA . LYS B 1 55  ? 12.057  26.973  -5.946  1.00 30.42 ? 155 LYS B CA 1 
ATOM 791  C C  . LYS B 1 55  ? 12.790  25.717  -5.450  1.00 28.36 ? 155 LYS B C  1 
ATOM 792  O O  . LYS B 1 55  ? 12.645  24.632  -6.024  1.00 29.51 ? 155 LYS B O  1 
ATOM 793  C CB . LYS B 1 55  ? 11.074  27.481  -4.881  1.00 29.83 ? 155 LYS B CB 1 
ATOM 794  N N  . VAL B 1 56  ? 13.582  25.880  -4.389  1.00 37.18 ? 156 VAL B N  1 
ATOM 795  C CA . VAL B 1 56  ? 14.329  24.775  -3.791  1.00 38.64 ? 156 VAL B CA 1 
ATOM 796  C C  . VAL B 1 56  ? 13.469  23.972  -2.812  1.00 40.22 ? 156 VAL B C  1 
ATOM 797  O O  . VAL B 1 56  ? 12.596  24.531  -2.139  1.00 40.03 ? 156 VAL B O  1 
ATOM 798  C CB . VAL B 1 56  ? 15.594  25.274  -3.071  1.00 20.00 ? 156 VAL B CB 1 
ATOM 799  N N  . THR B 1 57  ? 13.729  22.667  -2.735  1.00 43.04 ? 157 THR B N  1 
ATOM 800  C CA . THR B 1 57  ? 12.943  21.754  -1.896  1.00 44.52 ? 157 THR B CA 1 
ATOM 801  C C  . THR B 1 57  ? 13.632  21.412  -0.575  1.00 45.41 ? 157 THR B C  1 
ATOM 802  O O  . THR B 1 57  ? 14.816  21.059  -0.551  1.00 45.26 ? 157 THR B O  1 
ATOM 803  C CB . THR B 1 57  ? 12.595  20.448  -2.643  1.00 20.00 ? 157 THR B CB 1 
ATOM 804  N N  . VAL B 1 58  ? 12.873  21.515  0.516   1.00 46.68 ? 158 VAL B N  1 
ATOM 805  C CA . VAL B 1 58  ? 13.382  21.255  1.861   1.00 49.18 ? 158 VAL B CA 1 
ATOM 806  C C  . VAL B 1 58  ? 12.773  19.992  2.456   1.00 51.78 ? 158 VAL B C  1 
ATOM 807  O O  . VAL B 1 58  ? 11.561  19.787  2.380   1.00 51.88 ? 158 VAL B O  1 
ATOM 808  C CB . VAL B 1 58  ? 13.096  22.439  2.805   1.00 20.00 ? 158 VAL B CB 1 
ATOM 809  N N  . LEU B 1 59  ? 13.621  19.154  3.050   1.00 54.58 ? 159 LEU B N  1 
ATOM 810  C CA . LEU B 1 59  ? 13.177  17.912  3.688   1.00 56.60 ? 159 LEU B CA 1 
ATOM 811  C C  . LEU B 1 59  ? 13.464  17.911  5.190   1.00 57.83 ? 159 LEU B C  1 
ATOM 812  O O  . LEU B 1 59  ? 14.406  18.563  5.649   1.00 58.07 ? 159 LEU B O  1 
ATOM 813  C CB . LEU B 1 59  ? 13.840  16.701  3.025   1.00 20.00 ? 159 LEU B CB 1 
ATOM 814  N N  . LYS B 1 60  ? 12.644  17.180  5.945   1.00 58.76 ? 160 LYS B N  1 
ATOM 815  C CA . LYS B 1 60  ? 12.801  17.068  7.398   1.00 58.73 ? 160 LYS B CA 1 
ATOM 816  C C  . LYS B 1 60  ? 12.165  15.793  7.955   1.00 58.36 ? 160 LYS B C  1 
ATOM 817  O O  . LYS B 1 60  ? 12.854  14.972  8.561   1.00 57.70 ? 160 LYS B O  1 
ATOM 818  C CB . LYS B 1 60  ? 12.236  18.304  8.108   1.00 20.00 ? 160 LYS B CB 1 
ATOM 819  N N  . LYS B 1 61  ? 10.858  15.638  7.749   1.00 58.09 ? 161 LYS B N  1 
ATOM 820  C CA . LYS B 1 61  ? 10.123  14.468  8.230   1.00 57.45 ? 161 LYS B CA 1 
ATOM 821  C C  . LYS B 1 61  ? 10.342  13.272  7.317   1.00 56.75 ? 161 LYS B C  1 
ATOM 822  O O  . LYS B 1 61  ? 10.556  13.435  6.114   1.00 56.48 ? 161 LYS B O  1 
ATOM 823  C CB . LYS B 1 61  ? 8.629   14.776  8.338   1.00 20.00 ? 161 LYS B CB 1 
ATOM 824  N N  . GLY B 1 62  ? 10.283  12.072  7.895   1.00 55.42 ? 162 GLY B N  1 
ATOM 825  C CA . GLY B 1 62  ? 10.516  10.836  7.150   1.00 53.86 ? 162 GLY B CA 1 
ATOM 826  C C  . GLY B 1 62  ? 10.056  9.582   7.871   1.00 52.34 ? 162 GLY B C  1 
ATOM 827  O O  . GLY B 1 62  ? 10.763  9.056   8.732   1.00 51.99 ? 162 GLY B O  1 
ATOM 828  N N  . GLU B 1 63  ? 8.863   9.110   7.514   1.00 50.56 ? 163 GLU B N  1 
ATOM 829  C CA . GLU B 1 63  ? 8.326   7.849   8.031   1.00 48.63 ? 163 GLU B CA 1 
ATOM 830  C C  . GLU B 1 63  ? 8.735   6.681   7.132   1.00 48.05 ? 163 GLU B C  1 
ATOM 831  O O  . GLU B 1 63  ? 9.008   6.873   5.942   1.00 50.36 ? 163 GLU B O  1 
ATOM 832  C CB . GLU B 1 63  ? 6.801   7.922   8.160   1.00 20.00 ? 163 GLU B CB 1 
ATOM 833  N N  . PRO B 1 64  ? 8.777   5.465   7.706   1.00 46.69 ? 164 PRO B N  1 
ATOM 834  C CA . PRO B 1 64  ? 9.228   4.196   7.128   1.00 44.72 ? 164 PRO B CA 1 
ATOM 835  C C  . PRO B 1 64  ? 8.568   3.861   5.790   1.00 43.89 ? 164 PRO B C  1 
ATOM 836  O O  . PRO B 1 64  ? 7.338   3.836   5.691   1.00 44.03 ? 164 PRO B O  1 
ATOM 837  C CB . PRO B 1 64  ? 8.848   3.170   8.203   1.00 20.00 ? 164 PRO B CB 1 
ATOM 838  N N  . VAL B 1 65  ? 9.396   3.615   4.775   1.00 40.47 ? 165 VAL B N  1 
ATOM 839  C CA . VAL B 1 65  ? 8.918   3.275   3.437   1.00 38.95 ? 165 VAL B CA 1 
ATOM 840  C C  . VAL B 1 65  ? 9.552   1.979   2.939   1.00 37.78 ? 165 VAL B C  1 
ATOM 841  O O  . VAL B 1 65  ? 9.253   0.900   3.452   1.00 37.15 ? 165 VAL B O  1 
ATOM 842  C CB . VAL B 1 65  ? 9.182   4.416   2.432   1.00 20.00 ? 165 VAL B CB 1 
ATOM 843  N N  . ASP B 1 66  ? 10.421  2.093   1.937   1.00 36.50 ? 166 ASP B N  1 
ATOM 844  C CA . ASP B 1 66  ? 11.130  0.943   1.384   1.00 33.92 ? 166 ASP B CA 1 
ATOM 845  C C  . ASP B 1 66  ? 12.592  1.289   1.090   1.00 32.99 ? 166 ASP B C  1 
ATOM 846  O O  . ASP B 1 66  ? 13.437  1.228   1.988   1.00 34.13 ? 166 ASP B O  1 
ATOM 847  C CB . ASP B 1 66  ? 10.417  0.414   0.134   1.00 20.00 ? 166 ASP B CB 1 
ATOM 848  N N  . ILE B 1 67  ? 12.886  1.661   -0.156  1.00 31.30 ? 167 ILE B N  1 
ATOM 849  C CA . ILE B 1 67  ? 14.246  2.017   -0.548  1.00 28.98 ? 167 ILE B CA 1 
ATOM 850  C C  . ILE B 1 67  ? 14.367  3.487   -0.946  1.00 28.85 ? 167 ILE B C  1 
ATOM 851  O O  . ILE B 1 67  ? 15.225  4.206   -0.428  1.00 27.91 ? 167 ILE B O  1 
ATOM 852  C CB . ILE B 1 67  ? 14.764  1.121   -1.691  1.00 20.00 ? 167 ILE B CB 1 
ATOM 853  N N  . ALA B 1 68  ? 13.503  3.928   -1.856  1.00 27.00 ? 168 ALA B N  1 
ATOM 854  C CA . ALA B 1 68  ? 13.504  5.316   -2.308  1.00 27.02 ? 168 ALA B CA 1 
ATOM 855  C C  . ALA B 1 68  ? 12.453  6.140   -1.562  1.00 27.44 ? 168 ALA B C  1 
ATOM 856  O O  . ALA B 1 68  ? 11.440  5.600   -1.111  1.00 28.43 ? 168 ALA B O  1 
ATOM 857  C CB . ALA B 1 68  ? 13.282  5.383   -3.812  1.00 20.00 ? 168 ALA B CB 1 
ATOM 858  N N  . GLY B 1 69  ? 12.697  7.446   -1.446  1.00 27.79 ? 169 GLY B N  1 
ATOM 859  C CA . GLY B 1 69  ? 11.812  8.348   -0.707  1.00 26.11 ? 169 GLY B CA 1 
ATOM 860  C C  . GLY B 1 69  ? 10.870  9.168   -1.568  1.00 26.54 ? 169 GLY B C  1 
ATOM 861  O O  . GLY B 1 69  ? 11.308  9.962   -2.402  1.00 26.24 ? 169 GLY B O  1 
ATOM 862  N N  . GLY B 1 70  ? 9.570   8.962   -1.372  1.00 26.47 ? 170 GLY B N  1 
ATOM 863  C CA . GLY B 1 70  ? 8.546   9.765   -2.031  1.00 26.76 ? 170 GLY B CA 1 
ATOM 864  C C  . GLY B 1 70  ? 8.551   11.179  -1.484  1.00 24.64 ? 170 GLY B C  1 
ATOM 865  O O  . GLY B 1 70  ? 8.829   11.391  -0.302  1.00 25.03 ? 170 GLY B O  1 
ATOM 866  N N  . CYS B 1 71  ? 8.250   12.149  -2.344  1.00 20.99 ? 171 CYS B N  1 
ATOM 867  C CA . CYS B 1 71  ? 8.292   13.559  -1.961  1.00 17.06 ? 171 CYS B CA 1 
ATOM 868  C C  . CYS B 1 71  ? 6.971   14.272  -2.237  1.00 17.59 ? 171 CYS B C  1 
ATOM 869  O O  . CYS B 1 71  ? 6.711   14.705  -3.362  1.00 17.21 ? 171 CYS B O  1 
ATOM 870  C CB . CYS B 1 71  ? 9.443   14.269  -2.676  1.00 20.00 ? 171 CYS B CB 1 
ATOM 871  N N  . ILE B 1 72  ? 6.145   14.391  -1.202  1.00 19.19 ? 172 ILE B N  1 
ATOM 872  C CA . ILE B 1 72  ? 4.847   15.059  -1.309  1.00 21.51 ? 172 ILE B CA 1 
ATOM 873  C C  . ILE B 1 72  ? 4.939   16.527  -0.905  1.00 23.93 ? 172 ILE B C  1 
ATOM 874  O O  . ILE B 1 72  ? 5.666   16.872  0.028   1.00 23.92 ? 172 ILE B O  1 
ATOM 875  C CB . ILE B 1 72  ? 3.784   14.373  -0.436  1.00 20.00 ? 172 ILE B CB 1 
ATOM 876  N N  . ILE B 1 73  ? 4.195   17.379  -1.608  1.00 25.45 ? 173 ILE B N  1 
ATOM 877  C CA . ILE B 1 73  ? 4.214   18.824  -1.367  1.00 28.28 ? 173 ILE B CA 1 
ATOM 878  C C  . ILE B 1 73  ? 3.454   19.209  -0.094  1.00 29.05 ? 173 ILE B C  1 
ATOM 879  O O  . ILE B 1 73  ? 2.357   18.697  0.158   1.00 28.50 ? 173 ILE B O  1 
ATOM 880  C CB . ILE B 1 73  ? 3.637   19.606  -2.566  1.00 20.00 ? 173 ILE B CB 1 
ATOM 881  N N  . GLU B 1 74  ? 4.055   20.104  0.697   1.00 29.62 ? 174 GLU B N  1 
ATOM 882  C CA . GLU B 1 74  ? 3.467   20.601  1.952   1.00 29.96 ? 174 GLU B CA 1 
ATOM 883  C C  . GLU B 1 74  ? 2.075   21.173  1.703   1.00 30.83 ? 174 GLU B C  1 
ATOM 884  O O  . GLU B 1 74  ? 1.119   20.845  2.408   1.00 30.74 ? 174 GLU B O  1 
ATOM 885  C CB . GLU B 1 74  ? 4.373   21.655  2.599   1.00 20.00 ? 174 GLU B CB 1 
ATOM 886  N N  . THR B 1 75  ? 1.978   22.033  0.695   1.00 32.93 ? 175 THR B N  1 
ATOM 887  C CA . THR B 1 75  ? 0.699   22.359  0.101   1.00 33.78 ? 175 THR B CA 1 
ATOM 888  C C  . THR B 1 75  ? 0.290   21.113  -0.685  1.00 34.73 ? 175 THR B C  1 
ATOM 889  O O  . THR B 1 75  ? 0.782   20.875  -1.793  1.00 35.26 ? 175 THR B O  1 
ATOM 890  C CB . THR B 1 75  ? 0.800   23.584  -0.830  1.00 20.00 ? 175 THR B CB 1 
ATOM 891  N N  . ALA B 1 76  ? -0.583  20.306  -0.082  1.00 33.44 ? 176 ALA B N  1 
ATOM 892  C CA . ALA B 1 76  ? -0.997  19.018  -0.651  1.00 30.74 ? 176 ALA B CA 1 
ATOM 893  C C  . ALA B 1 76  ? -1.768  19.167  -1.967  1.00 29.88 ? 176 ALA B C  1 
ATOM 894  O O  . ALA B 1 76  ? -2.993  19.014  -2.018  1.00 28.68 ? 176 ALA B O  1 
ATOM 895  C CB . ALA B 1 76  ? -1.801  18.214  0.373   1.00 20.00 ? 176 ALA B CB 1 
ATOM 896  N N  . ASP B 1 77  ? -1.025  19.473  -3.026  1.00 30.52 ? 177 ASP B N  1 
ATOM 897  C CA . ASP B 1 77  ? -1.590  19.656  -4.352  1.00 30.38 ? 177 ASP B CA 1 
ATOM 898  C C  . ASP B 1 77  ? -1.137  18.534  -5.274  1.00 28.14 ? 177 ASP B C  1 
ATOM 899  O O  . ASP B 1 77  ? -1.742  18.301  -6.321  1.00 26.68 ? 177 ASP B O  1 
ATOM 900  C CB . ASP B 1 77  ? -1.177  21.012  -4.926  1.00 20.00 ? 177 ASP B CB 1 
ATOM 901  N N  . GLY B 1 78  ? -0.070  17.845  -4.874  1.00 26.64 ? 178 GLY B N  1 
ATOM 902  C CA . GLY B 1 78  ? 0.497   16.751  -5.655  1.00 26.79 ? 178 GLY B CA 1 
ATOM 903  C C  . GLY B 1 78  ? 1.445   15.914  -4.824  1.00 25.43 ? 178 GLY B C  1 
ATOM 904  O O  . GLY B 1 78  ? 2.086   16.422  -3.905  1.00 25.31 ? 178 GLY B O  1 
ATOM 905  N N  . LEU B 1 79  ? 1.529   14.626  -5.146  1.00 24.22 ? 179 LEU B N  1 
ATOM 906  C CA . LEU B 1 79  ? 2.402   13.703  -4.424  1.00 21.45 ? 179 LEU B CA 1 
ATOM 907  C C  . LEU B 1 79  ? 3.049   12.694  -5.368  1.00 22.34 ? 179 LEU B C  1 
ATOM 908  O O  . LEU B 1 79  ? 2.377   11.812  -5.908  1.00 23.85 ? 179 LEU B O  1 
ATOM 909  C CB . LEU B 1 79  ? 1.628   12.983  -3.317  1.00 20.00 ? 179 LEU B CB 1 
ATOM 910  N N  . LYS B 1 80  ? 4.359   12.835  -5.562  1.00 22.58 ? 180 LYS B N  1 
ATOM 911  C CA . LYS B 1 80  ? 5.120   11.949  -6.439  1.00 21.65 ? 180 LYS B CA 1 
ATOM 912  C C  . LYS B 1 80  ? 5.570   10.692  -5.713  1.00 20.11 ? 180 LYS B C  1 
ATOM 913  O O  . LYS B 1 80  ? 6.017   10.749  -4.566  1.00 20.68 ? 180 LYS B O  1 
ATOM 914  C CB . LYS B 1 80  ? 6.328   12.673  -7.031  1.00 20.00 ? 180 LYS B CB 1 
ATOM 915  N N  . SER B 1 81  ? 5.455   9.560   -6.397  1.00 19.78 ? 181 SER B N  1 
ATOM 916  C CA . SER B 1 81  ? 5.763   8.264   -5.801  1.00 19.98 ? 181 SER B CA 1 
ATOM 917  C C  . SER B 1 81  ? 7.147   7.755   -6.199  1.00 19.83 ? 181 SER B C  1 
ATOM 918  O O  . SER B 1 81  ? 7.299   6.976   -7.147  1.00 21.45 ? 181 SER B O  1 
ATOM 919  C CB . SER B 1 81  ? 4.682   7.239   -6.162  1.00 20.00 ? 181 SER B CB 1 
ATOM 920  N N  . LEU B 1 82  ? 8.156   8.215   -5.469  1.00 18.88 ? 182 LEU B N  1 
ATOM 921  C CA . LEU B 1 82  ? 9.514   7.727   -5.647  1.00 18.14 ? 182 LEU B CA 1 
ATOM 922  C C  . LEU B 1 82  ? 9.815   6.757   -4.521  1.00 19.19 ? 182 LEU B C  1 
ATOM 923  O O  . LEU B 1 82  ? 10.435  7.117   -3.526  1.00 19.90 ? 182 LEU B O  1 
ATOM 924  C CB . LEU B 1 82  ? 10.517  8.883   -5.654  1.00 20.00 ? 182 LEU B CB 1 
ATOM 925  N N  . ASP B 1 83  ? 9.330   5.531   -4.679  1.00 19.13 ? 183 ASP B N  1 
ATOM 926  C CA . ASP B 1 83  ? 9.597   4.456   -3.736  1.00 18.65 ? 183 ASP B CA 1 
ATOM 927  C C  . ASP B 1 83  ? 10.367  3.361   -4.461  1.00 19.44 ? 183 ASP B C  1 
ATOM 928  O O  . ASP B 1 83  ? 10.724  3.519   -5.633  1.00 17.59 ? 183 ASP B O  1 
ATOM 929  C CB . ASP B 1 83  ? 8.289   3.907   -3.163  1.00 20.00 ? 183 ASP B CB 1 
ATOM 930  N N  . ASN B 1 84  ? 10.640  2.263   -3.761  1.00 20.49 ? 184 ASN B N  1 
ATOM 931  C CA . ASN B 1 84  ? 11.237  1.088   -4.385  1.00 21.57 ? 184 ASN B CA 1 
ATOM 932  C C  . ASN B 1 84  ? 10.208  0.344   -5.228  1.00 21.52 ? 184 ASN B C  1 
ATOM 933  O O  . ASN B 1 84  ? 10.478  -0.013  -6.374  1.00 19.75 ? 184 ASN B O  1 
ATOM 934  C CB . ASN B 1 84  ? 11.834  0.154   -3.333  1.00 20.00 ? 184 ASN B CB 1 
ATOM 935  N N  . SER B 1 85  ? 9.026   0.136   -4.648  1.00 21.18 ? 185 SER B N  1 
ATOM 936  C CA . SER B 1 85  ? 7.934   -0.585  -5.302  1.00 20.83 ? 185 SER B CA 1 
ATOM 937  C C  . SER B 1 85  ? 7.238   0.255   -6.376  1.00 20.98 ? 185 SER B C  1 
ATOM 938  O O  . SER B 1 85  ? 6.896   -0.253  -7.445  1.00 19.01 ? 185 SER B O  1 
ATOM 939  C CB . SER B 1 85  ? 6.920   -1.073  -4.264  1.00 20.00 ? 185 SER B CB 1 
ATOM 940  N N  . LEU B 1 86  ? 7.036   1.541   -6.090  1.00 20.67 ? 186 LEU B N  1 
ATOM 941  C CA . LEU B 1 86  ? 6.413   2.466   -7.046  1.00 19.57 ? 186 LEU B CA 1 
ATOM 942  C C  . LEU B 1 86  ? 7.331   2.764   -8.237  1.00 19.36 ? 186 LEU B C  1 
ATOM 943  O O  . LEU B 1 86  ? 6.958   3.512   -9.150  1.00 19.50 ? 186 LEU B O  1 
ATOM 944  C CB . LEU B 1 86  ? 5.997   3.763   -6.344  1.00 20.00 ? 186 LEU B CB 1 
ATOM 945  N N  . GLU B 1 87  ? 8.524   2.167   -8.208  1.00 17.65 ? 187 GLU B N  1 
ATOM 946  C CA . GLU B 1 87  ? 9.513   2.295   -9.271  1.00 16.82 ? 187 GLU B CA 1 
ATOM 947  C C  . GLU B 1 87  ? 9.861   0.944   -9.897  1.00 16.10 ? 187 GLU B C  1 
ATOM 948  O O  . GLU B 1 87  ? 10.171  0.882   -11.084 1.00 14.24 ? 187 GLU B O  1 
ATOM 949  C CB . GLU B 1 87  ? 10.781  2.974   -8.749  1.00 20.00 ? 187 GLU B CB 1 
ATOM 950  N N  . ALA B 1 88  ? 9.811   -0.128  -9.103  1.00 15.53 ? 188 ALA B N  1 
ATOM 951  C CA . ALA B 1 88  ? 10.145  -1.480  -9.585  1.00 16.45 ? 188 ALA B CA 1 
ATOM 952  C C  . ALA B 1 88  ? 8.923   -2.394  -9.738  1.00 18.41 ? 188 ALA B C  1 
ATOM 953  O O  . ALA B 1 88  ? 8.783   -3.082  -10.754 1.00 18.88 ? 188 ALA B O  1 
ATOM 954  C CB . ALA B 1 88  ? 11.196  -2.134  -8.687  1.00 20.00 ? 188 ALA B CB 1 
ATOM 955  N N  . ILE B 1 89  ? 8.057   -2.404  -8.722  1.00 19.43 ? 189 ILE B N  1 
ATOM 956  C CA . ILE B 1 89  ? 6.791   -3.137  -8.772  1.00 16.60 ? 189 ILE B CA 1 
ATOM 957  C C  . ILE B 1 89  ? 5.775   -2.397  -9.643  1.00 16.25 ? 189 ILE B C  1 
ATOM 958  O O  . ILE B 1 89  ? 4.753   -2.961  -10.039 1.00 14.55 ? 189 ILE B O  1 
ATOM 959  C CB . ILE B 1 89  ? 6.205   -3.363  -7.364  1.00 20.00 ? 189 ILE B CB 1 
ATOM 960  N N  . PHE B 1 90  ? 6.062   -1.130  -9.927  1.00 17.63 ? 190 PHE B N  1 
ATOM 961  C CA . PHE B 1 90  ? 5.318   -0.371  -10.921 1.00 19.58 ? 190 PHE B CA 1 
ATOM 962  C C  . PHE B 1 90  ? 5.955   -0.563  -12.292 1.00 20.00 ? 190 PHE B C  1 
ATOM 963  O O  . PHE B 1 90  ? 5.270   -0.520  -13.316 1.00 19.13 ? 190 PHE B O  1 
ATOM 964  C CB . PHE B 1 90  ? 5.281   1.111   -10.554 1.00 20.00 ? 190 PHE B CB 1 
ATOM 965  N N  . ASN B 1 91  ? 7.270   -0.782  -12.302 1.00 20.25 ? 191 ASN B N  1 
ATOM 966  C CA . ASN B 1 91  ? 8.006   -1.068  -13.533 1.00 20.23 ? 191 ASN B CA 1 
ATOM 967  C C  . ASN B 1 91  ? 7.665   -2.444  -14.091 1.00 20.13 ? 191 ASN B C  1 
ATOM 968  O O  . ASN B 1 91  ? 7.987   -2.753  -15.241 1.00 21.61 ? 191 ASN B O  1 
ATOM 969  C CB . ASN B 1 91  ? 9.513   -0.956  -13.310 1.00 20.00 ? 191 ASN B CB 1 
ATOM 970  N N  . ARG B 1 92  ? 7.018   -3.264  -13.264 1.00 20.96 ? 192 ARG B N  1 
ATOM 971  C CA . ARG B 1 92  ? 6.508   -4.561  -13.692 1.00 18.64 ? 192 ARG B CA 1 
ATOM 972  C C  . ARG B 1 92  ? 5.308   -4.365  -14.609 1.00 18.74 ? 192 ARG B C  1 
ATOM 973  O O  . ARG B 1 92  ? 5.251   -4.932  -15.702 1.00 19.65 ? 192 ARG B O  1 
ATOM 974  C CB . ARG B 1 92  ? 6.124   -5.421  -12.482 1.00 20.00 ? 192 ARG B CB 1 
ATOM 975  N N  . ASN B 1 93  ? 4.362   -3.542  -14.161 1.00 18.71 ? 193 ASN B N  1 
ATOM 976  C CA . ASN B 1 93  ? 3.146   -3.257  -14.916 1.00 16.74 ? 193 ASN B CA 1 
ATOM 977  C C  . ASN B 1 93  ? 3.451   -2.703  -16.303 1.00 16.05 ? 193 ASN B C  1 
ATOM 978  O O  . ASN B 1 93  ? 2.766   -3.029  -17.273 1.00 14.41 ? 193 ASN B O  1 
ATOM 979  C CB . ASN B 1 93  ? 2.244   -2.293  -14.140 1.00 20.00 ? 193 ASN B CB 1 
ATOM 980  N N  . LEU B 1 94  ? 4.494   -1.881  -16.384 1.00 17.01 ? 194 LEU B N  1 
ATOM 981  C CA . LEU B 1 94  ? 4.953   -1.318  -17.649 1.00 18.19 ? 194 LEU B CA 1 
ATOM 982  C C  . LEU B 1 94  ? 5.317   -2.411  -18.650 1.00 17.65 ? 194 LEU B C  1 
ATOM 983  O O  . LEU B 1 94  ? 5.228   -2.209  -19.863 1.00 16.25 ? 194 LEU B O  1 
ATOM 984  C CB . LEU B 1 94  ? 6.154   -0.400  -17.415 1.00 20.00 ? 194 LEU B CB 1 
ATOM 985  N N  . ASN B 1 95  ? 5.724   -3.566  -18.131 1.00 18.69 ? 195 ASN B N  1 
ATOM 986  C CA . ASN B 1 95  ? 6.074   -4.709  -18.962 1.00 18.81 ? 195 ASN B CA 1 
ATOM 987  C C  . ASN B 1 95  ? 4.876   -5.612  -19.217 1.00 19.78 ? 195 ASN B C  1 
ATOM 988  O O  . ASN B 1 95  ? 4.622   -6.012  -20.353 1.00 15.81 ? 195 ASN B O  1 
ATOM 989  C CB . ASN B 1 95  ? 7.213   -5.506  -18.320 1.00 20.00 ? 195 ASN B CB 1 
ATOM 990  N N  . VAL B 1 96  ? 4.137   -5.918  -18.151 1.00 23.13 ? 196 VAL B N  1 
ATOM 991  C CA . VAL B 1 96  ? 3.000   -6.835  -18.220 1.00 26.03 ? 196 VAL B CA 1 
ATOM 992  C C  . VAL B 1 96  ? 1.925   -6.339  -19.180 1.00 27.98 ? 196 VAL B C  1 
ATOM 993  O O  . VAL B 1 96  ? 1.178   -7.136  -19.747 1.00 29.94 ? 196 VAL B O  1 
ATOM 994  C CB . VAL B 1 96  ? 2.378   -7.081  -16.830 1.00 20.00 ? 196 VAL B CB 1 
ATOM 995  N N  . ILE B 1 97  ? 1.858   -5.024  -19.358 1.00 29.32 ? 197 ILE B N  1 
ATOM 996  C CA . ILE B 1 97  ? 0.915   -4.415  -20.286 1.00 31.37 ? 197 ILE B CA 1 
ATOM 997  C C  . ILE B 1 97  ? 1.530   -4.247  -21.675 1.00 31.26 ? 197 ILE B C  1 
ATOM 998  O O  . ILE B 1 97  ? 0.810   -4.053  -22.657 1.00 31.73 ? 197 ILE B O  1 
ATOM 999  C CB . ILE B 1 97  ? 0.425   -3.052  -19.773 1.00 20.00 ? 197 ILE B CB 1 
ATOM 1000 N N  . ARG B 1 98  ? 2.859   -4.325  -21.746 1.00 31.78 ? 198 ARG B N  1 
ATOM 1001 C CA . ARG B 1 98  ? 3.591   -4.214  -23.012 1.00 29.24 ? 198 ARG B CA 1 
ATOM 1002 C C  . ARG B 1 98  ? 3.649   -5.549  -23.758 1.00 28.19 ? 198 ARG B C  1 
ATOM 1003 O O  . ARG B 1 98  ? 3.589   -5.582  -24.991 1.00 28.89 ? 198 ARG B O  1 
ATOM 1004 C CB . ARG B 1 98  ? 5.004   -3.675  -22.776 1.00 20.00 ? 198 ARG B CB 1 
ATOM 1005 N N  . ALA B 1 99  ? 3.775   -6.641  -23.005 1.00 27.47 ? 199 ALA B N  1 
ATOM 1006 C CA . ALA B 1 99  ? 3.718   -7.988  -23.566 1.00 27.43 ? 199 ALA B CA 1 
ATOM 1007 C C  . ALA B 1 99  ? 2.280   -8.353  -23.913 1.00 26.98 ? 199 ALA B C  1 
ATOM 1008 O O  . ALA B 1 99  ? 2.040   -9.137  -24.830 1.00 27.49 ? 199 ALA B O  1 
ATOM 1009 C CB . ALA B 1 99  ? 4.295   -8.988  -22.594 1.00 20.00 ? 199 ALA B CB 1 
ATOM 1010 N N  . ARG B 1 100 ? 1.337   -7.779  -23.161 1.00 27.12 ? 200 ARG B N  1 
ATOM 1011 C CA . ARG B 1 100 ? -0.102  -7.910  -23.422 1.00 29.39 ? 200 ARG B CA 1 
ATOM 1012 C C  . ARG B 1 100 ? -0.565  -6.928  -24.495 1.00 30.87 ? 200 ARG B C  1 
ATOM 1013 O O  . ARG B 1 100 ? -1.707  -6.986  -24.956 1.00 31.70 ? 200 ARG B O  1 
ATOM 1014 C CB . ARG B 1 100 ? -0.907  -7.693  -22.138 1.00 20.00 ? 200 ARG B CB 1 
ATOM 1015 N N  . ILE B 1 101 ? 0.329   -6.016  -24.870 1.00 32.67 ? 201 ILE B N  1 
ATOM 1016 C CA . ILE B 1 101 ? 0.146   -5.177  -26.045 1.00 34.27 ? 201 ILE B CA 1 
ATOM 1017 C C  . ILE B 1 101 ? 0.754   -5.885  -27.262 1.00 35.25 ? 201 ILE B C  1 
ATOM 1018 O O  . ILE B 1 101 ? 1.594   -5.321  -27.974 1.00 36.21 ? 201 ILE B O  1 
ATOM 1019 C CB . ILE B 1 101 ? 0.787   -3.785  -25.855 1.00 20.00 ? 201 ILE B CB 1 
ATOM 1020 N N  . THR B 1 102 ? 0.325   -7.131  -27.478 1.00 36.92 ? 202 THR B N  1 
ATOM 1021 C CA . THR B 1 102 ? 0.785   -7.964  -28.592 1.00 39.54 ? 202 THR B CA 1 
ATOM 1022 C C  . THR B 1 102 ? -0.282  -8.983  -28.996 1.00 41.21 ? 202 THR B C  1 
ATOM 1023 O O  . THR B 1 102 ? -0.713  -9.020  -30.152 1.00 39.95 ? 202 THR B O  1 
ATOM 1024 C CB . THR B 1 102 ? 2.093   -8.716  -28.249 1.00 20.00 ? 202 THR B CB 1 
ATOM 1025 N N  . GLU B 1 103 ? -0.706  -9.794  -28.026 1.00 44.05 ? 203 GLU B N  1 
ATOM 1026 C CA . GLU B 1 103 ? -1.655  -10.880 -28.263 1.00 46.93 ? 203 GLU B CA 1 
ATOM 1027 C C  . GLU B 1 103 ? -3.092  -10.387 -28.442 1.00 49.02 ? 203 GLU B C  1 
ATOM 1028 O O  . GLU B 1 103 ? -3.602  -10.362 -29.564 1.00 50.24 ? 203 GLU B O  1 
ATOM 1029 C CB . GLU B 1 103 ? -1.577  -11.914 -27.136 1.00 20.00 ? 203 GLU B CB 1 
ATOM 1030 N N  . LYS B 1 104 ? -3.727  -9.987  -27.341 1.00 51.81 ? 204 LYS B N  1 
ATOM 1031 C CA . LYS B 1 104 ? -5.138  -9.584  -27.342 1.00 54.87 ? 204 LYS B CA 1 
ATOM 1032 C C  . LYS B 1 104 ? -5.419  -8.320  -28.160 1.00 56.50 ? 204 LYS B C  1 
ATOM 1033 O O  . LYS B 1 104 ? -6.551  -8.104  -28.601 1.00 57.50 ? 204 LYS B O  1 
ATOM 1034 C CB . LYS B 1 104 ? -5.646  -9.406  -25.908 1.00 20.00 ? 204 LYS B CB 1 
ATOM 1035 N N  . LEU B 1 105 ? -4.385  -7.502  -28.355 1.00 56.83 ? 205 LEU B N  1 
ATOM 1036 C CA . LEU B 1 105 ? -4.496  -6.220  -29.056 1.00 57.69 ? 205 LEU B CA 1 
ATOM 1037 C C  . LEU B 1 105 ? -5.041  -6.358  -30.476 1.00 58.45 ? 205 LEU B C  1 
ATOM 1038 O O  . LEU B 1 105 ? -4.675  -7.284  -31.205 1.00 59.35 ? 205 LEU B O  1 
ATOM 1039 C CB . LEU B 1 105 ? -3.139  -5.512  -29.086 1.00 20.00 ? 205 LEU B CB 1 
ATOM 1040 N N  . PHE B 1 106 ? -5.921  -5.431  -30.850 1.00 59.52 ? 206 PHE B N  1 
ATOM 1041 C CA . PHE B 1 106 ? -6.497  -5.383  -32.192 1.00 60.66 ? 206 PHE B CA 1 
ATOM 1042 C C  . PHE B 1 106 ? -6.764  -3.945  -32.628 1.00 62.67 ? 206 PHE B C  1 
ATOM 1043 O O  . PHE B 1 106 ? -7.025  -3.070  -31.802 1.00 63.60 ? 206 PHE B O  1 
ATOM 1044 C CB . PHE B 1 106 ? -7.786  -6.200  -32.256 1.00 20.00 ? 206 PHE B CB 1 
# 
loop_
_pdbx_poly_seq_scheme.asym_id 
_pdbx_poly_seq_scheme.entity_id 
_pdbx_poly_seq_scheme.seq_id 
_pdbx_poly_seq_scheme.mon_id 
_pdbx_poly_seq_scheme.ndb_seq_num 
_pdbx_poly_seq_scheme.pdb_seq_num 
_pdbx_poly_seq_scheme.auth_seq_num 
_pdbx_poly_seq_scheme.pdb_mon_id 
_pdbx_poly_seq_scheme.auth_mon_id 
_pdbx_poly_seq_scheme.pdb_strand_id 
_pdbx_poly_seq_scheme.pdb_ins_code 
_pdbx_poly_seq_scheme.hetero 
A 1 1   GLU 1   101 101 GLU GLU A . n 
A 1 2   GLN 2   102 102 GLN GLN A . n 
A 1 3   PRO 3   103 103 PRO PRO A . n 
A 1 4   GLU 4   104 104 GLU GLU A . n 
A 1 5   TYR 5   105 105 TYR TYR A . n 
A 1 6   LYS 6   106 106 LYS LYS A . n 
A 1 7   ASP 7   107 107 ASP ASP A . n 
A 1 8   LYS 8   108 108 LYS LYS A . n 
A 1 9   LEU 9   109 109 LEU LEU A . n 
A 1 10  ILE 10  110 110 ILE ILE A . n 
A 1 11  LYS 11  111 111 LYS LYS A . n 
A 1 12  LEU 12  112 112 LEU LEU A . n 
A 1 13  ILE 13  113 113 ILE ILE A . n 
A 1 14  LYS 14  114 114 LYS LYS A . n 
A 1 15  ASP 15  115 115 ASP ASP A . n 
A 1 16  GLY 16  116 116 GLY GLY A . n 
A 1 17  ALA 17  117 117 ALA ALA A . n 
A 1 18  ILE 18  118 118 ILE ILE A . n 
A 1 19  SER 19  119 119 SER SER A . n 
A 1 20  LEU 20  120 120 LEU LEU A . n 
A 1 21  GLY 21  121 121 GLY GLY A . n 
A 1 22  GLY 22  122 122 GLY GLY A . n 
A 1 23  GLY 23  123 123 GLY GLY A . n 
A 1 24  GLU 24  124 124 GLU GLU A . n 
A 1 25  LEU 25  125 125 LEU LEU A . n 
A 1 26  ILE 26  126 126 ILE ILE A . n 
A 1 27  VAL 27  127 127 VAL VAL A . n 
A 1 28  ARG 28  128 128 ARG ARG A . n 
A 1 29  LEU 29  129 129 LEU LEU A . n 
A 1 30  ASN 30  130 130 ASN ASN A . n 
A 1 31  LYS 31  131 131 LYS LYS A . n 
A 1 32  ARG 32  132 132 ARG ARG A . n 
A 1 33  ASP 33  133 133 ASP ASP A . n 
A 1 34  MET 34  134 134 MET MET A . n 
A 1 35  GLU 35  135 135 GLU GLU A . n 
A 1 36  LEU 36  136 136 LEU LEU A . n 
A 1 37  ILE 37  137 137 ILE ILE A . n 
A 1 38  ASP 38  138 138 ASP ASP A . n 
A 1 39  ASP 39  139 139 ASP ASP A . n 
A 1 40  SER 40  140 140 SER SER A . n 
A 1 41  THR 41  141 141 THR THR A . n 
A 1 42  LEU 42  142 142 LEU LEU A . n 
A 1 43  TRP 43  143 143 TRP TRP A . n 
A 1 44  ASN 44  144 144 ASN ASN A . n 
A 1 45  LEU 45  145 145 LEU LEU A . n 
A 1 46  GLU 46  146 146 GLU GLU A . n 
A 1 47  LYS 47  147 147 LYS LYS A . n 
A 1 48  GLU 48  148 148 GLU GLU A . n 
A 1 49  VAL 49  149 149 VAL VAL A . n 
A 1 50  GLU 50  150 150 GLU GLU A . n 
A 1 51  ASN 51  151 151 ASN ASN A . n 
A 1 52  ALA 52  152 152 ALA ALA A . n 
A 1 53  THR 53  153 153 THR THR A . n 
A 1 54  LYS 54  154 154 LYS LYS A . n 
A 1 55  LYS 55  155 155 LYS LYS A . n 
A 1 56  VAL 56  156 156 VAL VAL A . n 
A 1 57  THR 57  157 157 THR THR A . n 
A 1 58  VAL 58  158 158 VAL VAL A . n 
A 1 59  LEU 59  159 159 LEU LEU A . n 
A 1 60  LYS 60  160 160 LYS LYS A . n 
A 1 61  LYS 61  161 161 LYS LYS A . n 
A 1 62  GLY 62  162 162 GLY GLY A . n 
A 1 63  GLU 63  163 163 GLU GLU A . n 
A 1 64  PRO 64  164 164 PRO PRO A . n 
A 1 65  VAL 65  165 165 VAL VAL A . n 
A 1 66  ASP 66  166 166 ASP ASP A . n 
A 1 67  ILE 67  167 167 ILE ILE A . n 
A 1 68  ALA 68  168 168 ALA ALA A . n 
A 1 69  GLY 69  169 169 GLY GLY A . n 
A 1 70  GLY 70  170 170 GLY GLY A . n 
A 1 71  CYS 71  171 171 CYS CYS A . n 
A 1 72  ILE 72  172 172 ILE ILE A . n 
A 1 73  ILE 73  173 173 ILE ILE A . n 
A 1 74  GLU 74  174 174 GLU GLU A . n 
A 1 75  THR 75  175 175 THR THR A . n 
A 1 76  ALA 76  176 176 ALA ALA A . n 
A 1 77  ASP 77  177 177 ASP ASP A . n 
A 1 78  GLY 78  178 178 GLY GLY A . n 
A 1 79  LEU 79  179 179 LEU LEU A . n 
A 1 80  LYS 80  180 180 LYS LYS A . n 
A 1 81  SER 81  181 181 SER SER A . n 
A 1 82  LEU 82  182 182 LEU LEU A . n 
A 1 83  ASP 83  183 183 ASP ASP A . n 
A 1 84  ASN 84  184 184 ASN ASN A . n 
A 1 85  SER 85  185 185 SER SER A . n 
A 1 86  LEU 86  186 186 LEU LEU A . n 
A 1 87  GLU 87  187 187 GLU GLU A . n 
A 1 88  ALA 88  188 188 ALA ALA A . n 
A 1 89  ILE 89  189 189 ILE ILE A . n 
A 1 90  PHE 90  190 190 PHE PHE A . n 
A 1 91  ASN 91  191 191 ASN ASN A . n 
A 1 92  ARG 92  192 192 ARG ARG A . n 
A 1 93  ASN 93  193 193 ASN ASN A . n 
A 1 94  LEU 94  194 194 LEU LEU A . n 
A 1 95  ASN 95  195 195 ASN ASN A . n 
A 1 96  VAL 96  196 196 VAL VAL A . n 
A 1 97  ILE 97  197 197 ILE ILE A . n 
A 1 98  ARG 98  198 198 ARG ARG A . n 
A 1 99  ALA 99  199 199 ALA ALA A . n 
A 1 100 ARG 100 200 200 ARG ARG A . n 
A 1 101 ILE 101 201 201 ILE ILE A . n 
A 1 102 THR 102 202 202 THR THR A . n 
A 1 103 GLU 103 203 203 GLU GLU A . n 
A 1 104 LYS 104 204 204 LYS LYS A . n 
A 1 105 LEU 105 205 205 LEU LEU A . n 
A 1 106 PHE 106 206 206 PHE PHE A . n 
B 1 1   GLU 1   101 101 GLU GLU B . n 
B 1 2   GLN 2   102 102 GLN GLN B . n 
B 1 3   PRO 3   103 103 PRO PRO B . n 
B 1 4   GLU 4   104 104 GLU GLU B . n 
B 1 5   TYR 5   105 105 TYR TYR B . n 
B 1 6   LYS 6   106 106 LYS LYS B . n 
B 1 7   ASP 7   107 107 ASP ASP B . n 
B 1 8   LYS 8   108 108 LYS LYS B . n 
B 1 9   LEU 9   109 109 LEU LEU B . n 
B 1 10  ILE 10  110 110 ILE ILE B . n 
B 1 11  LYS 11  111 111 LYS LYS B . n 
B 1 12  LEU 12  112 112 LEU LEU B . n 
B 1 13  ILE 13  113 113 ILE ILE B . n 
B 1 14  LYS 14  114 114 LYS LYS B . n 
B 1 15  ASP 15  115 115 ASP ASP B . n 
B 1 16  GLY 16  116 116 GLY GLY B . n 
B 1 17  ALA 17  117 117 ALA ALA B . n 
B 1 18  ILE 18  118 118 ILE ILE B . n 
B 1 19  SER 19  119 119 SER SER B . n 
B 1 20  LEU 20  120 120 LEU LEU B . n 
B 1 21  GLY 21  121 121 GLY GLY B . n 
B 1 22  GLY 22  122 122 GLY GLY B . n 
B 1 23  GLY 23  123 123 GLY GLY B . n 
B 1 24  GLU 24  124 124 GLU GLU B . n 
B 1 25  LEU 25  125 125 LEU LEU B . n 
B 1 26  ILE 26  126 126 ILE ILE B . n 
B 1 27  VAL 27  127 127 VAL VAL B . n 
B 1 28  ARG 28  128 128 ARG ARG B . n 
B 1 29  LEU 29  129 129 LEU LEU B . n 
B 1 30  ASN 30  130 130 ASN ASN B . n 
B 1 31  LYS 31  131 131 LYS LYS B . n 
B 1 32  ARG 32  132 132 ARG ARG B . n 
B 1 33  ASP 33  133 133 ASP ASP B . n 
B 1 34  MET 34  134 134 MET MET B . n 
B 1 35  GLU 35  135 135 GLU GLU B . n 
B 1 36  LEU 36  136 136 LEU LEU B . n 
B 1 37  ILE 37  137 137 ILE ILE B . n 
B 1 38  ASP 38  138 138 ASP ASP B . n 
B 1 39  ASP 39  139 139 ASP ASP B . n 
B 1 40  SER 40  140 140 SER SER B . n 
B 1 41  THR 41  141 141 THR THR B . n 
B 1 42  LEU 42  142 142 LEU LEU B . n 
B 1 43  TRP 43  143 143 TRP TRP B . n 
B 1 44  ASN 44  144 144 ASN ASN B . n 
B 1 45  LEU 45  145 145 LEU LEU B . n 
B 1 46  GLU 46  146 146 GLU GLU B . n 
B 1 47  LYS 47  147 147 LYS LYS B . n 
B 1 48  GLU 48  148 148 GLU GLU B . n 
B 1 49  VAL 49  149 149 VAL VAL B . n 
B 1 50  GLU 50  150 150 GLU GLU B . n 
B 1 51  ASN 51  151 151 ASN ASN B . n 
B 1 52  ALA 52  152 152 ALA ALA B . n 
B 1 53  THR 53  153 153 THR THR B . n 
B 1 54  LYS 54  154 154 LYS LYS B . n 
B 1 55  LYS 55  155 155 LYS LYS B . n 
B 1 56  VAL 56  156 156 VAL VAL B . n 
B 1 57  THR 57  157 157 THR THR B . n 
B 1 58  VAL 58  158 158 VAL VAL B . n 
B 1 59  LEU 59  159 159 LEU LEU B . n 
B 1 60  LYS 60  160 160 LYS LYS B . n 
B 1 61  LYS 61  161 161 LYS LYS B . n 
B 1 62  GLY 62  162 162 GLY GLY B . n 
B 1 63  GLU 63  163 163 GLU GLU B . n 
B 1 64  PRO 64  164 164 PRO PRO B . n 
B 1 65  VAL 65  165 165 VAL VAL B . n 
B 1 66  ASP 66  166 166 ASP ASP B . n 
B 1 67  ILE 67  167 167 ILE ILE B . n 
B 1 68  ALA 68  168 168 ALA ALA B . n 
B 1 69  GLY 69  169 169 GLY GLY B . n 
B 1 70  GLY 70  170 170 GLY GLY B . n 
B 1 71  CYS 71  171 171 CYS CYS B . n 
B 1 72  ILE 72  172 172 ILE ILE B . n 
B 1 73  ILE 73  173 173 ILE ILE B . n 
B 1 74  GLU 74  174 174 GLU GLU B . n 
B 1 75  THR 75  175 175 THR THR B . n 
B 1 76  ALA 76  176 176 ALA ALA B . n 
B 1 77  ASP 77  177 177 ASP ASP B . n 
B 1 78  GLY 78  178 178 GLY GLY B . n 
B 1 79  LEU 79  179 179 LEU LEU B . n 
B 1 80  LYS 80  180 180 LYS LYS B . n 
B 1 81  SER 81  181 181 SER SER B . n 
B 1 82  LEU 82  182 182 LEU LEU B . n 
B 1 83  ASP 83  183 183 ASP ASP B . n 
B 1 84  ASN 84  184 184 ASN ASN B . n 
B 1 85  SER 85  185 185 SER SER B . n 
B 1 86  LEU 86  186 186 LEU LEU B . n 
B 1 87  GLU 87  187 187 GLU GLU B . n 
B 1 88  ALA 88  188 188 ALA ALA B . n 
B 1 89  ILE 89  189 189 ILE ILE B . n 
B 1 90  PHE 90  190 190 PHE PHE B . n 
B 1 91  ASN 91  191 191 ASN ASN B . n 
B 1 92  ARG 92  192 192 ARG ARG B . n 
B 1 93  ASN 93  193 193 ASN ASN B . n 
B 1 94  LEU 94  194 194 LEU LEU B . n 
B 1 95  ASN 95  195 195 ASN ASN B . n 
B 1 96  VAL 96  196 196 VAL VAL B . n 
B 1 97  ILE 97  197 197 ILE ILE B . n 
B 1 98  ARG 98  198 198 ARG ARG B . n 
B 1 99  ALA 99  199 199 ALA ALA B . n 
B 1 100 ARG 100 200 200 ARG ARG B . n 
B 1 101 ILE 101 201 201 ILE ILE B . n 
B 1 102 THR 102 202 202 THR THR B . n 
B 1 103 GLU 103 203 203 GLU GLU B . n 
B 1 104 LYS 104 204 204 LYS LYS B . n 
B 1 105 LEU 105 205 205 LEU LEU B . n 
B 1 106 PHE 106 206 206 PHE PHE B . n 
# 
loop_
_pdbx_struct_assembly.id 
_pdbx_struct_assembly.details 
_pdbx_struct_assembly.method_details 
_pdbx_struct_assembly.oligomeric_details 
_pdbx_struct_assembly.oligomeric_count 
1 author_defined_assembly ? monomeric 1 
2 author_defined_assembly ? monomeric 1 
# 
loop_
_pdbx_struct_assembly_gen.assembly_id 
_pdbx_struct_assembly_gen.oper_expression 
_pdbx_struct_assembly_gen.asym_id_list 
1 1 A 
2 1 B 
# 
_pdbx_struct_oper_list.id                   1 
_pdbx_struct_oper_list.type                 'identity operation' 
_pdbx_struct_oper_list.name                 1_555 
_pdbx_struct_oper_list.symmetry_operation   x,y,z 
_pdbx_struct_oper_list.matrix[1][1]         1.0000000000 
_pdbx_struct_oper_list.matrix[1][2]         0.0000000000 
_pdbx_struct_oper_list.matrix[1][3]         0.0000000000 
_pdbx_struct_oper_list.vector[1]            0.0000000000 
_pdbx_struct_oper_list.matrix[2][1]         0.0000000000 
_pdbx_struct_oper_list.matrix[2][2]         1.0000000000 
_pdbx_struct_oper_list.matrix[2][3]         0.0000000000 
_pdbx_struct_oper_list.vector[2]            0.0000000000 
_pdbx_struct_oper_list.matrix[3][1]         0.0000000000 
_pdbx_struct_oper_list.matrix[3][2]         0.0000000000 
_pdbx_struct_oper_list.matrix[3][3]         1.0000000000 
_pdbx_struct_oper_list.vector[3]            0.0000000000 
# 
loop_
_pdbx_audit_revision_history.ordinal 
_pdbx_audit_revision_history.data_content_type 
_pdbx_audit_revision_history.major_revision 
_pdbx_audit_revision_history.minor_revision 
_pdbx_audit_revision_history.revision_date 
1 'Structure model' 1 0 2010-07-07 
2 'Structure model' 1 1 2011-07-13 
3 'Structure model' 1 2 2014-02-12 
4 'Structure model' 1 3 2017-11-01 
5 'Structure model' 1 4 2023-11-01 
# 
_pdbx_audit_revision_details.ordinal             1 
_pdbx_audit_revision_details.revision_ordinal    1 
_pdbx_audit_revision_details.data_content_type   'Structure model' 
_pdbx_audit_revision_details.provider            repository 
_pdbx_audit_revision_details.type                'Initial release' 
_pdbx_audit_revision_details.description         ? 
_pdbx_audit_revision_details.details             ? 
# 
loop_
_pdbx_audit_revision_group.ordinal 
_pdbx_audit_revision_group.revision_ordinal 
_pdbx_audit_revision_group.data_content_type 
_pdbx_audit_revision_group.group 
1 2 'Structure model' 'Version format compliance' 
2 3 'Structure model' 'Database references'       
3 4 'Structure model' 'Refinement description'    
4 5 'Structure model' 'Data collection'           
5 5 'Structure model' 'Database references'       
6 5 'Structure model' 'Refinement description'    
# 
loop_
_pdbx_audit_revision_category.ordinal 
_pdbx_audit_revision_category.revision_ordinal 
_pdbx_audit_revision_category.data_content_type 
_pdbx_audit_revision_category.category 
1 4 'Structure model' software                      
2 5 'Structure model' chem_comp_atom                
3 5 'Structure model' chem_comp_bond                
4 5 'Structure model' database_2                    
5 5 'Structure model' pdbx_initial_refinement_model 
6 5 'Structure model' struct_ncs_dom_lim            
# 
loop_
_pdbx_audit_revision_item.ordinal 
_pdbx_audit_revision_item.revision_ordinal 
_pdbx_audit_revision_item.data_content_type 
_pdbx_audit_revision_item.item 
1  5 'Structure model' '_database_2.pdbx_DOI'                  
2  5 'Structure model' '_database_2.pdbx_database_accession'   
3  5 'Structure model' '_struct_ncs_dom_lim.beg_auth_comp_id'  
4  5 'Structure model' '_struct_ncs_dom_lim.beg_label_asym_id' 
5  5 'Structure model' '_struct_ncs_dom_lim.beg_label_comp_id' 
6  5 'Structure model' '_struct_ncs_dom_lim.beg_label_seq_id'  
7  5 'Structure model' '_struct_ncs_dom_lim.end_auth_comp_id'  
8  5 'Structure model' '_struct_ncs_dom_lim.end_label_asym_id' 
9  5 'Structure model' '_struct_ncs_dom_lim.end_label_comp_id' 
10 5 'Structure model' '_struct_ncs_dom_lim.end_label_seq_id'  
# 
_phasing.method   MR 
# 
loop_
_software.pdbx_ordinal 
_software.name 
_software.version 
_software.date 
_software.type 
_software.contact_author 
_software.contact_author_email 
_software.classification 
_software.location 
_software.language 
_software.citation_id 
1 DENZO       .        ?               package 'Zbyszek Otwinowski' hkl@hkl-xray.com            'data reduction'  
http://www.hkl-xray.com/                     ?          ? 
2 SCALEPACK   .        ?               package 'Zbyszek Otwinowski' hkl@hkl-xray.com            'data scaling'    
http://www.hkl-xray.com/                     ?          ? 
3 PHASER      .        ?               program 'Randy J. Read'      cimr-phaser@lists.cam.ac.uk phasing           
http://www-structmed.cimr.cam.ac.uk/phaser/  ?          ? 
4 REFMAC      5.5.0072 ?               program 'Garib N. Murshudov' garib@ysbl.york.ac.uk       refinement        
http://www.ccp4.ac.uk/dist/html/refmac5.html Fortran_77 ? 
5 PDB_EXTRACT 3.005    'June 11, 2008' package PDB                  help@deposit.rcsb.org       'data extraction' 
http://sw-tools.pdb.org/apps/PDB_EXTRACT/    C++        ? 
6 HKL-2000    .        ?               ?       ?                    ?                           'data collection' ? ?          ? 
# 
_pdbx_validate_rmsd_angle.id                         1 
_pdbx_validate_rmsd_angle.PDB_model_num              1 
_pdbx_validate_rmsd_angle.auth_atom_id_1             C 
_pdbx_validate_rmsd_angle.auth_asym_id_1             B 
_pdbx_validate_rmsd_angle.auth_comp_id_1             GLU 
_pdbx_validate_rmsd_angle.auth_seq_id_1              163 
_pdbx_validate_rmsd_angle.PDB_ins_code_1             ? 
_pdbx_validate_rmsd_angle.label_alt_id_1             ? 
_pdbx_validate_rmsd_angle.auth_atom_id_2             N 
_pdbx_validate_rmsd_angle.auth_asym_id_2             B 
_pdbx_validate_rmsd_angle.auth_comp_id_2             PRO 
_pdbx_validate_rmsd_angle.auth_seq_id_2              164 
_pdbx_validate_rmsd_angle.PDB_ins_code_2             ? 
_pdbx_validate_rmsd_angle.label_alt_id_2             ? 
_pdbx_validate_rmsd_angle.auth_atom_id_3             CA 
_pdbx_validate_rmsd_angle.auth_asym_id_3             B 
_pdbx_validate_rmsd_angle.auth_comp_id_3             PRO 
_pdbx_validate_rmsd_angle.auth_seq_id_3              164 
_pdbx_validate_rmsd_angle.PDB_ins_code_3             ? 
_pdbx_validate_rmsd_angle.label_alt_id_3             ? 
_pdbx_validate_rmsd_angle.angle_value                128.62 
_pdbx_validate_rmsd_angle.angle_target_value         119.30 
_pdbx_validate_rmsd_angle.angle_deviation            9.32 
_pdbx_validate_rmsd_angle.angle_standard_deviation   1.50 
_pdbx_validate_rmsd_angle.linker_flag                Y 
# 
loop_
_pdbx_validate_torsion.id 
_pdbx_validate_torsion.PDB_model_num 
_pdbx_validate_torsion.auth_comp_id 
_pdbx_validate_torsion.auth_asym_id 
_pdbx_validate_torsion.auth_seq_id 
_pdbx_validate_torsion.PDB_ins_code 
_pdbx_validate_torsion.label_alt_id 
_pdbx_validate_torsion.phi 
_pdbx_validate_torsion.psi 
1  1 GLN A 102 ? ? 73.76   -13.31  
2  1 PRO A 103 ? ? -90.08  57.12   
3  1 ALA A 117 ? ? -56.06  -70.97  
4  1 ILE A 126 ? ? -67.78  89.65   
5  1 LYS A 131 ? ? 65.43   177.42  
6  1 ASP A 133 ? ? -55.88  -8.24   
7  1 ASP A 139 ? ? -98.99  37.57   
8  1 LYS A 147 ? ? -75.81  -75.13  
9  1 ASN A 151 ? ? -74.40  -80.57  
10 1 THR A 153 ? ? -79.47  -109.07 
11 1 LYS A 154 ? ? -153.00 -47.07  
12 1 LYS A 160 ? ? -133.87 -107.19 
13 1 VAL A 165 ? ? -135.41 -117.34 
14 1 ASP A 166 ? ? -133.85 -88.09  
15 1 ILE A 167 ? ? -134.22 -38.21  
16 1 ILE A 201 ? ? -95.75  31.27   
17 1 GLU A 203 ? ? -158.52 -30.00  
18 1 LYS B 131 ? ? 56.76   -151.24 
19 1 ASN B 151 ? ? -105.17 -93.00  
20 1 LYS B 160 ? ? -156.44 -59.46  
21 1 VAL B 165 ? ? -126.69 -110.72 
22 1 ASP B 166 ? ? -139.04 -95.43  
23 1 ALA B 176 ? ? -64.94  74.98   
24 1 LEU B 182 ? ? -102.54 79.93   
25 1 THR B 202 ? ? -152.42 -56.50  
26 1 GLU B 203 ? ? -75.56  -74.40  
# 
loop_
_pdbx_unobs_or_zero_occ_atoms.id 
_pdbx_unobs_or_zero_occ_atoms.PDB_model_num 
_pdbx_unobs_or_zero_occ_atoms.polymer_flag 
_pdbx_unobs_or_zero_occ_atoms.occupancy_flag 
_pdbx_unobs_or_zero_occ_atoms.auth_asym_id 
_pdbx_unobs_or_zero_occ_atoms.auth_comp_id 
_pdbx_unobs_or_zero_occ_atoms.auth_seq_id 
_pdbx_unobs_or_zero_occ_atoms.PDB_ins_code 
_pdbx_unobs_or_zero_occ_atoms.auth_atom_id 
_pdbx_unobs_or_zero_occ_atoms.label_alt_id 
_pdbx_unobs_or_zero_occ_atoms.label_asym_id 
_pdbx_unobs_or_zero_occ_atoms.label_comp_id 
_pdbx_unobs_or_zero_occ_atoms.label_seq_id 
_pdbx_unobs_or_zero_occ_atoms.label_atom_id 
1   1 Y 1 A GLU 101 ? CG  ? A GLU 1   CG  
2   1 Y 1 A GLU 101 ? CD  ? A GLU 1   CD  
3   1 Y 1 A GLU 101 ? OE1 ? A GLU 1   OE1 
4   1 Y 1 A GLU 101 ? OE2 ? A GLU 1   OE2 
5   1 Y 1 A GLN 102 ? CG  ? A GLN 2   CG  
6   1 Y 1 A GLN 102 ? CD  ? A GLN 2   CD  
7   1 Y 1 A GLN 102 ? OE1 ? A GLN 2   OE1 
8   1 Y 1 A GLN 102 ? NE2 ? A GLN 2   NE2 
9   1 Y 1 A PRO 103 ? CG  ? A PRO 3   CG  
10  1 Y 1 A PRO 103 ? CD  ? A PRO 3   CD  
11  1 Y 1 A GLU 104 ? CG  ? A GLU 4   CG  
12  1 Y 1 A GLU 104 ? CD  ? A GLU 4   CD  
13  1 Y 1 A GLU 104 ? OE1 ? A GLU 4   OE1 
14  1 Y 1 A GLU 104 ? OE2 ? A GLU 4   OE2 
15  1 Y 1 A TYR 105 ? CG  ? A TYR 5   CG  
16  1 Y 1 A TYR 105 ? CD1 ? A TYR 5   CD1 
17  1 Y 1 A TYR 105 ? CD2 ? A TYR 5   CD2 
18  1 Y 1 A TYR 105 ? CE1 ? A TYR 5   CE1 
19  1 Y 1 A TYR 105 ? CE2 ? A TYR 5   CE2 
20  1 Y 1 A TYR 105 ? CZ  ? A TYR 5   CZ  
21  1 Y 1 A TYR 105 ? OH  ? A TYR 5   OH  
22  1 Y 1 A LYS 106 ? CG  ? A LYS 6   CG  
23  1 Y 1 A LYS 106 ? CD  ? A LYS 6   CD  
24  1 Y 1 A LYS 106 ? CE  ? A LYS 6   CE  
25  1 Y 1 A LYS 106 ? NZ  ? A LYS 6   NZ  
26  1 Y 1 A ASP 107 ? CG  ? A ASP 7   CG  
27  1 Y 1 A ASP 107 ? OD1 ? A ASP 7   OD1 
28  1 Y 1 A ASP 107 ? OD2 ? A ASP 7   OD2 
29  1 Y 1 A LYS 108 ? CG  ? A LYS 8   CG  
30  1 Y 1 A LYS 108 ? CD  ? A LYS 8   CD  
31  1 Y 1 A LYS 108 ? CE  ? A LYS 8   CE  
32  1 Y 1 A LYS 108 ? NZ  ? A LYS 8   NZ  
33  1 Y 1 A LEU 109 ? CG  ? A LEU 9   CG  
34  1 Y 1 A LEU 109 ? CD1 ? A LEU 9   CD1 
35  1 Y 1 A LEU 109 ? CD2 ? A LEU 9   CD2 
36  1 Y 1 A ILE 110 ? CG1 ? A ILE 10  CG1 
37  1 Y 1 A ILE 110 ? CG2 ? A ILE 10  CG2 
38  1 Y 1 A ILE 110 ? CD1 ? A ILE 10  CD1 
39  1 Y 1 A LYS 111 ? CG  ? A LYS 11  CG  
40  1 Y 1 A LYS 111 ? CD  ? A LYS 11  CD  
41  1 Y 1 A LYS 111 ? CE  ? A LYS 11  CE  
42  1 Y 1 A LYS 111 ? NZ  ? A LYS 11  NZ  
43  1 Y 1 A LEU 112 ? CG  ? A LEU 12  CG  
44  1 Y 1 A LEU 112 ? CD1 ? A LEU 12  CD1 
45  1 Y 1 A LEU 112 ? CD2 ? A LEU 12  CD2 
46  1 Y 1 A ILE 113 ? CG1 ? A ILE 13  CG1 
47  1 Y 1 A ILE 113 ? CG2 ? A ILE 13  CG2 
48  1 Y 1 A ILE 113 ? CD1 ? A ILE 13  CD1 
49  1 Y 1 A LYS 114 ? CG  ? A LYS 14  CG  
50  1 Y 1 A LYS 114 ? CD  ? A LYS 14  CD  
51  1 Y 1 A LYS 114 ? CE  ? A LYS 14  CE  
52  1 Y 1 A LYS 114 ? NZ  ? A LYS 14  NZ  
53  1 Y 1 A ASP 115 ? CG  ? A ASP 15  CG  
54  1 Y 1 A ASP 115 ? OD1 ? A ASP 15  OD1 
55  1 Y 1 A ASP 115 ? OD2 ? A ASP 15  OD2 
56  1 Y 1 A ILE 118 ? CG1 ? A ILE 18  CG1 
57  1 Y 1 A ILE 118 ? CG2 ? A ILE 18  CG2 
58  1 Y 1 A ILE 118 ? CD1 ? A ILE 18  CD1 
59  1 Y 1 A SER 119 ? OG  ? A SER 19  OG  
60  1 Y 1 A LEU 120 ? CG  ? A LEU 20  CG  
61  1 Y 1 A LEU 120 ? CD1 ? A LEU 20  CD1 
62  1 Y 1 A LEU 120 ? CD2 ? A LEU 20  CD2 
63  1 Y 1 A GLU 124 ? CG  ? A GLU 24  CG  
64  1 Y 1 A GLU 124 ? CD  ? A GLU 24  CD  
65  1 Y 1 A GLU 124 ? OE1 ? A GLU 24  OE1 
66  1 Y 1 A GLU 124 ? OE2 ? A GLU 24  OE2 
67  1 Y 1 A LEU 125 ? CG  ? A LEU 25  CG  
68  1 Y 1 A LEU 125 ? CD1 ? A LEU 25  CD1 
69  1 Y 1 A LEU 125 ? CD2 ? A LEU 25  CD2 
70  1 Y 1 A ILE 126 ? CG1 ? A ILE 26  CG1 
71  1 Y 1 A ILE 126 ? CG2 ? A ILE 26  CG2 
72  1 Y 1 A ILE 126 ? CD1 ? A ILE 26  CD1 
73  1 Y 1 A VAL 127 ? CG1 ? A VAL 27  CG1 
74  1 Y 1 A VAL 127 ? CG2 ? A VAL 27  CG2 
75  1 Y 1 A ARG 128 ? CG  ? A ARG 28  CG  
76  1 Y 1 A ARG 128 ? CD  ? A ARG 28  CD  
77  1 Y 1 A ARG 128 ? NE  ? A ARG 28  NE  
78  1 Y 1 A ARG 128 ? CZ  ? A ARG 28  CZ  
79  1 Y 1 A ARG 128 ? NH1 ? A ARG 28  NH1 
80  1 Y 1 A ARG 128 ? NH2 ? A ARG 28  NH2 
81  1 Y 1 A LEU 129 ? CG  ? A LEU 29  CG  
82  1 Y 1 A LEU 129 ? CD1 ? A LEU 29  CD1 
83  1 Y 1 A LEU 129 ? CD2 ? A LEU 29  CD2 
84  1 Y 1 A ASN 130 ? CG  ? A ASN 30  CG  
85  1 Y 1 A ASN 130 ? OD1 ? A ASN 30  OD1 
86  1 Y 1 A ASN 130 ? ND2 ? A ASN 30  ND2 
87  1 Y 1 A LYS 131 ? CG  ? A LYS 31  CG  
88  1 Y 1 A LYS 131 ? CD  ? A LYS 31  CD  
89  1 Y 1 A LYS 131 ? CE  ? A LYS 31  CE  
90  1 Y 1 A LYS 131 ? NZ  ? A LYS 31  NZ  
91  1 Y 1 A ARG 132 ? CG  ? A ARG 32  CG  
92  1 Y 1 A ARG 132 ? CD  ? A ARG 32  CD  
93  1 Y 1 A ARG 132 ? NE  ? A ARG 32  NE  
94  1 Y 1 A ARG 132 ? CZ  ? A ARG 32  CZ  
95  1 Y 1 A ARG 132 ? NH1 ? A ARG 32  NH1 
96  1 Y 1 A ARG 132 ? NH2 ? A ARG 32  NH2 
97  1 Y 1 A ASP 133 ? CG  ? A ASP 33  CG  
98  1 Y 1 A ASP 133 ? OD1 ? A ASP 33  OD1 
99  1 Y 1 A ASP 133 ? OD2 ? A ASP 33  OD2 
100 1 Y 1 A MET 134 ? CG  ? A MET 34  CG  
101 1 Y 1 A MET 134 ? SD  ? A MET 34  SD  
102 1 Y 1 A MET 134 ? CE  ? A MET 34  CE  
103 1 Y 1 A GLU 135 ? CG  ? A GLU 35  CG  
104 1 Y 1 A GLU 135 ? CD  ? A GLU 35  CD  
105 1 Y 1 A GLU 135 ? OE1 ? A GLU 35  OE1 
106 1 Y 1 A GLU 135 ? OE2 ? A GLU 35  OE2 
107 1 Y 1 A LEU 136 ? CG  ? A LEU 36  CG  
108 1 Y 1 A LEU 136 ? CD1 ? A LEU 36  CD1 
109 1 Y 1 A LEU 136 ? CD2 ? A LEU 36  CD2 
110 1 Y 1 A ILE 137 ? CG1 ? A ILE 37  CG1 
111 1 Y 1 A ILE 137 ? CG2 ? A ILE 37  CG2 
112 1 Y 1 A ILE 137 ? CD1 ? A ILE 37  CD1 
113 1 Y 1 A ASP 138 ? CG  ? A ASP 38  CG  
114 1 Y 1 A ASP 138 ? OD1 ? A ASP 38  OD1 
115 1 Y 1 A ASP 138 ? OD2 ? A ASP 38  OD2 
116 1 Y 1 A ASP 139 ? CG  ? A ASP 39  CG  
117 1 Y 1 A ASP 139 ? OD1 ? A ASP 39  OD1 
118 1 Y 1 A ASP 139 ? OD2 ? A ASP 39  OD2 
119 1 Y 1 A SER 140 ? OG  ? A SER 40  OG  
120 1 Y 1 A THR 141 ? OG1 ? A THR 41  OG1 
121 1 Y 1 A THR 141 ? CG2 ? A THR 41  CG2 
122 1 Y 1 A LEU 142 ? CG  ? A LEU 42  CG  
123 1 Y 1 A LEU 142 ? CD1 ? A LEU 42  CD1 
124 1 Y 1 A LEU 142 ? CD2 ? A LEU 42  CD2 
125 1 Y 1 A TRP 143 ? CG  ? A TRP 43  CG  
126 1 Y 1 A TRP 143 ? CD1 ? A TRP 43  CD1 
127 1 Y 1 A TRP 143 ? CD2 ? A TRP 43  CD2 
128 1 Y 1 A TRP 143 ? NE1 ? A TRP 43  NE1 
129 1 Y 1 A TRP 143 ? CE2 ? A TRP 43  CE2 
130 1 Y 1 A TRP 143 ? CE3 ? A TRP 43  CE3 
131 1 Y 1 A TRP 143 ? CZ2 ? A TRP 43  CZ2 
132 1 Y 1 A TRP 143 ? CZ3 ? A TRP 43  CZ3 
133 1 Y 1 A TRP 143 ? CH2 ? A TRP 43  CH2 
134 1 Y 1 A ASN 144 ? CG  ? A ASN 44  CG  
135 1 Y 1 A ASN 144 ? OD1 ? A ASN 44  OD1 
136 1 Y 1 A ASN 144 ? ND2 ? A ASN 44  ND2 
137 1 Y 1 A LEU 145 ? CG  ? A LEU 45  CG  
138 1 Y 1 A LEU 145 ? CD1 ? A LEU 45  CD1 
139 1 Y 1 A LEU 145 ? CD2 ? A LEU 45  CD2 
140 1 Y 1 A GLU 146 ? CG  ? A GLU 46  CG  
141 1 Y 1 A GLU 146 ? CD  ? A GLU 46  CD  
142 1 Y 1 A GLU 146 ? OE1 ? A GLU 46  OE1 
143 1 Y 1 A GLU 146 ? OE2 ? A GLU 46  OE2 
144 1 Y 1 A LYS 147 ? CG  ? A LYS 47  CG  
145 1 Y 1 A LYS 147 ? CD  ? A LYS 47  CD  
146 1 Y 1 A LYS 147 ? CE  ? A LYS 47  CE  
147 1 Y 1 A LYS 147 ? NZ  ? A LYS 47  NZ  
148 1 Y 1 A GLU 148 ? CG  ? A GLU 48  CG  
149 1 Y 1 A GLU 148 ? CD  ? A GLU 48  CD  
150 1 Y 1 A GLU 148 ? OE1 ? A GLU 48  OE1 
151 1 Y 1 A GLU 148 ? OE2 ? A GLU 48  OE2 
152 1 Y 1 A VAL 149 ? CG1 ? A VAL 49  CG1 
153 1 Y 1 A VAL 149 ? CG2 ? A VAL 49  CG2 
154 1 Y 1 A GLU 150 ? CG  ? A GLU 50  CG  
155 1 Y 1 A GLU 150 ? CD  ? A GLU 50  CD  
156 1 Y 1 A GLU 150 ? OE1 ? A GLU 50  OE1 
157 1 Y 1 A GLU 150 ? OE2 ? A GLU 50  OE2 
158 1 Y 1 A ASN 151 ? CG  ? A ASN 51  CG  
159 1 Y 1 A ASN 151 ? OD1 ? A ASN 51  OD1 
160 1 Y 1 A ASN 151 ? ND2 ? A ASN 51  ND2 
161 1 Y 1 A THR 153 ? OG1 ? A THR 53  OG1 
162 1 Y 1 A THR 153 ? CG2 ? A THR 53  CG2 
163 1 Y 1 A LYS 154 ? CG  ? A LYS 54  CG  
164 1 Y 1 A LYS 154 ? CD  ? A LYS 54  CD  
165 1 Y 1 A LYS 154 ? CE  ? A LYS 54  CE  
166 1 Y 1 A LYS 154 ? NZ  ? A LYS 54  NZ  
167 1 Y 1 A LYS 155 ? CG  ? A LYS 55  CG  
168 1 Y 1 A LYS 155 ? CD  ? A LYS 55  CD  
169 1 Y 1 A LYS 155 ? CE  ? A LYS 55  CE  
170 1 Y 1 A LYS 155 ? NZ  ? A LYS 55  NZ  
171 1 Y 1 A VAL 156 ? CG1 ? A VAL 56  CG1 
172 1 Y 1 A VAL 156 ? CG2 ? A VAL 56  CG2 
173 1 Y 1 A THR 157 ? OG1 ? A THR 57  OG1 
174 1 Y 1 A THR 157 ? CG2 ? A THR 57  CG2 
175 1 Y 1 A VAL 158 ? CG1 ? A VAL 58  CG1 
176 1 Y 1 A VAL 158 ? CG2 ? A VAL 58  CG2 
177 1 Y 1 A LEU 159 ? CG  ? A LEU 59  CG  
178 1 Y 1 A LEU 159 ? CD1 ? A LEU 59  CD1 
179 1 Y 1 A LEU 159 ? CD2 ? A LEU 59  CD2 
180 1 Y 1 A LYS 160 ? CG  ? A LYS 60  CG  
181 1 Y 1 A LYS 160 ? CD  ? A LYS 60  CD  
182 1 Y 1 A LYS 160 ? CE  ? A LYS 60  CE  
183 1 Y 1 A LYS 160 ? NZ  ? A LYS 60  NZ  
184 1 Y 1 A LYS 161 ? CG  ? A LYS 61  CG  
185 1 Y 1 A LYS 161 ? CD  ? A LYS 61  CD  
186 1 Y 1 A LYS 161 ? CE  ? A LYS 61  CE  
187 1 Y 1 A LYS 161 ? NZ  ? A LYS 61  NZ  
188 1 Y 1 A GLU 163 ? CG  ? A GLU 63  CG  
189 1 Y 1 A GLU 163 ? CD  ? A GLU 63  CD  
190 1 Y 1 A GLU 163 ? OE1 ? A GLU 63  OE1 
191 1 Y 1 A GLU 163 ? OE2 ? A GLU 63  OE2 
192 1 Y 1 A PRO 164 ? CG  ? A PRO 64  CG  
193 1 Y 1 A PRO 164 ? CD  ? A PRO 64  CD  
194 1 Y 1 A VAL 165 ? CG1 ? A VAL 65  CG1 
195 1 Y 1 A VAL 165 ? CG2 ? A VAL 65  CG2 
196 1 Y 1 A ASP 166 ? CG  ? A ASP 66  CG  
197 1 Y 1 A ASP 166 ? OD1 ? A ASP 66  OD1 
198 1 Y 1 A ASP 166 ? OD2 ? A ASP 66  OD2 
199 1 Y 1 A ILE 167 ? CG1 ? A ILE 67  CG1 
200 1 Y 1 A ILE 167 ? CG2 ? A ILE 67  CG2 
201 1 Y 1 A ILE 167 ? CD1 ? A ILE 67  CD1 
202 1 Y 1 A CYS 171 ? SG  ? A CYS 71  SG  
203 1 Y 1 A ILE 172 ? CG1 ? A ILE 72  CG1 
204 1 Y 1 A ILE 172 ? CG2 ? A ILE 72  CG2 
205 1 Y 1 A ILE 172 ? CD1 ? A ILE 72  CD1 
206 1 Y 1 A ILE 173 ? CG1 ? A ILE 73  CG1 
207 1 Y 1 A ILE 173 ? CG2 ? A ILE 73  CG2 
208 1 Y 1 A ILE 173 ? CD1 ? A ILE 73  CD1 
209 1 Y 1 A GLU 174 ? CG  ? A GLU 74  CG  
210 1 Y 1 A GLU 174 ? CD  ? A GLU 74  CD  
211 1 Y 1 A GLU 174 ? OE1 ? A GLU 74  OE1 
212 1 Y 1 A GLU 174 ? OE2 ? A GLU 74  OE2 
213 1 Y 1 A THR 175 ? OG1 ? A THR 75  OG1 
214 1 Y 1 A THR 175 ? CG2 ? A THR 75  CG2 
215 1 Y 1 A ASP 177 ? CG  ? A ASP 77  CG  
216 1 Y 1 A ASP 177 ? OD1 ? A ASP 77  OD1 
217 1 Y 1 A ASP 177 ? OD2 ? A ASP 77  OD2 
218 1 Y 1 A LEU 179 ? CG  ? A LEU 79  CG  
219 1 Y 1 A LEU 179 ? CD1 ? A LEU 79  CD1 
220 1 Y 1 A LEU 179 ? CD2 ? A LEU 79  CD2 
221 1 Y 1 A LYS 180 ? CG  ? A LYS 80  CG  
222 1 Y 1 A LYS 180 ? CD  ? A LYS 80  CD  
223 1 Y 1 A LYS 180 ? CE  ? A LYS 80  CE  
224 1 Y 1 A LYS 180 ? NZ  ? A LYS 80  NZ  
225 1 Y 1 A SER 181 ? OG  ? A SER 81  OG  
226 1 Y 1 A LEU 182 ? CG  ? A LEU 82  CG  
227 1 Y 1 A LEU 182 ? CD1 ? A LEU 82  CD1 
228 1 Y 1 A LEU 182 ? CD2 ? A LEU 82  CD2 
229 1 Y 1 A ASP 183 ? CG  ? A ASP 83  CG  
230 1 Y 1 A ASP 183 ? OD1 ? A ASP 83  OD1 
231 1 Y 1 A ASP 183 ? OD2 ? A ASP 83  OD2 
232 1 Y 1 A ASN 184 ? CG  ? A ASN 84  CG  
233 1 Y 1 A ASN 184 ? OD1 ? A ASN 84  OD1 
234 1 Y 1 A ASN 184 ? ND2 ? A ASN 84  ND2 
235 1 Y 1 A SER 185 ? OG  ? A SER 85  OG  
236 1 Y 1 A LEU 186 ? CG  ? A LEU 86  CG  
237 1 Y 1 A LEU 186 ? CD1 ? A LEU 86  CD1 
238 1 Y 1 A LEU 186 ? CD2 ? A LEU 86  CD2 
239 1 Y 1 A GLU 187 ? CG  ? A GLU 87  CG  
240 1 Y 1 A GLU 187 ? CD  ? A GLU 87  CD  
241 1 Y 1 A GLU 187 ? OE1 ? A GLU 87  OE1 
242 1 Y 1 A GLU 187 ? OE2 ? A GLU 87  OE2 
243 1 Y 1 A ILE 189 ? CG1 ? A ILE 89  CG1 
244 1 Y 1 A ILE 189 ? CG2 ? A ILE 89  CG2 
245 1 Y 1 A ILE 189 ? CD1 ? A ILE 89  CD1 
246 1 Y 1 A PHE 190 ? CG  ? A PHE 90  CG  
247 1 Y 1 A PHE 190 ? CD1 ? A PHE 90  CD1 
248 1 Y 1 A PHE 190 ? CD2 ? A PHE 90  CD2 
249 1 Y 1 A PHE 190 ? CE1 ? A PHE 90  CE1 
250 1 Y 1 A PHE 190 ? CE2 ? A PHE 90  CE2 
251 1 Y 1 A PHE 190 ? CZ  ? A PHE 90  CZ  
252 1 Y 1 A ASN 191 ? CG  ? A ASN 91  CG  
253 1 Y 1 A ASN 191 ? OD1 ? A ASN 91  OD1 
254 1 Y 1 A ASN 191 ? ND2 ? A ASN 91  ND2 
255 1 Y 1 A ARG 192 ? CG  ? A ARG 92  CG  
256 1 Y 1 A ARG 192 ? CD  ? A ARG 92  CD  
257 1 Y 1 A ARG 192 ? NE  ? A ARG 92  NE  
258 1 Y 1 A ARG 192 ? CZ  ? A ARG 92  CZ  
259 1 Y 1 A ARG 192 ? NH1 ? A ARG 92  NH1 
260 1 Y 1 A ARG 192 ? NH2 ? A ARG 92  NH2 
261 1 Y 1 A ASN 193 ? CG  ? A ASN 93  CG  
262 1 Y 1 A ASN 193 ? OD1 ? A ASN 93  OD1 
263 1 Y 1 A ASN 193 ? ND2 ? A ASN 93  ND2 
264 1 Y 1 A LEU 194 ? CG  ? A LEU 94  CG  
265 1 Y 1 A LEU 194 ? CD1 ? A LEU 94  CD1 
266 1 Y 1 A LEU 194 ? CD2 ? A LEU 94  CD2 
267 1 Y 1 A ASN 195 ? CG  ? A ASN 95  CG  
268 1 Y 1 A ASN 195 ? OD1 ? A ASN 95  OD1 
269 1 Y 1 A ASN 195 ? ND2 ? A ASN 95  ND2 
270 1 Y 1 A VAL 196 ? CG1 ? A VAL 96  CG1 
271 1 Y 1 A VAL 196 ? CG2 ? A VAL 96  CG2 
272 1 Y 1 A ILE 197 ? CG1 ? A ILE 97  CG1 
273 1 Y 1 A ILE 197 ? CG2 ? A ILE 97  CG2 
274 1 Y 1 A ILE 197 ? CD1 ? A ILE 97  CD1 
275 1 Y 1 A ARG 198 ? CG  ? A ARG 98  CG  
276 1 Y 1 A ARG 198 ? CD  ? A ARG 98  CD  
277 1 Y 1 A ARG 198 ? NE  ? A ARG 98  NE  
278 1 Y 1 A ARG 198 ? CZ  ? A ARG 98  CZ  
279 1 Y 1 A ARG 198 ? NH1 ? A ARG 98  NH1 
280 1 Y 1 A ARG 198 ? NH2 ? A ARG 98  NH2 
281 1 Y 1 A ARG 200 ? CG  ? A ARG 100 CG  
282 1 Y 1 A ARG 200 ? CD  ? A ARG 100 CD  
283 1 Y 1 A ARG 200 ? NE  ? A ARG 100 NE  
284 1 Y 1 A ARG 200 ? CZ  ? A ARG 100 CZ  
285 1 Y 1 A ARG 200 ? NH1 ? A ARG 100 NH1 
286 1 Y 1 A ARG 200 ? NH2 ? A ARG 100 NH2 
287 1 Y 1 A ILE 201 ? CG1 ? A ILE 101 CG1 
288 1 Y 1 A ILE 201 ? CG2 ? A ILE 101 CG2 
289 1 Y 1 A ILE 201 ? CD1 ? A ILE 101 CD1 
290 1 Y 1 A THR 202 ? OG1 ? A THR 102 OG1 
291 1 Y 1 A THR 202 ? CG2 ? A THR 102 CG2 
292 1 Y 1 A GLU 203 ? CG  ? A GLU 103 CG  
293 1 Y 1 A GLU 203 ? CD  ? A GLU 103 CD  
294 1 Y 1 A GLU 203 ? OE1 ? A GLU 103 OE1 
295 1 Y 1 A GLU 203 ? OE2 ? A GLU 103 OE2 
296 1 Y 1 A LYS 204 ? CG  ? A LYS 104 CG  
297 1 Y 1 A LYS 204 ? CD  ? A LYS 104 CD  
298 1 Y 1 A LYS 204 ? CE  ? A LYS 104 CE  
299 1 Y 1 A LYS 204 ? NZ  ? A LYS 104 NZ  
300 1 Y 1 A LEU 205 ? CG  ? A LEU 105 CG  
301 1 Y 1 A LEU 205 ? CD1 ? A LEU 105 CD1 
302 1 Y 1 A LEU 205 ? CD2 ? A LEU 105 CD2 
303 1 Y 1 A PHE 206 ? CG  ? A PHE 106 CG  
304 1 Y 1 A PHE 206 ? CD1 ? A PHE 106 CD1 
305 1 Y 1 A PHE 206 ? CD2 ? A PHE 106 CD2 
306 1 Y 1 A PHE 206 ? CE1 ? A PHE 106 CE1 
307 1 Y 1 A PHE 206 ? CE2 ? A PHE 106 CE2 
308 1 Y 1 A PHE 206 ? CZ  ? A PHE 106 CZ  
309 1 Y 1 B GLU 101 ? CG  ? B GLU 1   CG  
310 1 Y 1 B GLU 101 ? CD  ? B GLU 1   CD  
311 1 Y 1 B GLU 101 ? OE1 ? B GLU 1   OE1 
312 1 Y 1 B GLU 101 ? OE2 ? B GLU 1   OE2 
313 1 Y 1 B GLN 102 ? CG  ? B GLN 2   CG  
314 1 Y 1 B GLN 102 ? CD  ? B GLN 2   CD  
315 1 Y 1 B GLN 102 ? OE1 ? B GLN 2   OE1 
316 1 Y 1 B GLN 102 ? NE2 ? B GLN 2   NE2 
317 1 Y 1 B PRO 103 ? CG  ? B PRO 3   CG  
318 1 Y 1 B PRO 103 ? CD  ? B PRO 3   CD  
319 1 Y 1 B GLU 104 ? CG  ? B GLU 4   CG  
320 1 Y 1 B GLU 104 ? CD  ? B GLU 4   CD  
321 1 Y 1 B GLU 104 ? OE1 ? B GLU 4   OE1 
322 1 Y 1 B GLU 104 ? OE2 ? B GLU 4   OE2 
323 1 Y 1 B TYR 105 ? CG  ? B TYR 5   CG  
324 1 Y 1 B TYR 105 ? CD1 ? B TYR 5   CD1 
325 1 Y 1 B TYR 105 ? CD2 ? B TYR 5   CD2 
326 1 Y 1 B TYR 105 ? CE1 ? B TYR 5   CE1 
327 1 Y 1 B TYR 105 ? CE2 ? B TYR 5   CE2 
328 1 Y 1 B TYR 105 ? CZ  ? B TYR 5   CZ  
329 1 Y 1 B TYR 105 ? OH  ? B TYR 5   OH  
330 1 Y 1 B LYS 106 ? CG  ? B LYS 6   CG  
331 1 Y 1 B LYS 106 ? CD  ? B LYS 6   CD  
332 1 Y 1 B LYS 106 ? CE  ? B LYS 6   CE  
333 1 Y 1 B LYS 106 ? NZ  ? B LYS 6   NZ  
334 1 Y 1 B ASP 107 ? CG  ? B ASP 7   CG  
335 1 Y 1 B ASP 107 ? OD1 ? B ASP 7   OD1 
336 1 Y 1 B ASP 107 ? OD2 ? B ASP 7   OD2 
337 1 Y 1 B LYS 108 ? CG  ? B LYS 8   CG  
338 1 Y 1 B LYS 108 ? CD  ? B LYS 8   CD  
339 1 Y 1 B LYS 108 ? CE  ? B LYS 8   CE  
340 1 Y 1 B LYS 108 ? NZ  ? B LYS 8   NZ  
341 1 Y 1 B LEU 109 ? CG  ? B LEU 9   CG  
342 1 Y 1 B LEU 109 ? CD1 ? B LEU 9   CD1 
343 1 Y 1 B LEU 109 ? CD2 ? B LEU 9   CD2 
344 1 Y 1 B ILE 110 ? CG1 ? B ILE 10  CG1 
345 1 Y 1 B ILE 110 ? CG2 ? B ILE 10  CG2 
346 1 Y 1 B ILE 110 ? CD1 ? B ILE 10  CD1 
347 1 Y 1 B LYS 111 ? CG  ? B LYS 11  CG  
348 1 Y 1 B LYS 111 ? CD  ? B LYS 11  CD  
349 1 Y 1 B LYS 111 ? CE  ? B LYS 11  CE  
350 1 Y 1 B LYS 111 ? NZ  ? B LYS 11  NZ  
351 1 Y 1 B LEU 112 ? CG  ? B LEU 12  CG  
352 1 Y 1 B LEU 112 ? CD1 ? B LEU 12  CD1 
353 1 Y 1 B LEU 112 ? CD2 ? B LEU 12  CD2 
354 1 Y 1 B ILE 113 ? CG1 ? B ILE 13  CG1 
355 1 Y 1 B ILE 113 ? CG2 ? B ILE 13  CG2 
356 1 Y 1 B ILE 113 ? CD1 ? B ILE 13  CD1 
357 1 Y 1 B LYS 114 ? CG  ? B LYS 14  CG  
358 1 Y 1 B LYS 114 ? CD  ? B LYS 14  CD  
359 1 Y 1 B LYS 114 ? CE  ? B LYS 14  CE  
360 1 Y 1 B LYS 114 ? NZ  ? B LYS 14  NZ  
361 1 Y 1 B ASP 115 ? CG  ? B ASP 15  CG  
362 1 Y 1 B ASP 115 ? OD1 ? B ASP 15  OD1 
363 1 Y 1 B ASP 115 ? OD2 ? B ASP 15  OD2 
364 1 Y 1 B ILE 118 ? CG1 ? B ILE 18  CG1 
365 1 Y 1 B ILE 118 ? CG2 ? B ILE 18  CG2 
366 1 Y 1 B ILE 118 ? CD1 ? B ILE 18  CD1 
367 1 Y 1 B SER 119 ? OG  ? B SER 19  OG  
368 1 Y 1 B LEU 120 ? CG  ? B LEU 20  CG  
369 1 Y 1 B LEU 120 ? CD1 ? B LEU 20  CD1 
370 1 Y 1 B LEU 120 ? CD2 ? B LEU 20  CD2 
371 1 Y 1 B GLU 124 ? CG  ? B GLU 24  CG  
372 1 Y 1 B GLU 124 ? CD  ? B GLU 24  CD  
373 1 Y 1 B GLU 124 ? OE1 ? B GLU 24  OE1 
374 1 Y 1 B GLU 124 ? OE2 ? B GLU 24  OE2 
375 1 Y 1 B LEU 125 ? CG  ? B LEU 25  CG  
376 1 Y 1 B LEU 125 ? CD1 ? B LEU 25  CD1 
377 1 Y 1 B LEU 125 ? CD2 ? B LEU 25  CD2 
378 1 Y 1 B ILE 126 ? CG1 ? B ILE 26  CG1 
379 1 Y 1 B ILE 126 ? CG2 ? B ILE 26  CG2 
380 1 Y 1 B ILE 126 ? CD1 ? B ILE 26  CD1 
381 1 Y 1 B VAL 127 ? CG1 ? B VAL 27  CG1 
382 1 Y 1 B VAL 127 ? CG2 ? B VAL 27  CG2 
383 1 Y 1 B ARG 128 ? CG  ? B ARG 28  CG  
384 1 Y 1 B ARG 128 ? CD  ? B ARG 28  CD  
385 1 Y 1 B ARG 128 ? NE  ? B ARG 28  NE  
386 1 Y 1 B ARG 128 ? CZ  ? B ARG 28  CZ  
387 1 Y 1 B ARG 128 ? NH1 ? B ARG 28  NH1 
388 1 Y 1 B ARG 128 ? NH2 ? B ARG 28  NH2 
389 1 Y 1 B LEU 129 ? CG  ? B LEU 29  CG  
390 1 Y 1 B LEU 129 ? CD1 ? B LEU 29  CD1 
391 1 Y 1 B LEU 129 ? CD2 ? B LEU 29  CD2 
392 1 Y 1 B ASN 130 ? CG  ? B ASN 30  CG  
393 1 Y 1 B ASN 130 ? OD1 ? B ASN 30  OD1 
394 1 Y 1 B ASN 130 ? ND2 ? B ASN 30  ND2 
395 1 Y 1 B LYS 131 ? CG  ? B LYS 31  CG  
396 1 Y 1 B LYS 131 ? CD  ? B LYS 31  CD  
397 1 Y 1 B LYS 131 ? CE  ? B LYS 31  CE  
398 1 Y 1 B LYS 131 ? NZ  ? B LYS 31  NZ  
399 1 Y 1 B ARG 132 ? CG  ? B ARG 32  CG  
400 1 Y 1 B ARG 132 ? CD  ? B ARG 32  CD  
401 1 Y 1 B ARG 132 ? NE  ? B ARG 32  NE  
402 1 Y 1 B ARG 132 ? CZ  ? B ARG 32  CZ  
403 1 Y 1 B ARG 132 ? NH1 ? B ARG 32  NH1 
404 1 Y 1 B ARG 132 ? NH2 ? B ARG 32  NH2 
405 1 Y 1 B ASP 133 ? CG  ? B ASP 33  CG  
406 1 Y 1 B ASP 133 ? OD1 ? B ASP 33  OD1 
407 1 Y 1 B ASP 133 ? OD2 ? B ASP 33  OD2 
408 1 Y 1 B MET 134 ? CG  ? B MET 34  CG  
409 1 Y 1 B MET 134 ? SD  ? B MET 34  SD  
410 1 Y 1 B MET 134 ? CE  ? B MET 34  CE  
411 1 Y 1 B GLU 135 ? CG  ? B GLU 35  CG  
412 1 Y 1 B GLU 135 ? CD  ? B GLU 35  CD  
413 1 Y 1 B GLU 135 ? OE1 ? B GLU 35  OE1 
414 1 Y 1 B GLU 135 ? OE2 ? B GLU 35  OE2 
415 1 Y 1 B LEU 136 ? CG  ? B LEU 36  CG  
416 1 Y 1 B LEU 136 ? CD1 ? B LEU 36  CD1 
417 1 Y 1 B LEU 136 ? CD2 ? B LEU 36  CD2 
418 1 Y 1 B ILE 137 ? CG1 ? B ILE 37  CG1 
419 1 Y 1 B ILE 137 ? CG2 ? B ILE 37  CG2 
420 1 Y 1 B ILE 137 ? CD1 ? B ILE 37  CD1 
421 1 Y 1 B ASP 138 ? CG  ? B ASP 38  CG  
422 1 Y 1 B ASP 138 ? OD1 ? B ASP 38  OD1 
423 1 Y 1 B ASP 138 ? OD2 ? B ASP 38  OD2 
424 1 Y 1 B ASP 139 ? CG  ? B ASP 39  CG  
425 1 Y 1 B ASP 139 ? OD1 ? B ASP 39  OD1 
426 1 Y 1 B ASP 139 ? OD2 ? B ASP 39  OD2 
427 1 Y 1 B SER 140 ? OG  ? B SER 40  OG  
428 1 Y 1 B THR 141 ? OG1 ? B THR 41  OG1 
429 1 Y 1 B THR 141 ? CG2 ? B THR 41  CG2 
430 1 Y 1 B LEU 142 ? CG  ? B LEU 42  CG  
431 1 Y 1 B LEU 142 ? CD1 ? B LEU 42  CD1 
432 1 Y 1 B LEU 142 ? CD2 ? B LEU 42  CD2 
433 1 Y 1 B TRP 143 ? CG  ? B TRP 43  CG  
434 1 Y 1 B TRP 143 ? CD1 ? B TRP 43  CD1 
435 1 Y 1 B TRP 143 ? CD2 ? B TRP 43  CD2 
436 1 Y 1 B TRP 143 ? NE1 ? B TRP 43  NE1 
437 1 Y 1 B TRP 143 ? CE2 ? B TRP 43  CE2 
438 1 Y 1 B TRP 143 ? CE3 ? B TRP 43  CE3 
439 1 Y 1 B TRP 143 ? CZ2 ? B TRP 43  CZ2 
440 1 Y 1 B TRP 143 ? CZ3 ? B TRP 43  CZ3 
441 1 Y 1 B TRP 143 ? CH2 ? B TRP 43  CH2 
442 1 Y 1 B ASN 144 ? CG  ? B ASN 44  CG  
443 1 Y 1 B ASN 144 ? OD1 ? B ASN 44  OD1 
444 1 Y 1 B ASN 144 ? ND2 ? B ASN 44  ND2 
445 1 Y 1 B LEU 145 ? CG  ? B LEU 45  CG  
446 1 Y 1 B LEU 145 ? CD1 ? B LEU 45  CD1 
447 1 Y 1 B LEU 145 ? CD2 ? B LEU 45  CD2 
448 1 Y 1 B GLU 146 ? CG  ? B GLU 46  CG  
449 1 Y 1 B GLU 146 ? CD  ? B GLU 46  CD  
450 1 Y 1 B GLU 146 ? OE1 ? B GLU 46  OE1 
451 1 Y 1 B GLU 146 ? OE2 ? B GLU 46  OE2 
452 1 Y 1 B LYS 147 ? CG  ? B LYS 47  CG  
453 1 Y 1 B LYS 147 ? CD  ? B LYS 47  CD  
454 1 Y 1 B LYS 147 ? CE  ? B LYS 47  CE  
455 1 Y 1 B LYS 147 ? NZ  ? B LYS 47  NZ  
456 1 Y 1 B GLU 148 ? CG  ? B GLU 48  CG  
457 1 Y 1 B GLU 148 ? CD  ? B GLU 48  CD  
458 1 Y 1 B GLU 148 ? OE1 ? B GLU 48  OE1 
459 1 Y 1 B GLU 148 ? OE2 ? B GLU 48  OE2 
460 1 Y 1 B VAL 149 ? CG1 ? B VAL 49  CG1 
461 1 Y 1 B VAL 149 ? CG2 ? B VAL 49  CG2 
462 1 Y 1 B GLU 150 ? CG  ? B GLU 50  CG  
463 1 Y 1 B GLU 150 ? CD  ? B GLU 50  CD  
464 1 Y 1 B GLU 150 ? OE1 ? B GLU 50  OE1 
465 1 Y 1 B GLU 150 ? OE2 ? B GLU 50  OE2 
466 1 Y 1 B ASN 151 ? CG  ? B ASN 51  CG  
467 1 Y 1 B ASN 151 ? OD1 ? B ASN 51  OD1 
468 1 Y 1 B ASN 151 ? ND2 ? B ASN 51  ND2 
469 1 Y 1 B THR 153 ? OG1 ? B THR 53  OG1 
470 1 Y 1 B THR 153 ? CG2 ? B THR 53  CG2 
471 1 Y 1 B LYS 154 ? CG  ? B LYS 54  CG  
472 1 Y 1 B LYS 154 ? CD  ? B LYS 54  CD  
473 1 Y 1 B LYS 154 ? CE  ? B LYS 54  CE  
474 1 Y 1 B LYS 154 ? NZ  ? B LYS 54  NZ  
475 1 Y 1 B LYS 155 ? CG  ? B LYS 55  CG  
476 1 Y 1 B LYS 155 ? CD  ? B LYS 55  CD  
477 1 Y 1 B LYS 155 ? CE  ? B LYS 55  CE  
478 1 Y 1 B LYS 155 ? NZ  ? B LYS 55  NZ  
479 1 Y 1 B VAL 156 ? CG1 ? B VAL 56  CG1 
480 1 Y 1 B VAL 156 ? CG2 ? B VAL 56  CG2 
481 1 Y 1 B THR 157 ? OG1 ? B THR 57  OG1 
482 1 Y 1 B THR 157 ? CG2 ? B THR 57  CG2 
483 1 Y 1 B VAL 158 ? CG1 ? B VAL 58  CG1 
484 1 Y 1 B VAL 158 ? CG2 ? B VAL 58  CG2 
485 1 Y 1 B LEU 159 ? CG  ? B LEU 59  CG  
486 1 Y 1 B LEU 159 ? CD1 ? B LEU 59  CD1 
487 1 Y 1 B LEU 159 ? CD2 ? B LEU 59  CD2 
488 1 Y 1 B LYS 160 ? CG  ? B LYS 60  CG  
489 1 Y 1 B LYS 160 ? CD  ? B LYS 60  CD  
490 1 Y 1 B LYS 160 ? CE  ? B LYS 60  CE  
491 1 Y 1 B LYS 160 ? NZ  ? B LYS 60  NZ  
492 1 Y 1 B LYS 161 ? CG  ? B LYS 61  CG  
493 1 Y 1 B LYS 161 ? CD  ? B LYS 61  CD  
494 1 Y 1 B LYS 161 ? CE  ? B LYS 61  CE  
495 1 Y 1 B LYS 161 ? NZ  ? B LYS 61  NZ  
496 1 Y 1 B GLU 163 ? CG  ? B GLU 63  CG  
497 1 Y 1 B GLU 163 ? CD  ? B GLU 63  CD  
498 1 Y 1 B GLU 163 ? OE1 ? B GLU 63  OE1 
499 1 Y 1 B GLU 163 ? OE2 ? B GLU 63  OE2 
500 1 Y 1 B PRO 164 ? CG  ? B PRO 64  CG  
501 1 Y 1 B PRO 164 ? CD  ? B PRO 64  CD  
502 1 Y 1 B VAL 165 ? CG1 ? B VAL 65  CG1 
503 1 Y 1 B VAL 165 ? CG2 ? B VAL 65  CG2 
504 1 Y 1 B ASP 166 ? CG  ? B ASP 66  CG  
505 1 Y 1 B ASP 166 ? OD1 ? B ASP 66  OD1 
506 1 Y 1 B ASP 166 ? OD2 ? B ASP 66  OD2 
507 1 Y 1 B ILE 167 ? CG1 ? B ILE 67  CG1 
508 1 Y 1 B ILE 167 ? CG2 ? B ILE 67  CG2 
509 1 Y 1 B ILE 167 ? CD1 ? B ILE 67  CD1 
510 1 Y 1 B CYS 171 ? SG  ? B CYS 71  SG  
511 1 Y 1 B ILE 172 ? CG1 ? B ILE 72  CG1 
512 1 Y 1 B ILE 172 ? CG2 ? B ILE 72  CG2 
513 1 Y 1 B ILE 172 ? CD1 ? B ILE 72  CD1 
514 1 Y 1 B ILE 173 ? CG1 ? B ILE 73  CG1 
515 1 Y 1 B ILE 173 ? CG2 ? B ILE 73  CG2 
516 1 Y 1 B ILE 173 ? CD1 ? B ILE 73  CD1 
517 1 Y 1 B GLU 174 ? CG  ? B GLU 74  CG  
518 1 Y 1 B GLU 174 ? CD  ? B GLU 74  CD  
519 1 Y 1 B GLU 174 ? OE1 ? B GLU 74  OE1 
520 1 Y 1 B GLU 174 ? OE2 ? B GLU 74  OE2 
521 1 Y 1 B THR 175 ? OG1 ? B THR 75  OG1 
522 1 Y 1 B THR 175 ? CG2 ? B THR 75  CG2 
523 1 Y 1 B ASP 177 ? CG  ? B ASP 77  CG  
524 1 Y 1 B ASP 177 ? OD1 ? B ASP 77  OD1 
525 1 Y 1 B ASP 177 ? OD2 ? B ASP 77  OD2 
526 1 Y 1 B LEU 179 ? CG  ? B LEU 79  CG  
527 1 Y 1 B LEU 179 ? CD1 ? B LEU 79  CD1 
528 1 Y 1 B LEU 179 ? CD2 ? B LEU 79  CD2 
529 1 Y 1 B LYS 180 ? CG  ? B LYS 80  CG  
530 1 Y 1 B LYS 180 ? CD  ? B LYS 80  CD  
531 1 Y 1 B LYS 180 ? CE  ? B LYS 80  CE  
532 1 Y 1 B LYS 180 ? NZ  ? B LYS 80  NZ  
533 1 Y 1 B SER 181 ? OG  ? B SER 81  OG  
534 1 Y 1 B LEU 182 ? CG  ? B LEU 82  CG  
535 1 Y 1 B LEU 182 ? CD1 ? B LEU 82  CD1 
536 1 Y 1 B LEU 182 ? CD2 ? B LEU 82  CD2 
537 1 Y 1 B ASP 183 ? CG  ? B ASP 83  CG  
538 1 Y 1 B ASP 183 ? OD1 ? B ASP 83  OD1 
539 1 Y 1 B ASP 183 ? OD2 ? B ASP 83  OD2 
540 1 Y 1 B ASN 184 ? CG  ? B ASN 84  CG  
541 1 Y 1 B ASN 184 ? OD1 ? B ASN 84  OD1 
542 1 Y 1 B ASN 184 ? ND2 ? B ASN 84  ND2 
543 1 Y 1 B SER 185 ? OG  ? B SER 85  OG  
544 1 Y 1 B LEU 186 ? CG  ? B LEU 86  CG  
545 1 Y 1 B LEU 186 ? CD1 ? B LEU 86  CD1 
546 1 Y 1 B LEU 186 ? CD2 ? B LEU 86  CD2 
547 1 Y 1 B GLU 187 ? CG  ? B GLU 87  CG  
548 1 Y 1 B GLU 187 ? CD  ? B GLU 87  CD  
549 1 Y 1 B GLU 187 ? OE1 ? B GLU 87  OE1 
550 1 Y 1 B GLU 187 ? OE2 ? B GLU 87  OE2 
551 1 Y 1 B ILE 189 ? CG1 ? B ILE 89  CG1 
552 1 Y 1 B ILE 189 ? CG2 ? B ILE 89  CG2 
553 1 Y 1 B ILE 189 ? CD1 ? B ILE 89  CD1 
554 1 Y 1 B PHE 190 ? CG  ? B PHE 90  CG  
555 1 Y 1 B PHE 190 ? CD1 ? B PHE 90  CD1 
556 1 Y 1 B PHE 190 ? CD2 ? B PHE 90  CD2 
557 1 Y 1 B PHE 190 ? CE1 ? B PHE 90  CE1 
558 1 Y 1 B PHE 190 ? CE2 ? B PHE 90  CE2 
559 1 Y 1 B PHE 190 ? CZ  ? B PHE 90  CZ  
560 1 Y 1 B ASN 191 ? CG  ? B ASN 91  CG  
561 1 Y 1 B ASN 191 ? OD1 ? B ASN 91  OD1 
562 1 Y 1 B ASN 191 ? ND2 ? B ASN 91  ND2 
563 1 Y 1 B ARG 192 ? CG  ? B ARG 92  CG  
564 1 Y 1 B ARG 192 ? CD  ? B ARG 92  CD  
565 1 Y 1 B ARG 192 ? NE  ? B ARG 92  NE  
566 1 Y 1 B ARG 192 ? CZ  ? B ARG 92  CZ  
567 1 Y 1 B ARG 192 ? NH1 ? B ARG 92  NH1 
568 1 Y 1 B ARG 192 ? NH2 ? B ARG 92  NH2 
569 1 Y 1 B ASN 193 ? CG  ? B ASN 93  CG  
570 1 Y 1 B ASN 193 ? OD1 ? B ASN 93  OD1 
571 1 Y 1 B ASN 193 ? ND2 ? B ASN 93  ND2 
572 1 Y 1 B LEU 194 ? CG  ? B LEU 94  CG  
573 1 Y 1 B LEU 194 ? CD1 ? B LEU 94  CD1 
574 1 Y 1 B LEU 194 ? CD2 ? B LEU 94  CD2 
575 1 Y 1 B ASN 195 ? CG  ? B ASN 95  CG  
576 1 Y 1 B ASN 195 ? OD1 ? B ASN 95  OD1 
577 1 Y 1 B ASN 195 ? ND2 ? B ASN 95  ND2 
578 1 Y 1 B VAL 196 ? CG1 ? B VAL 96  CG1 
579 1 Y 1 B VAL 196 ? CG2 ? B VAL 96  CG2 
580 1 Y 1 B ILE 197 ? CG1 ? B ILE 97  CG1 
581 1 Y 1 B ILE 197 ? CG2 ? B ILE 97  CG2 
582 1 Y 1 B ILE 197 ? CD1 ? B ILE 97  CD1 
583 1 Y 1 B ARG 198 ? CG  ? B ARG 98  CG  
584 1 Y 1 B ARG 198 ? CD  ? B ARG 98  CD  
585 1 Y 1 B ARG 198 ? NE  ? B ARG 98  NE  
586 1 Y 1 B ARG 198 ? CZ  ? B ARG 98  CZ  
587 1 Y 1 B ARG 198 ? NH1 ? B ARG 98  NH1 
588 1 Y 1 B ARG 198 ? NH2 ? B ARG 98  NH2 
589 1 Y 1 B ARG 200 ? CG  ? B ARG 100 CG  
590 1 Y 1 B ARG 200 ? CD  ? B ARG 100 CD  
591 1 Y 1 B ARG 200 ? NE  ? B ARG 100 NE  
592 1 Y 1 B ARG 200 ? CZ  ? B ARG 100 CZ  
593 1 Y 1 B ARG 200 ? NH1 ? B ARG 100 NH1 
594 1 Y 1 B ARG 200 ? NH2 ? B ARG 100 NH2 
595 1 Y 1 B ILE 201 ? CG1 ? B ILE 101 CG1 
596 1 Y 1 B ILE 201 ? CG2 ? B ILE 101 CG2 
597 1 Y 1 B ILE 201 ? CD1 ? B ILE 101 CD1 
598 1 Y 1 B THR 202 ? OG1 ? B THR 102 OG1 
599 1 Y 1 B THR 202 ? CG2 ? B THR 102 CG2 
600 1 Y 1 B GLU 203 ? CG  ? B GLU 103 CG  
601 1 Y 1 B GLU 203 ? CD  ? B GLU 103 CD  
602 1 Y 1 B GLU 203 ? OE1 ? B GLU 103 OE1 
603 1 Y 1 B GLU 203 ? OE2 ? B GLU 103 OE2 
604 1 Y 1 B LYS 204 ? CG  ? B LYS 104 CG  
605 1 Y 1 B LYS 204 ? CD  ? B LYS 104 CD  
606 1 Y 1 B LYS 204 ? CE  ? B LYS 104 CE  
607 1 Y 1 B LYS 204 ? NZ  ? B LYS 104 NZ  
608 1 Y 1 B LEU 205 ? CG  ? B LEU 105 CG  
609 1 Y 1 B LEU 205 ? CD1 ? B LEU 105 CD1 
610 1 Y 1 B LEU 205 ? CD2 ? B LEU 105 CD2 
611 1 Y 1 B PHE 206 ? CG  ? B PHE 106 CG  
612 1 Y 1 B PHE 206 ? CD1 ? B PHE 106 CD1 
613 1 Y 1 B PHE 206 ? CD2 ? B PHE 106 CD2 
614 1 Y 1 B PHE 206 ? CE1 ? B PHE 106 CE1 
615 1 Y 1 B PHE 206 ? CE2 ? B PHE 106 CE2 
616 1 Y 1 B PHE 206 ? CZ  ? B PHE 106 CZ  
# 
loop_
_chem_comp_atom.comp_id 
_chem_comp_atom.atom_id 
_chem_comp_atom.type_symbol 
_chem_comp_atom.pdbx_aromatic_flag 
_chem_comp_atom.pdbx_stereo_config 
_chem_comp_atom.pdbx_ordinal 
ALA N    N N N 1   
ALA CA   C N S 2   
ALA C    C N N 3   
ALA O    O N N 4   
ALA CB   C N N 5   
ALA OXT  O N N 6   
ALA H    H N N 7   
ALA H2   H N N 8   
ALA HA   H N N 9   
ALA HB1  H N N 10  
ALA HB2  H N N 11  
ALA HB3  H N N 12  
ALA HXT  H N N 13  
ARG N    N N N 14  
ARG CA   C N S 15  
ARG C    C N N 16  
ARG O    O N N 17  
ARG CB   C N N 18  
ARG CG   C N N 19  
ARG CD   C N N 20  
ARG NE   N N N 21  
ARG CZ   C N N 22  
ARG NH1  N N N 23  
ARG NH2  N N N 24  
ARG OXT  O N N 25  
ARG H    H N N 26  
ARG H2   H N N 27  
ARG HA   H N N 28  
ARG HB2  H N N 29  
ARG HB3  H N N 30  
ARG HG2  H N N 31  
ARG HG3  H N N 32  
ARG HD2  H N N 33  
ARG HD3  H N N 34  
ARG HE   H N N 35  
ARG HH11 H N N 36  
ARG HH12 H N N 37  
ARG HH21 H N N 38  
ARG HH22 H N N 39  
ARG HXT  H N N 40  
ASN N    N N N 41  
ASN CA   C N S 42  
ASN C    C N N 43  
ASN O    O N N 44  
ASN CB   C N N 45  
ASN CG   C N N 46  
ASN OD1  O N N 47  
ASN ND2  N N N 48  
ASN OXT  O N N 49  
ASN H    H N N 50  
ASN H2   H N N 51  
ASN HA   H N N 52  
ASN HB2  H N N 53  
ASN HB3  H N N 54  
ASN HD21 H N N 55  
ASN HD22 H N N 56  
ASN HXT  H N N 57  
ASP N    N N N 58  
ASP CA   C N S 59  
ASP C    C N N 60  
ASP O    O N N 61  
ASP CB   C N N 62  
ASP CG   C N N 63  
ASP OD1  O N N 64  
ASP OD2  O N N 65  
ASP OXT  O N N 66  
ASP H    H N N 67  
ASP H2   H N N 68  
ASP HA   H N N 69  
ASP HB2  H N N 70  
ASP HB3  H N N 71  
ASP HD2  H N N 72  
ASP HXT  H N N 73  
CYS N    N N N 74  
CYS CA   C N R 75  
CYS C    C N N 76  
CYS O    O N N 77  
CYS CB   C N N 78  
CYS SG   S N N 79  
CYS OXT  O N N 80  
CYS H    H N N 81  
CYS H2   H N N 82  
CYS HA   H N N 83  
CYS HB2  H N N 84  
CYS HB3  H N N 85  
CYS HG   H N N 86  
CYS HXT  H N N 87  
GLN N    N N N 88  
GLN CA   C N S 89  
GLN C    C N N 90  
GLN O    O N N 91  
GLN CB   C N N 92  
GLN CG   C N N 93  
GLN CD   C N N 94  
GLN OE1  O N N 95  
GLN NE2  N N N 96  
GLN OXT  O N N 97  
GLN H    H N N 98  
GLN H2   H N N 99  
GLN HA   H N N 100 
GLN HB2  H N N 101 
GLN HB3  H N N 102 
GLN HG2  H N N 103 
GLN HG3  H N N 104 
GLN HE21 H N N 105 
GLN HE22 H N N 106 
GLN HXT  H N N 107 
GLU N    N N N 108 
GLU CA   C N S 109 
GLU C    C N N 110 
GLU O    O N N 111 
GLU CB   C N N 112 
GLU CG   C N N 113 
GLU CD   C N N 114 
GLU OE1  O N N 115 
GLU OE2  O N N 116 
GLU OXT  O N N 117 
GLU H    H N N 118 
GLU H2   H N N 119 
GLU HA   H N N 120 
GLU HB2  H N N 121 
GLU HB3  H N N 122 
GLU HG2  H N N 123 
GLU HG3  H N N 124 
GLU HE2  H N N 125 
GLU HXT  H N N 126 
GLY N    N N N 127 
GLY CA   C N N 128 
GLY C    C N N 129 
GLY O    O N N 130 
GLY OXT  O N N 131 
GLY H    H N N 132 
GLY H2   H N N 133 
GLY HA2  H N N 134 
GLY HA3  H N N 135 
GLY HXT  H N N 136 
ILE N    N N N 137 
ILE CA   C N S 138 
ILE C    C N N 139 
ILE O    O N N 140 
ILE CB   C N S 141 
ILE CG1  C N N 142 
ILE CG2  C N N 143 
ILE CD1  C N N 144 
ILE OXT  O N N 145 
ILE H    H N N 146 
ILE H2   H N N 147 
ILE HA   H N N 148 
ILE HB   H N N 149 
ILE HG12 H N N 150 
ILE HG13 H N N 151 
ILE HG21 H N N 152 
ILE HG22 H N N 153 
ILE HG23 H N N 154 
ILE HD11 H N N 155 
ILE HD12 H N N 156 
ILE HD13 H N N 157 
ILE HXT  H N N 158 
LEU N    N N N 159 
LEU CA   C N S 160 
LEU C    C N N 161 
LEU O    O N N 162 
LEU CB   C N N 163 
LEU CG   C N N 164 
LEU CD1  C N N 165 
LEU CD2  C N N 166 
LEU OXT  O N N 167 
LEU H    H N N 168 
LEU H2   H N N 169 
LEU HA   H N N 170 
LEU HB2  H N N 171 
LEU HB3  H N N 172 
LEU HG   H N N 173 
LEU HD11 H N N 174 
LEU HD12 H N N 175 
LEU HD13 H N N 176 
LEU HD21 H N N 177 
LEU HD22 H N N 178 
LEU HD23 H N N 179 
LEU HXT  H N N 180 
LYS N    N N N 181 
LYS CA   C N S 182 
LYS C    C N N 183 
LYS O    O N N 184 
LYS CB   C N N 185 
LYS CG   C N N 186 
LYS CD   C N N 187 
LYS CE   C N N 188 
LYS NZ   N N N 189 
LYS OXT  O N N 190 
LYS H    H N N 191 
LYS H2   H N N 192 
LYS HA   H N N 193 
LYS HB2  H N N 194 
LYS HB3  H N N 195 
LYS HG2  H N N 196 
LYS HG3  H N N 197 
LYS HD2  H N N 198 
LYS HD3  H N N 199 
LYS HE2  H N N 200 
LYS HE3  H N N 201 
LYS HZ1  H N N 202 
LYS HZ2  H N N 203 
LYS HZ3  H N N 204 
LYS HXT  H N N 205 
MET N    N N N 206 
MET CA   C N S 207 
MET C    C N N 208 
MET O    O N N 209 
MET CB   C N N 210 
MET CG   C N N 211 
MET SD   S N N 212 
MET CE   C N N 213 
MET OXT  O N N 214 
MET H    H N N 215 
MET H2   H N N 216 
MET HA   H N N 217 
MET HB2  H N N 218 
MET HB3  H N N 219 
MET HG2  H N N 220 
MET HG3  H N N 221 
MET HE1  H N N 222 
MET HE2  H N N 223 
MET HE3  H N N 224 
MET HXT  H N N 225 
PHE N    N N N 226 
PHE CA   C N S 227 
PHE C    C N N 228 
PHE O    O N N 229 
PHE CB   C N N 230 
PHE CG   C Y N 231 
PHE CD1  C Y N 232 
PHE CD2  C Y N 233 
PHE CE1  C Y N 234 
PHE CE2  C Y N 235 
PHE CZ   C Y N 236 
PHE OXT  O N N 237 
PHE H    H N N 238 
PHE H2   H N N 239 
PHE HA   H N N 240 
PHE HB2  H N N 241 
PHE HB3  H N N 242 
PHE HD1  H N N 243 
PHE HD2  H N N 244 
PHE HE1  H N N 245 
PHE HE2  H N N 246 
PHE HZ   H N N 247 
PHE HXT  H N N 248 
PRO N    N N N 249 
PRO CA   C N S 250 
PRO C    C N N 251 
PRO O    O N N 252 
PRO CB   C N N 253 
PRO CG   C N N 254 
PRO CD   C N N 255 
PRO OXT  O N N 256 
PRO H    H N N 257 
PRO HA   H N N 258 
PRO HB2  H N N 259 
PRO HB3  H N N 260 
PRO HG2  H N N 261 
PRO HG3  H N N 262 
PRO HD2  H N N 263 
PRO HD3  H N N 264 
PRO HXT  H N N 265 
SER N    N N N 266 
SER CA   C N S 267 
SER C    C N N 268 
SER O    O N N 269 
SER CB   C N N 270 
SER OG   O N N 271 
SER OXT  O N N 272 
SER H    H N N 273 
SER H2   H N N 274 
SER HA   H N N 275 
SER HB2  H N N 276 
SER HB3  H N N 277 
SER HG   H N N 278 
SER HXT  H N N 279 
THR N    N N N 280 
THR CA   C N S 281 
THR C    C N N 282 
THR O    O N N 283 
THR CB   C N R 284 
THR OG1  O N N 285 
THR CG2  C N N 286 
THR OXT  O N N 287 
THR H    H N N 288 
THR H2   H N N 289 
THR HA   H N N 290 
THR HB   H N N 291 
THR HG1  H N N 292 
THR HG21 H N N 293 
THR HG22 H N N 294 
THR HG23 H N N 295 
THR HXT  H N N 296 
TRP N    N N N 297 
TRP CA   C N S 298 
TRP C    C N N 299 
TRP O    O N N 300 
TRP CB   C N N 301 
TRP CG   C Y N 302 
TRP CD1  C Y N 303 
TRP CD2  C Y N 304 
TRP NE1  N Y N 305 
TRP CE2  C Y N 306 
TRP CE3  C Y N 307 
TRP CZ2  C Y N 308 
TRP CZ3  C Y N 309 
TRP CH2  C Y N 310 
TRP OXT  O N N 311 
TRP H    H N N 312 
TRP H2   H N N 313 
TRP HA   H N N 314 
TRP HB2  H N N 315 
TRP HB3  H N N 316 
TRP HD1  H N N 317 
TRP HE1  H N N 318 
TRP HE3  H N N 319 
TRP HZ2  H N N 320 
TRP HZ3  H N N 321 
TRP HH2  H N N 322 
TRP HXT  H N N 323 
TYR N    N N N 324 
TYR CA   C N S 325 
TYR C    C N N 326 
TYR O    O N N 327 
TYR CB   C N N 328 
TYR CG   C Y N 329 
TYR CD1  C Y N 330 
TYR CD2  C Y N 331 
TYR CE1  C Y N 332 
TYR CE2  C Y N 333 
TYR CZ   C Y N 334 
TYR OH   O N N 335 
TYR OXT  O N N 336 
TYR H    H N N 337 
TYR H2   H N N 338 
TYR HA   H N N 339 
TYR HB2  H N N 340 
TYR HB3  H N N 341 
TYR HD1  H N N 342 
TYR HD2  H N N 343 
TYR HE1  H N N 344 
TYR HE2  H N N 345 
TYR HH   H N N 346 
TYR HXT  H N N 347 
VAL N    N N N 348 
VAL CA   C N S 349 
VAL C    C N N 350 
VAL O    O N N 351 
VAL CB   C N N 352 
VAL CG1  C N N 353 
VAL CG2  C N N 354 
VAL OXT  O N N 355 
VAL H    H N N 356 
VAL H2   H N N 357 
VAL HA   H N N 358 
VAL HB   H N N 359 
VAL HG11 H N N 360 
VAL HG12 H N N 361 
VAL HG13 H N N 362 
VAL HG21 H N N 363 
VAL HG22 H N N 364 
VAL HG23 H N N 365 
VAL HXT  H N N 366 
# 
loop_
_chem_comp_bond.comp_id 
_chem_comp_bond.atom_id_1 
_chem_comp_bond.atom_id_2 
_chem_comp_bond.value_order 
_chem_comp_bond.pdbx_aromatic_flag 
_chem_comp_bond.pdbx_stereo_config 
_chem_comp_bond.pdbx_ordinal 
ALA N   CA   sing N N 1   
ALA N   H    sing N N 2   
ALA N   H2   sing N N 3   
ALA CA  C    sing N N 4   
ALA CA  CB   sing N N 5   
ALA CA  HA   sing N N 6   
ALA C   O    doub N N 7   
ALA C   OXT  sing N N 8   
ALA CB  HB1  sing N N 9   
ALA CB  HB2  sing N N 10  
ALA CB  HB3  sing N N 11  
ALA OXT HXT  sing N N 12  
ARG N   CA   sing N N 13  
ARG N   H    sing N N 14  
ARG N   H2   sing N N 15  
ARG CA  C    sing N N 16  
ARG CA  CB   sing N N 17  
ARG CA  HA   sing N N 18  
ARG C   O    doub N N 19  
ARG C   OXT  sing N N 20  
ARG CB  CG   sing N N 21  
ARG CB  HB2  sing N N 22  
ARG CB  HB3  sing N N 23  
ARG CG  CD   sing N N 24  
ARG CG  HG2  sing N N 25  
ARG CG  HG3  sing N N 26  
ARG CD  NE   sing N N 27  
ARG CD  HD2  sing N N 28  
ARG CD  HD3  sing N N 29  
ARG NE  CZ   sing N N 30  
ARG NE  HE   sing N N 31  
ARG CZ  NH1  sing N N 32  
ARG CZ  NH2  doub N N 33  
ARG NH1 HH11 sing N N 34  
ARG NH1 HH12 sing N N 35  
ARG NH2 HH21 sing N N 36  
ARG NH2 HH22 sing N N 37  
ARG OXT HXT  sing N N 38  
ASN N   CA   sing N N 39  
ASN N   H    sing N N 40  
ASN N   H2   sing N N 41  
ASN CA  C    sing N N 42  
ASN CA  CB   sing N N 43  
ASN CA  HA   sing N N 44  
ASN C   O    doub N N 45  
ASN C   OXT  sing N N 46  
ASN CB  CG   sing N N 47  
ASN CB  HB2  sing N N 48  
ASN CB  HB3  sing N N 49  
ASN CG  OD1  doub N N 50  
ASN CG  ND2  sing N N 51  
ASN ND2 HD21 sing N N 52  
ASN ND2 HD22 sing N N 53  
ASN OXT HXT  sing N N 54  
ASP N   CA   sing N N 55  
ASP N   H    sing N N 56  
ASP N   H2   sing N N 57  
ASP CA  C    sing N N 58  
ASP CA  CB   sing N N 59  
ASP CA  HA   sing N N 60  
ASP C   O    doub N N 61  
ASP C   OXT  sing N N 62  
ASP CB  CG   sing N N 63  
ASP CB  HB2  sing N N 64  
ASP CB  HB3  sing N N 65  
ASP CG  OD1  doub N N 66  
ASP CG  OD2  sing N N 67  
ASP OD2 HD2  sing N N 68  
ASP OXT HXT  sing N N 69  
CYS N   CA   sing N N 70  
CYS N   H    sing N N 71  
CYS N   H2   sing N N 72  
CYS CA  C    sing N N 73  
CYS CA  CB   sing N N 74  
CYS CA  HA   sing N N 75  
CYS C   O    doub N N 76  
CYS C   OXT  sing N N 77  
CYS CB  SG   sing N N 78  
CYS CB  HB2  sing N N 79  
CYS CB  HB3  sing N N 80  
CYS SG  HG   sing N N 81  
CYS OXT HXT  sing N N 82  
GLN N   CA   sing N N 83  
GLN N   H    sing N N 84  
GLN N   H2   sing N N 85  
GLN CA  C    sing N N 86  
GLN CA  CB   sing N N 87  
GLN CA  HA   sing N N 88  
GLN C   O    doub N N 89  
GLN C   OXT  sing N N 90  
GLN CB  CG   sing N N 91  
GLN CB  HB2  sing N N 92  
GLN CB  HB3  sing N N 93  
GLN CG  CD   sing N N 94  
GLN CG  HG2  sing N N 95  
GLN CG  HG3  sing N N 96  
GLN CD  OE1  doub N N 97  
GLN CD  NE2  sing N N 98  
GLN NE2 HE21 sing N N 99  
GLN NE2 HE22 sing N N 100 
GLN OXT HXT  sing N N 101 
GLU N   CA   sing N N 102 
GLU N   H    sing N N 103 
GLU N   H2   sing N N 104 
GLU CA  C    sing N N 105 
GLU CA  CB   sing N N 106 
GLU CA  HA   sing N N 107 
GLU C   O    doub N N 108 
GLU C   OXT  sing N N 109 
GLU CB  CG   sing N N 110 
GLU CB  HB2  sing N N 111 
GLU CB  HB3  sing N N 112 
GLU CG  CD   sing N N 113 
GLU CG  HG2  sing N N 114 
GLU CG  HG3  sing N N 115 
GLU CD  OE1  doub N N 116 
GLU CD  OE2  sing N N 117 
GLU OE2 HE2  sing N N 118 
GLU OXT HXT  sing N N 119 
GLY N   CA   sing N N 120 
GLY N   H    sing N N 121 
GLY N   H2   sing N N 122 
GLY CA  C    sing N N 123 
GLY CA  HA2  sing N N 124 
GLY CA  HA3  sing N N 125 
GLY C   O    doub N N 126 
GLY C   OXT  sing N N 127 
GLY OXT HXT  sing N N 128 
ILE N   CA   sing N N 129 
ILE N   H    sing N N 130 
ILE N   H2   sing N N 131 
ILE CA  C    sing N N 132 
ILE CA  CB   sing N N 133 
ILE CA  HA   sing N N 134 
ILE C   O    doub N N 135 
ILE C   OXT  sing N N 136 
ILE CB  CG1  sing N N 137 
ILE CB  CG2  sing N N 138 
ILE CB  HB   sing N N 139 
ILE CG1 CD1  sing N N 140 
ILE CG1 HG12 sing N N 141 
ILE CG1 HG13 sing N N 142 
ILE CG2 HG21 sing N N 143 
ILE CG2 HG22 sing N N 144 
ILE CG2 HG23 sing N N 145 
ILE CD1 HD11 sing N N 146 
ILE CD1 HD12 sing N N 147 
ILE CD1 HD13 sing N N 148 
ILE OXT HXT  sing N N 149 
LEU N   CA   sing N N 150 
LEU N   H    sing N N 151 
LEU N   H2   sing N N 152 
LEU CA  C    sing N N 153 
LEU CA  CB   sing N N 154 
LEU CA  HA   sing N N 155 
LEU C   O    doub N N 156 
LEU C   OXT  sing N N 157 
LEU CB  CG   sing N N 158 
LEU CB  HB2  sing N N 159 
LEU CB  HB3  sing N N 160 
LEU CG  CD1  sing N N 161 
LEU CG  CD2  sing N N 162 
LEU CG  HG   sing N N 163 
LEU CD1 HD11 sing N N 164 
LEU CD1 HD12 sing N N 165 
LEU CD1 HD13 sing N N 166 
LEU CD2 HD21 sing N N 167 
LEU CD2 HD22 sing N N 168 
LEU CD2 HD23 sing N N 169 
LEU OXT HXT  sing N N 170 
LYS N   CA   sing N N 171 
LYS N   H    sing N N 172 
LYS N   H2   sing N N 173 
LYS CA  C    sing N N 174 
LYS CA  CB   sing N N 175 
LYS CA  HA   sing N N 176 
LYS C   O    doub N N 177 
LYS C   OXT  sing N N 178 
LYS CB  CG   sing N N 179 
LYS CB  HB2  sing N N 180 
LYS CB  HB3  sing N N 181 
LYS CG  CD   sing N N 182 
LYS CG  HG2  sing N N 183 
LYS CG  HG3  sing N N 184 
LYS CD  CE   sing N N 185 
LYS CD  HD2  sing N N 186 
LYS CD  HD3  sing N N 187 
LYS CE  NZ   sing N N 188 
LYS CE  HE2  sing N N 189 
LYS CE  HE3  sing N N 190 
LYS NZ  HZ1  sing N N 191 
LYS NZ  HZ2  sing N N 192 
LYS NZ  HZ3  sing N N 193 
LYS OXT HXT  sing N N 194 
MET N   CA   sing N N 195 
MET N   H    sing N N 196 
MET N   H2   sing N N 197 
MET CA  C    sing N N 198 
MET CA  CB   sing N N 199 
MET CA  HA   sing N N 200 
MET C   O    doub N N 201 
MET C   OXT  sing N N 202 
MET CB  CG   sing N N 203 
MET CB  HB2  sing N N 204 
MET CB  HB3  sing N N 205 
MET CG  SD   sing N N 206 
MET CG  HG2  sing N N 207 
MET CG  HG3  sing N N 208 
MET SD  CE   sing N N 209 
MET CE  HE1  sing N N 210 
MET CE  HE2  sing N N 211 
MET CE  HE3  sing N N 212 
MET OXT HXT  sing N N 213 
PHE N   CA   sing N N 214 
PHE N   H    sing N N 215 
PHE N   H2   sing N N 216 
PHE CA  C    sing N N 217 
PHE CA  CB   sing N N 218 
PHE CA  HA   sing N N 219 
PHE C   O    doub N N 220 
PHE C   OXT  sing N N 221 
PHE CB  CG   sing N N 222 
PHE CB  HB2  sing N N 223 
PHE CB  HB3  sing N N 224 
PHE CG  CD1  doub Y N 225 
PHE CG  CD2  sing Y N 226 
PHE CD1 CE1  sing Y N 227 
PHE CD1 HD1  sing N N 228 
PHE CD2 CE2  doub Y N 229 
PHE CD2 HD2  sing N N 230 
PHE CE1 CZ   doub Y N 231 
PHE CE1 HE1  sing N N 232 
PHE CE2 CZ   sing Y N 233 
PHE CE2 HE2  sing N N 234 
PHE CZ  HZ   sing N N 235 
PHE OXT HXT  sing N N 236 
PRO N   CA   sing N N 237 
PRO N   CD   sing N N 238 
PRO N   H    sing N N 239 
PRO CA  C    sing N N 240 
PRO CA  CB   sing N N 241 
PRO CA  HA   sing N N 242 
PRO C   O    doub N N 243 
PRO C   OXT  sing N N 244 
PRO CB  CG   sing N N 245 
PRO CB  HB2  sing N N 246 
PRO CB  HB3  sing N N 247 
PRO CG  CD   sing N N 248 
PRO CG  HG2  sing N N 249 
PRO CG  HG3  sing N N 250 
PRO CD  HD2  sing N N 251 
PRO CD  HD3  sing N N 252 
PRO OXT HXT  sing N N 253 
SER N   CA   sing N N 254 
SER N   H    sing N N 255 
SER N   H2   sing N N 256 
SER CA  C    sing N N 257 
SER CA  CB   sing N N 258 
SER CA  HA   sing N N 259 
SER C   O    doub N N 260 
SER C   OXT  sing N N 261 
SER CB  OG   sing N N 262 
SER CB  HB2  sing N N 263 
SER CB  HB3  sing N N 264 
SER OG  HG   sing N N 265 
SER OXT HXT  sing N N 266 
THR N   CA   sing N N 267 
THR N   H    sing N N 268 
THR N   H2   sing N N 269 
THR CA  C    sing N N 270 
THR CA  CB   sing N N 271 
THR CA  HA   sing N N 272 
THR C   O    doub N N 273 
THR C   OXT  sing N N 274 
THR CB  OG1  sing N N 275 
THR CB  CG2  sing N N 276 
THR CB  HB   sing N N 277 
THR OG1 HG1  sing N N 278 
THR CG2 HG21 sing N N 279 
THR CG2 HG22 sing N N 280 
THR CG2 HG23 sing N N 281 
THR OXT HXT  sing N N 282 
TRP N   CA   sing N N 283 
TRP N   H    sing N N 284 
TRP N   H2   sing N N 285 
TRP CA  C    sing N N 286 
TRP CA  CB   sing N N 287 
TRP CA  HA   sing N N 288 
TRP C   O    doub N N 289 
TRP C   OXT  sing N N 290 
TRP CB  CG   sing N N 291 
TRP CB  HB2  sing N N 292 
TRP CB  HB3  sing N N 293 
TRP CG  CD1  doub Y N 294 
TRP CG  CD2  sing Y N 295 
TRP CD1 NE1  sing Y N 296 
TRP CD1 HD1  sing N N 297 
TRP CD2 CE2  doub Y N 298 
TRP CD2 CE3  sing Y N 299 
TRP NE1 CE2  sing Y N 300 
TRP NE1 HE1  sing N N 301 
TRP CE2 CZ2  sing Y N 302 
TRP CE3 CZ3  doub Y N 303 
TRP CE3 HE3  sing N N 304 
TRP CZ2 CH2  doub Y N 305 
TRP CZ2 HZ2  sing N N 306 
TRP CZ3 CH2  sing Y N 307 
TRP CZ3 HZ3  sing N N 308 
TRP CH2 HH2  sing N N 309 
TRP OXT HXT  sing N N 310 
TYR N   CA   sing N N 311 
TYR N   H    sing N N 312 
TYR N   H2   sing N N 313 
TYR CA  C    sing N N 314 
TYR CA  CB   sing N N 315 
TYR CA  HA   sing N N 316 
TYR C   O    doub N N 317 
TYR C   OXT  sing N N 318 
TYR CB  CG   sing N N 319 
TYR CB  HB2  sing N N 320 
TYR CB  HB3  sing N N 321 
TYR CG  CD1  doub Y N 322 
TYR CG  CD2  sing Y N 323 
TYR CD1 CE1  sing Y N 324 
TYR CD1 HD1  sing N N 325 
TYR CD2 CE2  doub Y N 326 
TYR CD2 HD2  sing N N 327 
TYR CE1 CZ   doub Y N 328 
TYR CE1 HE1  sing N N 329 
TYR CE2 CZ   sing Y N 330 
TYR CE2 HE2  sing N N 331 
TYR CZ  OH   sing N N 332 
TYR OH  HH   sing N N 333 
TYR OXT HXT  sing N N 334 
VAL N   CA   sing N N 335 
VAL N   H    sing N N 336 
VAL N   H2   sing N N 337 
VAL CA  C    sing N N 338 
VAL CA  CB   sing N N 339 
VAL CA  HA   sing N N 340 
VAL C   O    doub N N 341 
VAL C   OXT  sing N N 342 
VAL CB  CG1  sing N N 343 
VAL CB  CG2  sing N N 344 
VAL CB  HB   sing N N 345 
VAL CG1 HG11 sing N N 346 
VAL CG1 HG12 sing N N 347 
VAL CG1 HG13 sing N N 348 
VAL CG2 HG21 sing N N 349 
VAL CG2 HG22 sing N N 350 
VAL CG2 HG23 sing N N 351 
VAL OXT HXT  sing N N 352 
# 
_pdbx_initial_refinement_model.id               1 
_pdbx_initial_refinement_model.entity_id_list   ? 
_pdbx_initial_refinement_model.type             'experimental model' 
_pdbx_initial_refinement_model.source_name      PDB 
_pdbx_initial_refinement_model.accession_code   2DM9 
_pdbx_initial_refinement_model.details          'PDB ENTRY 2DM9' 
# 
